data_4WYA
#
_entry.id   4WYA
#
_cell.length_a   62.647
_cell.length_b   65.672
_cell.length_c   201.336
_cell.angle_alpha   90.000
_cell.angle_beta   90.290
_cell.angle_gamma   90.000
#
_symmetry.space_group_name_H-M   'P 1 21 1'
#
loop_
_entity.id
_entity.type
_entity.pdbx_description
1 polymer 'Adenosylmethionine-8-amino-7-oxononanoate aminotransferase'
2 non-polymer "PYRIDOXAL-5'-PHOSPHATE"
3 non-polymer 5-(pyridin-2-yl)thiophene-2-carboxamide
4 water water
#
_entity_poly.entity_id   1
_entity_poly.type   'polypeptide(L)'
_entity_poly.pdbx_seq_one_letter_code
;MGSSHHHHHHSSGLVPRGSHMAAATGGLTPEQIIAVDGAHLWHPYSSIGREAVSPVVAVAAHGAWLTLIRDGQPIEVLDA
MSSWWTAIHGHGHPALDQALTTQLRVMNHVMFGGLTHEPAARLAKLLVDITPAGLDTVFFSDSGSVSVEVAAKMALQYWR
GRGLPGKRRLMTWRGGYHGDTFLAMSICDPHGGMHSLWTDVLAAQVFAPQVPRDYDPAYSAAFEAQLAQHAGELAAVVVE
PVVQGAGGMRFHDPRYLHDLRDICRRYEVLLIFDEIATGFGRTGALFAADHAGVSPDIMCVGKALTGGYLSLAATLCTAD
VAHTISAGAAGALMHGPTFMANPLACAVSVASVELLLGQDWRTRITELAAGLTAGLDTARALPAVTDVRVCGAIGVIECD
RPVDLAVATPAALDRGVWLRPFRNLVYAMPPYICTPAEITQITSAMVEVARLVGSLP
;
_entity_poly.pdbx_strand_id   A,B,C,D
#
# COMPACT_ATOMS: atom_id res chain seq x y z
N GLY A 27 -18.04 10.30 -1.73
CA GLY A 27 -16.97 10.82 -2.55
C GLY A 27 -17.41 12.06 -3.31
N LEU A 28 -17.68 11.91 -4.61
CA LEU A 28 -18.30 12.99 -5.40
C LEU A 28 -18.67 12.57 -6.84
N THR A 29 -19.98 12.52 -7.10
CA THR A 29 -20.55 12.21 -8.42
C THR A 29 -20.42 13.34 -9.45
N PRO A 30 -20.40 12.98 -10.75
CA PRO A 30 -20.43 14.00 -11.81
C PRO A 30 -21.44 15.14 -11.57
N GLU A 31 -22.65 14.83 -11.15
CA GLU A 31 -23.65 15.90 -11.06
C GLU A 31 -23.37 16.80 -9.86
N GLN A 32 -22.79 16.25 -8.80
CA GLN A 32 -22.30 17.09 -7.70
C GLN A 32 -21.16 17.98 -8.19
N ILE A 33 -20.20 17.35 -8.87
CA ILE A 33 -19.09 18.04 -9.48
C ILE A 33 -19.58 19.20 -10.34
N ILE A 34 -20.61 18.95 -11.13
CA ILE A 34 -21.21 19.99 -11.98
C ILE A 34 -21.95 21.04 -11.12
N ALA A 35 -22.77 20.59 -10.20
CA ALA A 35 -23.41 21.45 -9.22
C ALA A 35 -22.40 22.40 -8.57
N VAL A 36 -21.40 21.85 -7.90
CA VAL A 36 -20.33 22.67 -7.29
C VAL A 36 -19.59 23.57 -8.30
N ASP A 37 -19.20 23.00 -9.43
CA ASP A 37 -18.56 23.75 -10.50
C ASP A 37 -19.37 24.97 -10.95
N GLY A 38 -20.68 24.80 -11.09
CA GLY A 38 -21.54 25.88 -11.59
C GLY A 38 -21.48 27.11 -10.69
N ALA A 39 -21.64 26.89 -9.39
CA ALA A 39 -21.62 27.94 -8.38
C ALA A 39 -20.22 28.46 -8.01
N HIS A 40 -19.24 27.58 -7.95
CA HIS A 40 -18.01 27.93 -7.25
C HIS A 40 -16.71 28.01 -8.05
N LEU A 41 -16.74 27.63 -9.34
CA LEU A 41 -15.51 27.51 -10.12
C LEU A 41 -15.38 28.53 -11.23
N TRP A 42 -14.19 29.12 -11.35
CA TRP A 42 -13.82 29.88 -12.55
C TRP A 42 -13.22 28.95 -13.57
N HIS A 43 -13.40 29.27 -14.84
CA HIS A 43 -12.76 28.46 -15.87
C HIS A 43 -11.93 29.39 -16.75
N PRO A 44 -11.15 28.83 -17.69
CA PRO A 44 -10.36 29.74 -18.54
C PRO A 44 -11.22 30.77 -19.26
N TYR A 45 -11.03 32.05 -18.95
CA TYR A 45 -11.69 33.17 -19.66
C TYR A 45 -13.19 33.01 -19.63
N SER A 46 -13.67 32.29 -18.62
CA SER A 46 -15.07 31.93 -18.51
C SER A 46 -15.79 32.86 -17.55
N SER A 47 -17.00 32.47 -17.17
CA SER A 47 -17.78 33.26 -16.22
C SER A 47 -18.21 32.42 -15.05
N ILE A 48 -18.80 33.08 -14.06
CA ILE A 48 -19.59 32.38 -13.05
C ILE A 48 -21.05 32.70 -13.29
N GLY A 49 -21.80 31.70 -13.74
CA GLY A 49 -23.24 31.86 -13.87
C GLY A 49 -23.77 31.66 -15.27
N ARG A 50 -22.94 31.93 -16.27
CA ARG A 50 -23.43 31.82 -17.64
C ARG A 50 -22.73 30.67 -18.34
N GLU A 51 -23.52 29.74 -18.84
CA GLU A 51 -22.95 28.60 -19.53
C GLU A 51 -22.54 29.12 -20.95
N ALA A 52 -23.30 29.04 -22.06
CA ALA A 52 -24.54 28.30 -22.31
C ALA A 52 -24.16 26.86 -22.67
N VAL A 53 -22.92 26.51 -22.33
CA VAL A 53 -22.43 25.14 -22.37
C VAL A 53 -21.89 24.76 -21.00
N SER A 54 -22.57 23.82 -20.35
CA SER A 54 -22.08 23.23 -19.10
C SER A 54 -20.84 22.37 -19.32
N PRO A 55 -19.76 22.63 -18.57
CA PRO A 55 -18.50 21.91 -18.66
C PRO A 55 -18.71 20.42 -18.55
N VAL A 56 -17.98 19.65 -19.36
CA VAL A 56 -18.12 18.20 -19.34
C VAL A 56 -17.16 17.56 -18.34
N VAL A 57 -17.70 16.71 -17.47
CA VAL A 57 -16.91 16.05 -16.43
C VAL A 57 -15.87 15.06 -16.99
N ALA A 58 -14.64 15.20 -16.50
CA ALA A 58 -13.57 14.28 -16.84
C ALA A 58 -13.26 13.46 -15.62
N VAL A 59 -13.01 12.16 -15.83
CA VAL A 59 -12.78 11.16 -14.78
C VAL A 59 -13.01 9.77 -15.43
N ALA A 60 -11.94 9.13 -15.90
CA ALA A 60 -10.54 9.50 -15.74
C ALA A 60 -9.93 10.32 -16.90
N ALA A 61 -8.84 9.78 -17.47
CA ALA A 61 -8.10 10.35 -18.59
C ALA A 61 -6.75 9.64 -18.70
N HIS A 62 -6.45 9.03 -19.85
CA HIS A 62 -5.17 8.31 -19.99
C HIS A 62 -4.88 7.80 -21.40
N GLY A 63 -3.62 7.44 -21.63
CA GLY A 63 -3.16 7.17 -22.97
C GLY A 63 -3.41 8.44 -23.78
N ALA A 64 -3.90 8.28 -24.99
CA ALA A 64 -4.26 9.43 -25.81
C ALA A 64 -5.74 9.76 -25.62
N TRP A 65 -6.33 9.13 -24.61
CA TRP A 65 -7.78 9.18 -24.41
C TRP A 65 -8.23 9.76 -23.05
N LEU A 66 -9.31 10.54 -23.07
CA LEU A 66 -9.90 11.01 -21.82
C LEU A 66 -11.28 10.38 -21.65
N THR A 67 -11.57 9.89 -20.46
CA THR A 67 -12.89 9.36 -20.21
C THR A 67 -13.78 10.51 -19.68
N LEU A 68 -14.81 10.81 -20.45
CA LEU A 68 -15.67 11.95 -20.17
C LEU A 68 -17.07 11.51 -19.79
N ILE A 69 -17.73 12.27 -18.91
CA ILE A 69 -19.13 12.02 -18.56
C ILE A 69 -20.03 13.12 -19.12
N ARG A 70 -20.97 12.77 -20.00
CA ARG A 70 -21.89 13.79 -20.51
C ARG A 70 -23.35 13.32 -20.68
N ASP A 71 -23.59 12.03 -20.89
CA ASP A 71 -24.96 11.57 -20.81
C ASP A 71 -25.22 10.95 -19.43
N GLY A 72 -24.35 11.26 -18.48
CA GLY A 72 -24.35 10.57 -17.21
C GLY A 72 -23.68 9.23 -17.43
N GLN A 73 -22.89 9.15 -18.49
CA GLN A 73 -22.22 7.90 -18.84
C GLN A 73 -20.79 8.14 -19.32
N PRO A 74 -19.87 7.29 -18.84
CA PRO A 74 -18.45 7.21 -19.17
C PRO A 74 -18.19 6.80 -20.63
N ILE A 75 -17.76 7.74 -21.47
CA ILE A 75 -17.27 7.41 -22.81
C ILE A 75 -15.87 8.00 -23.07
N GLU A 76 -15.00 7.17 -23.62
CA GLU A 76 -13.65 7.58 -23.90
C GLU A 76 -13.59 8.35 -25.20
N VAL A 77 -12.82 9.43 -25.22
CA VAL A 77 -12.61 10.18 -26.46
C VAL A 77 -11.13 10.54 -26.62
N LEU A 78 -10.68 10.66 -27.87
CA LEU A 78 -9.30 11.08 -28.15
C LEU A 78 -9.06 12.53 -27.73
N ASP A 79 -7.98 12.73 -26.98
CA ASP A 79 -7.44 14.05 -26.67
C ASP A 79 -6.14 14.16 -27.44
N ALA A 80 -5.99 15.01 -28.46
CA ALA A 80 -6.95 15.94 -29.06
C ALA A 80 -7.61 16.87 -28.06
N MET A 81 -6.96 17.99 -27.75
CA MET A 81 -5.69 18.38 -28.31
C MET A 81 -4.54 17.62 -27.67
N SER A 82 -3.92 18.26 -26.70
CA SER A 82 -3.03 17.58 -25.78
C SER A 82 -3.36 18.22 -24.45
N SER A 83 -4.65 18.33 -24.17
CA SER A 83 -5.12 19.14 -23.06
C SER A 83 -4.33 20.44 -23.12
N TRP A 84 -4.40 21.09 -24.27
CA TRP A 84 -3.73 22.35 -24.54
C TRP A 84 -2.20 22.21 -24.52
N TRP A 85 -1.69 21.48 -25.52
CA TRP A 85 -0.25 21.29 -25.75
C TRP A 85 0.49 20.57 -24.63
N THR A 86 -0.22 20.22 -23.56
CA THR A 86 0.42 19.61 -22.40
C THR A 86 0.86 18.15 -22.62
N ALA A 87 -0.02 17.30 -23.18
CA ALA A 87 0.15 15.84 -23.02
C ALA A 87 0.79 15.13 -24.23
N ILE A 88 2.04 15.49 -24.52
CA ILE A 88 2.71 15.07 -25.75
C ILE A 88 3.07 13.59 -25.75
N HIS A 89 3.10 12.95 -24.59
CA HIS A 89 3.45 11.53 -24.54
C HIS A 89 2.27 10.70 -24.06
N GLY A 90 1.10 11.31 -23.99
CA GLY A 90 -0.07 10.66 -23.46
C GLY A 90 -0.21 10.91 -21.97
N HIS A 91 -1.39 10.62 -21.43
CA HIS A 91 -1.53 10.65 -19.99
C HIS A 91 -1.20 9.27 -19.45
N GLY A 92 -0.86 9.21 -18.17
CA GLY A 92 -0.55 7.96 -17.52
C GLY A 92 0.48 7.10 -18.24
N HIS A 93 1.40 7.76 -18.93
CA HIS A 93 2.52 7.06 -19.57
C HIS A 93 3.43 6.47 -18.49
N PRO A 94 3.71 5.16 -18.59
CA PRO A 94 4.41 4.38 -17.55
C PRO A 94 5.75 4.98 -17.10
N ALA A 95 6.54 5.40 -18.08
CA ALA A 95 7.86 5.97 -17.81
C ALA A 95 7.74 7.24 -16.99
N LEU A 96 6.72 8.02 -17.29
CA LEU A 96 6.58 9.34 -16.70
C LEU A 96 5.88 9.19 -15.35
N ASP A 97 4.97 8.22 -15.23
CA ASP A 97 4.36 7.92 -13.92
C ASP A 97 5.39 7.37 -12.93
N GLN A 98 6.40 6.68 -13.44
CA GLN A 98 7.41 6.04 -12.61
C GLN A 98 8.45 7.02 -12.11
N ALA A 99 8.76 8.04 -12.91
CA ALA A 99 9.76 9.03 -12.53
C ALA A 99 9.25 9.92 -11.42
N LEU A 100 7.94 10.11 -11.42
CA LEU A 100 7.24 10.86 -10.39
C LEU A 100 7.15 9.99 -9.15
N THR A 101 6.81 8.72 -9.38
CA THR A 101 6.75 7.73 -8.32
C THR A 101 8.05 7.67 -7.58
N THR A 102 9.13 7.67 -8.34
CA THR A 102 10.46 7.58 -7.79
C THR A 102 10.77 8.79 -6.93
N GLN A 103 10.67 9.99 -7.52
CA GLN A 103 11.13 11.18 -6.82
C GLN A 103 10.29 11.43 -5.57
N LEU A 104 8.98 11.33 -5.70
CA LEU A 104 8.08 11.47 -4.56
C LEU A 104 8.59 10.71 -3.32
N ARG A 105 9.14 9.52 -3.54
CA ARG A 105 9.54 8.65 -2.45
C ARG A 105 10.74 9.14 -1.67
N VAL A 106 11.67 9.81 -2.34
CA VAL A 106 12.86 10.24 -1.61
C VAL A 106 12.88 11.74 -1.30
N MET A 107 12.23 12.55 -2.15
CA MET A 107 12.22 14.01 -1.93
C MET A 107 11.14 14.70 -2.74
N ASN A 108 10.12 15.24 -2.10
CA ASN A 108 9.05 15.88 -2.88
C ASN A 108 9.40 17.31 -3.29
N HIS A 109 9.98 18.07 -2.36
CA HIS A 109 10.35 19.45 -2.65
C HIS A 109 11.25 20.04 -1.58
N VAL A 110 12.18 20.89 -2.01
CA VAL A 110 12.93 21.74 -1.08
C VAL A 110 12.97 23.13 -1.63
N MET A 111 13.26 24.07 -0.75
CA MET A 111 13.43 25.46 -1.14
C MET A 111 14.76 25.61 -1.89
N PHE A 112 14.74 26.28 -3.05
CA PHE A 112 15.91 26.40 -3.94
C PHE A 112 16.75 27.63 -3.56
N GLY A 113 16.26 28.39 -2.58
CA GLY A 113 17.07 29.42 -1.94
C GLY A 113 18.07 28.73 -1.04
N GLY A 114 19.34 28.70 -1.45
CA GLY A 114 20.41 28.07 -0.68
C GLY A 114 20.58 26.57 -0.85
N LEU A 115 19.71 25.95 -1.64
CA LEU A 115 19.77 24.50 -1.83
C LEU A 115 19.70 24.14 -3.31
N THR A 116 20.35 23.04 -3.69
CA THR A 116 20.21 22.54 -5.03
C THR A 116 19.91 21.06 -4.91
N HIS A 117 19.31 20.50 -5.95
CA HIS A 117 19.01 19.07 -5.94
C HIS A 117 19.31 18.44 -7.28
N GLU A 118 19.31 17.11 -7.30
CA GLU A 118 19.58 16.34 -8.51
C GLU A 118 18.60 16.63 -9.66
N PRO A 119 17.28 16.61 -9.40
CA PRO A 119 16.33 16.85 -10.50
C PRO A 119 16.60 18.14 -11.25
N ALA A 120 16.76 19.21 -10.50
CA ALA A 120 17.06 20.51 -11.08
C ALA A 120 18.27 20.41 -11.98
N ALA A 121 19.36 19.87 -11.44
CA ALA A 121 20.62 19.81 -12.16
C ALA A 121 20.46 18.98 -13.43
N ARG A 122 19.91 17.78 -13.28
CA ARG A 122 19.73 16.90 -14.43
C ARG A 122 18.89 17.55 -15.53
N LEU A 123 17.86 18.30 -15.14
CA LEU A 123 17.01 18.98 -16.12
C LEU A 123 17.70 20.19 -16.76
N ALA A 124 18.38 20.99 -15.93
CA ALA A 124 19.11 22.15 -16.43
C ALA A 124 20.14 21.73 -17.50
N LYS A 125 20.94 20.73 -17.16
CA LYS A 125 21.87 20.09 -18.10
C LYS A 125 21.20 19.66 -19.39
N LEU A 126 20.00 19.09 -19.28
CA LEU A 126 19.27 18.61 -20.44
C LEU A 126 18.74 19.78 -21.23
N LEU A 127 18.11 20.73 -20.55
CA LEU A 127 17.62 21.86 -21.31
C LEU A 127 18.73 22.70 -21.96
N VAL A 128 19.84 22.90 -21.26
CA VAL A 128 20.93 23.71 -21.80
C VAL A 128 21.53 23.09 -23.07
N ASP A 129 21.51 21.76 -23.14
CA ASP A 129 22.14 21.01 -24.23
C ASP A 129 21.23 20.82 -25.48
N ILE A 130 19.91 20.73 -25.27
CA ILE A 130 18.99 20.54 -26.39
C ILE A 130 18.48 21.85 -27.00
N THR A 131 18.55 22.94 -26.25
CA THR A 131 18.05 24.22 -26.74
C THR A 131 18.99 24.80 -27.81
N PRO A 132 18.51 25.76 -28.62
CA PRO A 132 19.40 26.43 -29.58
C PRO A 132 20.71 26.90 -28.94
N ALA A 133 21.79 26.74 -29.69
CA ALA A 133 23.13 26.91 -29.16
C ALA A 133 23.33 28.29 -28.54
N GLY A 134 23.97 28.32 -27.37
CA GLY A 134 24.25 29.59 -26.71
C GLY A 134 23.37 29.86 -25.51
N LEU A 135 22.23 29.19 -25.43
CA LEU A 135 21.36 29.37 -24.28
C LEU A 135 21.85 28.48 -23.15
N ASP A 136 22.54 29.10 -22.19
CA ASP A 136 23.41 28.36 -21.27
C ASP A 136 23.00 28.33 -19.81
N THR A 137 21.96 29.05 -19.43
CA THR A 137 21.50 29.06 -18.04
C THR A 137 20.00 28.96 -18.01
N VAL A 138 19.49 28.35 -16.95
CA VAL A 138 18.06 28.07 -16.79
C VAL A 138 17.48 28.65 -15.49
N PHE A 139 16.45 29.47 -15.62
CA PHE A 139 15.70 29.97 -14.46
C PHE A 139 14.34 29.32 -14.42
N PHE A 140 14.16 28.34 -13.54
CA PHE A 140 12.86 27.69 -13.42
C PHE A 140 11.79 28.55 -12.76
N SER A 141 10.56 28.42 -13.26
CA SER A 141 9.40 29.04 -12.65
C SER A 141 8.23 28.07 -12.73
N ASP A 142 7.02 28.59 -12.52
CA ASP A 142 5.83 27.75 -12.29
C ASP A 142 4.85 27.67 -13.46
N SER A 143 5.01 28.57 -14.44
CA SER A 143 4.09 28.60 -15.58
C SER A 143 4.63 29.48 -16.72
N GLY A 144 3.95 29.38 -17.86
CA GLY A 144 4.40 30.07 -19.06
C GLY A 144 4.43 31.56 -18.84
N SER A 145 3.37 32.09 -18.24
CA SER A 145 3.24 33.51 -17.98
C SER A 145 4.42 34.04 -17.12
N VAL A 146 4.70 33.40 -16.00
CA VAL A 146 5.84 33.81 -15.15
C VAL A 146 7.17 33.78 -15.93
N SER A 147 7.38 32.73 -16.72
CA SER A 147 8.64 32.58 -17.46
C SER A 147 8.81 33.73 -18.48
N VAL A 148 7.69 34.18 -19.02
CA VAL A 148 7.68 35.33 -19.90
C VAL A 148 8.14 36.59 -19.15
N GLU A 149 7.51 36.89 -18.02
CA GLU A 149 7.83 38.07 -17.22
C GLU A 149 9.28 38.06 -16.72
N VAL A 150 9.72 36.85 -16.38
CA VAL A 150 11.09 36.59 -16.03
C VAL A 150 12.01 36.92 -17.21
N ALA A 151 11.55 36.59 -18.41
CA ALA A 151 12.34 36.84 -19.61
C ALA A 151 12.52 38.34 -19.82
N ALA A 152 11.45 39.11 -19.62
CA ALA A 152 11.52 40.56 -19.75
C ALA A 152 12.37 41.17 -18.66
N LYS A 153 12.32 40.57 -17.48
CA LYS A 153 13.12 41.06 -16.40
C LYS A 153 14.59 40.93 -16.77
N MET A 154 14.89 39.87 -17.52
CA MET A 154 16.25 39.60 -17.97
C MET A 154 16.73 40.60 -18.99
N ALA A 155 15.83 40.97 -19.89
CA ALA A 155 16.12 41.99 -20.87
C ALA A 155 16.34 43.34 -20.21
N LEU A 156 15.36 43.78 -19.42
CA LEU A 156 15.43 45.11 -18.82
C LEU A 156 16.55 45.25 -17.80
N GLN A 157 16.83 44.20 -17.03
CA GLN A 157 17.98 44.22 -16.13
C GLN A 157 19.26 44.13 -16.96
N TYR A 158 19.20 43.44 -18.10
CA TYR A 158 20.33 43.39 -19.01
C TYR A 158 20.77 44.78 -19.45
N TRP A 159 19.85 45.61 -19.97
CA TRP A 159 20.30 46.88 -20.52
C TRP A 159 20.67 47.90 -19.44
N ARG A 160 20.18 47.72 -18.23
CA ARG A 160 20.57 48.63 -17.16
C ARG A 160 22.02 48.37 -16.74
N GLY A 161 22.47 47.14 -16.92
CA GLY A 161 23.84 46.76 -16.58
C GLY A 161 24.80 47.17 -17.68
N ARG A 162 24.23 47.55 -18.83
CA ARG A 162 24.97 48.12 -19.95
C ARG A 162 24.79 49.62 -19.84
N GLY A 163 24.17 50.04 -18.74
CA GLY A 163 23.88 51.44 -18.48
C GLY A 163 23.06 52.10 -19.58
N LEU A 164 22.05 51.37 -20.08
CA LEU A 164 21.16 51.88 -21.10
C LEU A 164 19.72 51.61 -20.69
N PRO A 165 19.28 52.29 -19.62
CA PRO A 165 18.04 52.07 -18.88
C PRO A 165 16.81 52.53 -19.61
N GLY A 166 16.99 53.32 -20.66
CA GLY A 166 15.87 53.76 -21.46
C GLY A 166 15.29 52.59 -22.25
N LYS A 167 16.12 51.59 -22.51
CA LYS A 167 15.71 50.37 -23.21
C LYS A 167 14.84 49.54 -22.31
N ARG A 168 13.54 49.76 -22.41
CA ARG A 168 12.62 49.17 -21.46
C ARG A 168 11.22 48.97 -22.02
N ARG A 169 11.09 48.98 -23.35
CA ARG A 169 9.87 48.53 -23.97
C ARG A 169 10.14 47.25 -24.72
N LEU A 170 9.10 46.75 -25.36
CA LEU A 170 9.15 45.49 -26.09
C LEU A 170 8.58 45.70 -27.46
N MET A 171 9.04 44.92 -28.44
CA MET A 171 8.50 44.98 -29.78
C MET A 171 8.06 43.60 -30.27
N THR A 172 6.87 43.54 -30.87
CA THR A 172 6.34 42.26 -31.31
C THR A 172 5.37 42.31 -32.46
N TRP A 173 5.19 41.13 -33.03
CA TRP A 173 4.15 40.80 -34.00
C TRP A 173 2.76 41.04 -33.46
N ARG A 174 1.84 41.38 -34.35
CA ARG A 174 0.43 41.19 -34.07
C ARG A 174 0.15 39.70 -34.27
N GLY A 175 -0.97 39.22 -33.71
CA GLY A 175 -1.32 37.81 -33.73
C GLY A 175 -0.85 37.01 -32.51
N GLY A 176 0.12 37.58 -31.78
CA GLY A 176 0.81 36.89 -30.71
C GLY A 176 0.08 36.67 -29.40
N TYR A 177 0.57 35.68 -28.64
CA TYR A 177 0.09 35.44 -27.28
C TYR A 177 1.25 35.04 -26.37
N HIS A 178 1.34 35.68 -25.20
CA HIS A 178 2.45 35.39 -24.28
C HIS A 178 2.08 35.26 -22.79
N GLY A 179 0.80 35.02 -22.50
CA GLY A 179 0.38 34.77 -21.12
C GLY A 179 -0.57 35.82 -20.60
N ASP A 180 -1.08 35.61 -19.38
CA ASP A 180 -2.21 36.39 -18.85
C ASP A 180 -1.88 37.39 -17.76
N THR A 181 -0.68 37.32 -17.20
CA THR A 181 -0.23 38.36 -16.27
C THR A 181 0.00 39.65 -17.07
N PHE A 182 -0.13 40.77 -16.39
CA PHE A 182 -0.26 42.07 -17.07
C PHE A 182 0.95 42.50 -17.88
N LEU A 183 2.14 42.02 -17.55
CA LEU A 183 3.29 42.35 -18.40
C LEU A 183 3.19 41.57 -19.70
N ALA A 184 2.96 40.27 -19.58
CA ALA A 184 2.70 39.38 -20.70
C ALA A 184 1.52 39.83 -21.56
N MET A 185 0.53 40.46 -20.94
CA MET A 185 -0.66 40.90 -21.69
C MET A 185 -0.32 42.09 -22.59
N SER A 186 0.73 42.82 -22.23
CA SER A 186 1.08 44.04 -22.94
C SER A 186 1.71 43.77 -24.31
N ILE A 187 2.19 42.54 -24.53
CA ILE A 187 2.65 42.15 -25.87
C ILE A 187 1.74 41.14 -26.57
N CYS A 188 0.52 40.93 -26.05
CA CYS A 188 -0.46 40.05 -26.69
C CYS A 188 -1.19 40.76 -27.81
N ASP A 189 -1.69 40.00 -28.80
CA ASP A 189 -2.38 40.64 -29.90
C ASP A 189 -3.51 41.47 -29.37
N PRO A 190 -3.41 42.79 -29.56
CA PRO A 190 -4.42 43.72 -29.09
C PRO A 190 -5.76 43.46 -29.74
N HIS A 191 -6.43 42.35 -29.42
CA HIS A 191 -7.79 42.07 -29.90
C HIS A 191 -8.51 41.00 -29.08
N GLY A 192 -7.74 40.15 -28.40
CA GLY A 192 -8.34 39.07 -27.63
C GLY A 192 -7.29 38.20 -26.97
N GLY A 193 -7.57 36.89 -26.88
CA GLY A 193 -6.66 35.93 -26.31
C GLY A 193 -7.28 35.03 -25.24
N THR A 199 -8.73 46.67 -22.24
CA THR A 199 -8.86 47.95 -21.58
C THR A 199 -7.49 48.56 -21.19
N ASP A 200 -7.22 49.77 -21.68
CA ASP A 200 -5.87 50.38 -21.70
C ASP A 200 -5.26 50.81 -20.35
N VAL A 201 -4.77 49.84 -19.58
CA VAL A 201 -3.97 50.10 -18.38
C VAL A 201 -2.67 49.30 -18.42
N LEU A 202 -2.40 48.69 -19.56
CA LEU A 202 -1.19 47.90 -19.79
C LEU A 202 -0.02 48.78 -20.24
N ALA A 203 1.17 48.18 -20.38
CA ALA A 203 2.31 48.91 -20.92
C ALA A 203 2.11 49.11 -22.42
N ALA A 204 2.32 50.33 -22.91
CA ALA A 204 2.30 50.59 -24.35
C ALA A 204 3.57 50.05 -24.98
N GLN A 205 3.39 49.08 -25.85
CA GLN A 205 4.51 48.39 -26.45
C GLN A 205 4.44 48.63 -27.95
N VAL A 206 5.51 48.28 -28.66
CA VAL A 206 5.57 48.54 -30.10
C VAL A 206 5.04 47.35 -30.91
N PHE A 207 3.89 47.55 -31.54
CA PHE A 207 3.28 46.53 -32.39
C PHE A 207 3.53 46.77 -33.89
N ALA A 208 4.20 45.79 -34.50
CA ALA A 208 4.36 45.72 -35.95
C ALA A 208 3.11 45.07 -36.53
N PRO A 209 2.97 45.09 -37.86
CA PRO A 209 1.80 44.36 -38.35
C PRO A 209 2.00 42.84 -38.33
N GLN A 210 0.89 42.10 -38.39
CA GLN A 210 0.87 40.63 -38.45
C GLN A 210 1.92 39.98 -39.38
N VAL A 211 2.68 39.02 -38.85
CA VAL A 211 3.65 38.32 -39.67
C VAL A 211 2.89 37.43 -40.64
N PRO A 212 3.12 37.63 -41.94
CA PRO A 212 2.34 36.96 -42.97
C PRO A 212 2.81 35.52 -43.13
N ARG A 213 2.05 34.69 -43.83
CA ARG A 213 2.33 33.25 -43.85
C ARG A 213 3.57 32.99 -44.67
N ASP A 214 3.56 33.45 -45.92
CA ASP A 214 4.67 33.23 -46.82
C ASP A 214 5.71 34.32 -46.69
N TYR A 215 6.94 33.95 -47.01
CA TYR A 215 8.06 34.87 -46.88
C TYR A 215 7.94 36.09 -47.78
N ASP A 216 7.93 37.25 -47.14
CA ASP A 216 8.00 38.51 -47.85
C ASP A 216 9.15 39.35 -47.30
N PRO A 217 10.17 39.59 -48.13
CA PRO A 217 11.31 40.42 -47.73
C PRO A 217 10.84 41.79 -47.28
N ALA A 218 9.80 42.29 -47.94
CA ALA A 218 9.25 43.62 -47.66
C ALA A 218 8.72 43.75 -46.23
N TYR A 219 8.10 42.69 -45.72
CA TYR A 219 7.56 42.73 -44.36
C TYR A 219 8.68 42.91 -43.35
N SER A 220 9.74 42.10 -43.48
CA SER A 220 10.91 42.16 -42.61
C SER A 220 11.58 43.52 -42.58
N ALA A 221 11.74 44.14 -43.75
CA ALA A 221 12.39 45.43 -43.83
C ALA A 221 11.54 46.49 -43.14
N ALA A 222 10.21 46.40 -43.34
CA ALA A 222 9.29 47.37 -42.75
C ALA A 222 9.27 47.21 -41.23
N PHE A 223 9.52 45.99 -40.78
CA PHE A 223 9.70 45.70 -39.37
C PHE A 223 10.99 46.39 -38.89
N GLU A 224 12.05 46.32 -39.69
CA GLU A 224 13.31 46.91 -39.28
C GLU A 224 13.22 48.45 -39.17
N ALA A 225 12.65 49.07 -40.20
CA ALA A 225 12.46 50.51 -40.25
C ALA A 225 11.72 51.01 -39.02
N GLN A 226 10.75 50.23 -38.58
CA GLN A 226 9.98 50.58 -37.40
C GLN A 226 10.78 50.38 -36.13
N LEU A 227 11.36 49.19 -35.99
CA LEU A 227 12.18 48.87 -34.83
C LEU A 227 13.21 49.95 -34.67
N ALA A 228 13.75 50.38 -35.80
CA ALA A 228 14.81 51.38 -35.85
C ALA A 228 14.50 52.57 -34.97
N GLN A 229 13.36 53.19 -35.23
CA GLN A 229 13.03 54.46 -34.61
C GLN A 229 12.72 54.36 -33.13
N HIS A 230 12.42 53.15 -32.64
CA HIS A 230 12.23 52.95 -31.19
C HIS A 230 13.31 52.11 -30.54
N ALA A 231 14.37 51.79 -31.27
CA ALA A 231 15.39 50.82 -30.82
C ALA A 231 16.18 51.28 -29.59
N GLY A 232 16.44 52.58 -29.50
CA GLY A 232 17.15 53.14 -28.37
C GLY A 232 16.30 53.14 -27.10
N GLU A 233 15.07 52.67 -27.22
CA GLU A 233 14.19 52.55 -26.06
C GLU A 233 13.56 51.13 -26.02
N LEU A 234 13.98 50.28 -26.94
CA LEU A 234 13.58 48.88 -26.94
C LEU A 234 14.61 48.00 -26.26
N ALA A 235 14.16 47.28 -25.24
CA ALA A 235 14.99 46.30 -24.57
C ALA A 235 15.04 44.95 -25.31
N ALA A 236 14.02 44.67 -26.11
CA ALA A 236 13.79 43.31 -26.57
C ALA A 236 12.65 43.14 -27.58
N VAL A 237 12.89 42.33 -28.62
CA VAL A 237 11.83 41.80 -29.48
C VAL A 237 11.31 40.50 -28.88
N VAL A 238 10.01 40.29 -28.88
CA VAL A 238 9.44 39.09 -28.30
C VAL A 238 8.40 38.51 -29.22
N VAL A 239 8.56 37.23 -29.55
CA VAL A 239 7.70 36.53 -30.52
C VAL A 239 7.61 35.02 -30.28
N GLU A 240 6.58 34.39 -30.86
CA GLU A 240 6.53 32.92 -30.95
C GLU A 240 7.11 32.49 -32.31
N PRO A 241 8.23 31.74 -32.29
CA PRO A 241 8.88 31.26 -33.51
C PRO A 241 8.00 30.33 -34.31
N VAL A 242 7.90 30.64 -35.60
CA VAL A 242 7.17 29.88 -36.62
C VAL A 242 5.65 29.74 -36.35
N VAL A 243 5.28 29.25 -35.17
CA VAL A 243 3.86 29.05 -34.89
C VAL A 243 3.32 30.01 -33.84
N GLN A 244 2.30 30.75 -34.22
CA GLN A 244 1.57 31.56 -33.25
C GLN A 244 0.42 30.74 -32.69
N GLY A 245 0.54 30.32 -31.44
CA GLY A 245 -0.44 29.43 -30.83
C GLY A 245 -1.81 30.01 -30.59
N ALA A 246 -2.05 30.47 -29.36
CA ALA A 246 -3.38 30.83 -28.87
C ALA A 246 -3.98 32.08 -29.50
N GLY A 247 -3.21 32.72 -30.37
CA GLY A 247 -3.61 33.98 -31.00
C GLY A 247 -4.04 33.88 -32.46
N GLY A 248 -4.40 32.69 -32.90
CA GLY A 248 -4.90 32.53 -34.25
C GLY A 248 -4.42 31.27 -34.92
N MET A 249 -3.67 30.47 -34.17
CA MET A 249 -3.11 29.23 -34.68
C MET A 249 -2.36 29.42 -36.01
N ARG A 250 -1.61 30.51 -36.11
CA ARG A 250 -0.96 30.88 -37.37
C ARG A 250 0.47 30.39 -37.49
N PHE A 251 0.79 29.99 -38.71
CA PHE A 251 2.14 29.63 -39.10
C PHE A 251 2.69 30.70 -40.05
N HIS A 252 4.00 30.93 -39.94
CA HIS A 252 4.71 31.83 -40.84
C HIS A 252 6.08 31.25 -41.16
N ASP A 253 6.72 31.82 -42.18
CA ASP A 253 7.96 31.25 -42.69
C ASP A 253 9.15 31.53 -41.78
N PRO A 254 9.91 30.47 -41.46
CA PRO A 254 11.02 30.54 -40.51
C PRO A 254 12.11 31.57 -40.85
N ARG A 255 12.31 31.97 -42.12
CA ARG A 255 13.42 32.88 -42.39
C ARG A 255 13.16 34.28 -41.80
N TYR A 256 11.90 34.57 -41.47
CA TYR A 256 11.54 35.77 -40.70
C TYR A 256 12.29 35.85 -39.37
N LEU A 257 12.32 34.74 -38.64
CA LEU A 257 13.04 34.69 -37.37
C LEU A 257 14.50 35.04 -37.61
N HIS A 258 15.11 34.38 -38.61
CA HIS A 258 16.49 34.69 -38.99
C HIS A 258 16.67 36.13 -39.45
N ASP A 259 15.63 36.73 -40.01
CA ASP A 259 15.71 38.15 -40.33
C ASP A 259 15.81 38.88 -39.00
N LEU A 260 14.91 38.52 -38.09
CA LEU A 260 14.81 39.15 -36.77
C LEU A 260 16.11 39.03 -35.94
N ARG A 261 16.72 37.84 -35.95
CA ARG A 261 17.99 37.62 -35.29
C ARG A 261 19.00 38.61 -35.78
N ASP A 262 18.94 38.89 -37.08
CA ASP A 262 19.85 39.85 -37.68
C ASP A 262 19.45 41.26 -37.24
N ILE A 263 18.17 41.61 -37.45
CA ILE A 263 17.65 42.91 -37.03
C ILE A 263 18.00 43.25 -35.55
N CYS A 264 17.96 42.26 -34.67
CA CYS A 264 18.29 42.46 -33.26
C CYS A 264 19.80 42.61 -33.04
N ARG A 265 20.57 41.81 -33.79
CA ARG A 265 22.02 41.91 -33.75
C ARG A 265 22.51 43.30 -34.10
N ARG A 266 21.92 43.91 -35.12
CA ARG A 266 22.48 45.15 -35.65
C ARG A 266 22.03 46.39 -34.87
N TYR A 267 20.78 46.42 -34.44
CA TYR A 267 20.27 47.57 -33.66
C TYR A 267 20.42 47.38 -32.16
N GLU A 268 21.09 46.31 -31.75
CA GLU A 268 21.36 46.04 -30.33
C GLU A 268 20.08 46.00 -29.51
N VAL A 269 19.16 45.15 -29.94
CA VAL A 269 17.97 44.77 -29.22
C VAL A 269 18.09 43.25 -29.01
N LEU A 270 17.68 42.75 -27.85
CA LEU A 270 17.76 41.31 -27.59
C LEU A 270 16.64 40.62 -28.31
N LEU A 271 16.84 39.36 -28.67
CA LEU A 271 15.77 38.55 -29.22
C LEU A 271 15.27 37.54 -28.18
N ILE A 272 13.96 37.55 -27.96
CA ILE A 272 13.27 36.61 -27.09
C ILE A 272 12.30 35.78 -27.94
N PHE A 273 12.40 34.47 -27.86
CA PHE A 273 11.46 33.57 -28.51
C PHE A 273 10.59 32.98 -27.43
N ASP A 274 9.28 32.95 -27.68
CA ASP A 274 8.35 32.30 -26.77
C ASP A 274 8.05 30.90 -27.24
N GLU A 275 8.82 29.95 -26.76
CA GLU A 275 8.59 28.55 -27.14
C GLU A 275 7.85 27.77 -26.05
N ILE A 276 6.84 28.37 -25.47
CA ILE A 276 6.00 27.65 -24.53
C ILE A 276 5.04 26.73 -25.29
N ALA A 277 4.64 27.14 -26.49
CA ALA A 277 3.82 26.29 -27.34
C ALA A 277 4.66 25.40 -28.25
N THR A 278 5.58 26.00 -29.00
CA THR A 278 6.32 25.33 -30.08
C THR A 278 7.36 24.33 -29.62
N GLY A 279 7.68 24.35 -28.33
CA GLY A 279 8.79 23.58 -27.82
C GLY A 279 8.64 22.06 -27.87
N PHE A 280 9.78 21.39 -27.84
CA PHE A 280 9.84 19.94 -27.68
C PHE A 280 9.15 19.23 -28.85
N GLY A 281 9.58 19.54 -30.06
CA GLY A 281 9.18 18.77 -31.23
C GLY A 281 7.81 19.07 -31.83
N ARG A 282 7.01 19.90 -31.16
CA ARG A 282 5.62 20.10 -31.59
C ARG A 282 5.50 20.64 -33.03
N THR A 283 6.45 21.42 -33.49
CA THR A 283 6.32 21.94 -34.85
C THR A 283 7.16 21.17 -35.89
N GLY A 284 7.80 20.08 -35.51
CA GLY A 284 8.58 19.33 -36.47
C GLY A 284 10.08 19.31 -36.15
N ALA A 285 10.57 20.39 -35.57
CA ALA A 285 11.95 20.41 -35.04
C ALA A 285 11.85 20.43 -33.53
N LEU A 286 12.96 20.07 -32.86
CA LEU A 286 12.95 19.95 -31.41
C LEU A 286 12.47 21.25 -30.78
N PHE A 287 12.80 22.37 -31.40
CA PHE A 287 12.26 23.66 -31.02
C PHE A 287 12.03 24.41 -32.31
N ALA A 288 11.04 25.29 -32.33
CA ALA A 288 10.73 26.05 -33.54
C ALA A 288 11.92 26.86 -34.03
N ALA A 289 12.68 27.46 -33.11
CA ALA A 289 13.83 28.29 -33.47
C ALA A 289 14.83 27.54 -34.37
N ASP A 290 14.71 26.21 -34.38
CA ASP A 290 15.66 25.39 -35.11
C ASP A 290 15.32 25.36 -36.60
N HIS A 291 14.08 25.73 -36.94
CA HIS A 291 13.69 25.85 -38.34
C HIS A 291 14.49 26.99 -39.01
N ALA A 292 14.50 28.16 -38.39
CA ALA A 292 15.35 29.24 -38.85
C ALA A 292 16.83 28.92 -38.61
N GLY A 293 17.09 27.94 -37.74
CA GLY A 293 18.44 27.57 -37.38
C GLY A 293 19.12 28.66 -36.56
N VAL A 294 18.32 29.42 -35.82
CA VAL A 294 18.81 30.59 -35.07
C VAL A 294 18.51 30.47 -33.57
N SER A 295 19.48 30.88 -32.76
CA SER A 295 19.29 31.00 -31.34
C SER A 295 18.72 32.38 -31.00
N PRO A 296 17.93 32.47 -29.93
CA PRO A 296 17.62 33.80 -29.40
C PRO A 296 18.54 34.13 -28.24
N ASP A 297 18.48 35.34 -27.70
CA ASP A 297 19.29 35.68 -26.52
C ASP A 297 18.75 35.09 -25.23
N ILE A 298 17.43 35.19 -25.09
CA ILE A 298 16.64 34.78 -23.96
C ILE A 298 15.62 33.81 -24.53
N MET A 299 15.15 32.80 -23.79
CA MET A 299 14.18 31.85 -24.36
C MET A 299 13.22 31.22 -23.34
N CYS A 300 11.94 31.08 -23.71
CA CYS A 300 10.95 30.51 -22.81
C CYS A 300 10.34 29.20 -23.30
N VAL A 301 10.16 28.25 -22.38
CA VAL A 301 9.46 27.01 -22.66
C VAL A 301 8.63 26.65 -21.43
N GLY A 302 7.87 25.56 -21.54
CA GLY A 302 6.96 25.15 -20.49
C GLY A 302 5.86 24.29 -21.09
N LYS A 303 4.67 24.35 -20.52
CA LYS A 303 3.48 23.69 -21.09
C LYS A 303 3.71 22.21 -21.40
N ALA A 304 4.49 21.95 -22.43
CA ALA A 304 4.82 20.59 -22.80
C ALA A 304 6.06 20.12 -22.04
N LEU A 305 6.57 20.98 -21.16
CA LEU A 305 7.80 20.69 -20.41
C LEU A 305 7.72 19.45 -19.53
N THR A 306 6.69 19.34 -18.70
CA THR A 306 6.59 18.18 -17.79
C THR A 306 5.95 16.98 -18.44
N GLY A 307 5.78 16.99 -19.76
CA GLY A 307 4.96 15.98 -20.41
C GLY A 307 3.48 16.09 -20.07
N GLY A 308 3.03 17.24 -19.58
CA GLY A 308 1.62 17.47 -19.33
C GLY A 308 1.12 17.19 -17.92
N TYR A 309 2.03 16.78 -17.04
CA TYR A 309 1.73 16.33 -15.69
C TYR A 309 1.57 17.46 -14.65
N LEU A 310 2.38 18.51 -14.81
CA LEU A 310 2.57 19.53 -13.78
C LEU A 310 3.02 20.89 -14.37
N SER A 311 2.49 21.96 -13.82
CA SER A 311 2.89 23.31 -14.20
C SER A 311 4.40 23.55 -13.92
N LEU A 312 5.16 23.78 -14.99
CA LEU A 312 6.59 24.06 -14.92
C LEU A 312 7.09 24.84 -16.13
N ALA A 313 7.71 25.99 -15.89
CA ALA A 313 8.27 26.77 -16.99
C ALA A 313 9.76 26.92 -16.85
N ALA A 314 10.36 27.54 -17.86
CA ALA A 314 11.79 27.69 -17.90
C ALA A 314 12.12 28.93 -18.70
N THR A 315 13.13 29.67 -18.24
CA THR A 315 13.66 30.75 -19.02
C THR A 315 15.14 30.51 -19.15
N LEU A 316 15.61 30.52 -20.39
CA LEU A 316 17.01 30.36 -20.67
C LEU A 316 17.54 31.64 -21.29
N CYS A 317 18.73 32.04 -20.83
CA CYS A 317 19.42 33.21 -21.35
C CYS A 317 20.88 32.83 -21.55
N THR A 318 21.61 33.64 -22.31
CA THR A 318 23.02 33.38 -22.62
C THR A 318 23.94 33.82 -21.50
N ALA A 319 25.14 33.23 -21.43
CA ALA A 319 26.14 33.63 -20.45
C ALA A 319 26.30 35.14 -20.43
N ASP A 320 26.26 35.77 -21.61
CA ASP A 320 26.40 37.21 -21.72
C ASP A 320 25.29 37.98 -20.99
N VAL A 321 24.03 37.67 -21.31
CA VAL A 321 22.94 38.27 -20.56
C VAL A 321 23.11 37.99 -19.07
N ALA A 322 23.40 36.74 -18.74
CA ALA A 322 23.64 36.31 -17.38
C ALA A 322 24.69 37.17 -16.70
N HIS A 323 25.85 37.33 -17.36
CA HIS A 323 26.96 38.10 -16.80
C HIS A 323 26.68 39.59 -16.73
N THR A 324 26.02 40.12 -17.75
CA THR A 324 25.63 41.52 -17.70
C THR A 324 24.66 41.76 -16.55
N ILE A 325 23.75 40.81 -16.31
CA ILE A 325 22.82 40.90 -15.18
C ILE A 325 23.57 41.05 -13.87
N SER A 326 24.42 40.08 -13.54
CA SER A 326 25.15 40.06 -12.27
C SER A 326 26.21 41.17 -12.13
N ALA A 327 26.09 42.25 -12.89
CA ALA A 327 27.00 43.38 -12.75
C ALA A 327 26.26 44.69 -12.94
N GLY A 328 25.01 44.73 -12.50
CA GLY A 328 24.23 45.95 -12.51
C GLY A 328 24.03 46.49 -11.10
N GLY A 331 22.14 44.03 -8.56
CA GLY A 331 23.29 43.14 -8.56
C GLY A 331 22.99 41.68 -8.88
N ALA A 332 21.71 41.36 -9.10
CA ALA A 332 21.27 39.99 -9.33
C ALA A 332 19.91 40.00 -9.99
N LEU A 333 19.46 38.84 -10.48
CA LEU A 333 18.14 38.73 -11.14
C LEU A 333 17.05 38.66 -10.09
N MET A 334 16.32 39.76 -9.93
CA MET A 334 15.36 39.90 -8.82
C MET A 334 14.02 39.22 -9.13
N HIS A 335 14.03 37.89 -9.06
CA HIS A 335 12.80 37.11 -9.12
C HIS A 335 13.03 35.75 -8.43
N GLY A 336 12.03 35.25 -7.70
CA GLY A 336 12.22 33.99 -7.00
C GLY A 336 10.88 33.39 -6.65
N PRO A 337 10.37 32.50 -7.51
CA PRO A 337 9.06 31.95 -7.15
C PRO A 337 9.21 30.96 -5.99
N THR A 338 8.12 30.64 -5.32
CA THR A 338 8.18 29.74 -4.19
C THR A 338 8.59 28.33 -4.60
N PHE A 339 7.90 27.79 -5.60
CA PHE A 339 8.13 26.43 -6.03
C PHE A 339 9.13 26.35 -7.18
N MET A 340 10.12 27.23 -7.15
CA MET A 340 11.25 27.18 -8.07
C MET A 340 11.98 25.85 -8.00
N ALA A 341 12.14 25.21 -9.16
CA ALA A 341 12.89 23.98 -9.26
C ALA A 341 12.26 22.91 -8.39
N ASN A 342 10.94 22.88 -8.40
CA ASN A 342 10.20 21.86 -7.70
C ASN A 342 10.59 20.44 -8.15
N PRO A 343 11.32 19.70 -7.29
CA PRO A 343 11.87 18.36 -7.54
C PRO A 343 10.91 17.34 -8.20
N LEU A 344 9.61 17.51 -8.04
CA LEU A 344 8.68 16.56 -8.67
C LEU A 344 8.41 16.97 -10.10
N ALA A 345 8.16 18.26 -10.32
CA ALA A 345 7.94 18.79 -11.66
C ALA A 345 9.15 18.54 -12.55
N CYS A 346 10.35 18.66 -11.98
CA CYS A 346 11.60 18.46 -12.70
C CYS A 346 11.90 17.00 -13.01
N ALA A 347 11.73 16.12 -12.03
CA ALA A 347 12.03 14.71 -12.26
C ALA A 347 11.14 14.17 -13.37
N VAL A 348 9.87 14.58 -13.38
CA VAL A 348 8.96 14.16 -14.44
C VAL A 348 9.37 14.78 -15.76
N SER A 349 9.81 16.05 -15.69
CA SER A 349 10.25 16.72 -16.90
C SER A 349 11.47 16.02 -17.50
N VAL A 350 12.38 15.56 -16.65
CA VAL A 350 13.58 14.84 -17.10
C VAL A 350 13.12 13.56 -17.77
N ALA A 351 12.23 12.83 -17.12
CA ALA A 351 11.64 11.66 -17.74
C ALA A 351 11.09 11.96 -19.13
N SER A 352 10.29 13.03 -19.25
CA SER A 352 9.64 13.36 -20.51
C SER A 352 10.66 13.76 -21.59
N VAL A 353 11.62 14.64 -21.23
CA VAL A 353 12.59 15.10 -22.21
C VAL A 353 13.45 13.93 -22.69
N GLU A 354 14.09 13.22 -21.75
CA GLU A 354 14.79 11.98 -22.07
C GLU A 354 13.92 11.01 -22.92
N LEU A 355 12.66 10.81 -22.52
CA LEU A 355 11.80 9.91 -23.28
C LEU A 355 11.69 10.40 -24.71
N LEU A 356 11.46 11.70 -24.86
CA LEU A 356 11.31 12.30 -26.17
C LEU A 356 12.50 11.96 -27.03
N LEU A 357 13.69 12.03 -26.43
CA LEU A 357 14.94 11.90 -27.15
C LEU A 357 15.43 10.46 -27.39
N GLY A 358 14.93 9.50 -26.61
CA GLY A 358 15.27 8.10 -26.85
C GLY A 358 14.50 7.41 -27.98
N GLN A 359 13.83 8.21 -28.80
CA GLN A 359 13.06 7.66 -29.92
C GLN A 359 13.21 8.55 -31.16
N ASP A 360 13.07 7.95 -32.34
CA ASP A 360 13.08 8.77 -33.54
C ASP A 360 11.83 9.63 -33.57
N TRP A 361 11.86 10.72 -32.79
CA TRP A 361 10.72 11.60 -32.64
C TRP A 361 10.41 12.39 -33.93
N ARG A 362 11.43 12.72 -34.70
CA ARG A 362 11.22 13.45 -35.95
C ARG A 362 10.33 12.65 -36.89
N THR A 363 10.66 11.38 -37.07
CA THR A 363 9.85 10.51 -37.90
C THR A 363 8.42 10.46 -37.38
N ARG A 364 8.31 10.24 -36.08
CA ARG A 364 7.03 10.15 -35.41
C ARG A 364 6.16 11.39 -35.66
N ILE A 365 6.75 12.57 -35.59
CA ILE A 365 5.99 13.79 -35.88
C ILE A 365 5.70 13.90 -37.38
N THR A 366 6.66 13.52 -38.22
CA THR A 366 6.48 13.58 -39.67
C THR A 366 5.24 12.82 -40.05
N GLU A 367 5.16 11.61 -39.53
CA GLU A 367 4.03 10.75 -39.79
C GLU A 367 2.77 11.47 -39.31
N LEU A 368 2.85 12.12 -38.15
CA LEU A 368 1.71 12.89 -37.62
C LEU A 368 1.31 14.00 -38.59
N ALA A 369 2.29 14.78 -39.04
CA ALA A 369 2.06 15.80 -40.07
C ALA A 369 1.43 15.18 -41.31
N ALA A 370 2.05 14.11 -41.81
CA ALA A 370 1.57 13.41 -43.00
C ALA A 370 0.16 12.84 -42.85
N GLY A 371 -0.05 12.04 -41.81
CA GLY A 371 -1.36 11.45 -41.57
C GLY A 371 -2.43 12.51 -41.33
N LEU A 372 -2.02 13.67 -40.83
CA LEU A 372 -2.93 14.79 -40.58
C LEU A 372 -3.23 15.53 -41.86
N THR A 373 -2.17 15.70 -42.66
CA THR A 373 -2.27 16.36 -43.95
C THR A 373 -3.33 15.70 -44.81
N ALA A 374 -3.27 14.37 -44.89
CA ALA A 374 -4.25 13.61 -45.63
C ALA A 374 -5.61 13.84 -45.00
N GLY A 375 -5.69 13.59 -43.68
CA GLY A 375 -6.92 13.70 -42.89
C GLY A 375 -7.80 14.90 -43.16
N LEU A 376 -7.22 16.09 -43.08
CA LEU A 376 -7.98 17.32 -43.21
C LEU A 376 -8.06 17.85 -44.64
N ASP A 377 -7.58 17.07 -45.60
CA ASP A 377 -7.61 17.47 -47.00
C ASP A 377 -9.03 17.72 -47.51
N THR A 378 -9.95 16.81 -47.23
CA THR A 378 -11.27 16.87 -47.86
C THR A 378 -11.98 18.15 -47.44
N ALA A 379 -11.49 18.78 -46.38
CA ALA A 379 -12.09 20.00 -45.86
C ALA A 379 -12.05 21.18 -46.83
N ARG A 380 -10.94 21.39 -47.54
CA ARG A 380 -10.77 22.63 -48.32
C ARG A 380 -11.88 22.88 -49.36
N ALA A 381 -12.66 21.86 -49.70
CA ALA A 381 -13.75 22.02 -50.68
C ALA A 381 -15.05 22.43 -49.99
N LEU A 382 -15.16 22.09 -48.71
CA LEU A 382 -16.33 22.47 -47.91
C LEU A 382 -16.52 23.99 -47.96
N PRO A 383 -17.78 24.44 -48.10
CA PRO A 383 -18.04 25.86 -48.33
C PRO A 383 -17.55 26.71 -47.17
N ALA A 384 -17.72 26.19 -45.96
CA ALA A 384 -17.30 26.89 -44.75
C ALA A 384 -15.80 27.18 -44.76
N VAL A 385 -15.00 26.15 -45.02
CA VAL A 385 -13.55 26.22 -44.86
C VAL A 385 -12.86 27.31 -45.69
N THR A 386 -11.96 28.06 -45.06
CA THR A 386 -11.20 29.12 -45.74
C THR A 386 -9.74 28.76 -45.94
N ASP A 387 -9.24 27.82 -45.14
CA ASP A 387 -7.85 27.36 -45.25
C ASP A 387 -7.61 26.05 -44.51
N VAL A 388 -6.64 25.28 -45.02
CA VAL A 388 -6.19 24.07 -44.36
C VAL A 388 -4.68 24.04 -44.29
N ARG A 389 -4.13 24.09 -43.08
CA ARG A 389 -2.68 24.08 -42.90
C ARG A 389 -2.22 23.07 -41.84
N VAL A 390 -1.00 22.58 -42.00
CA VAL A 390 -0.44 21.55 -41.12
C VAL A 390 1.05 21.80 -40.93
N CYS A 391 1.43 22.06 -39.69
CA CYS A 391 2.83 22.25 -39.31
C CYS A 391 3.12 21.28 -38.18
N GLY A 392 4.16 20.45 -38.34
CA GLY A 392 4.46 19.40 -37.39
C GLY A 392 3.19 18.66 -36.98
N ALA A 393 3.09 18.30 -35.71
CA ALA A 393 1.86 17.71 -35.18
C ALA A 393 0.81 18.77 -34.84
N ILE A 394 0.54 19.66 -35.80
CA ILE A 394 -0.47 20.72 -35.63
C ILE A 394 -1.34 20.87 -36.87
N GLY A 395 -2.65 20.69 -36.73
CA GLY A 395 -3.54 20.72 -37.87
C GLY A 395 -4.71 21.66 -37.69
N VAL A 396 -4.94 22.52 -38.66
CA VAL A 396 -5.98 23.53 -38.52
C VAL A 396 -6.90 23.61 -39.74
N ILE A 397 -8.21 23.64 -39.47
CA ILE A 397 -9.18 24.09 -40.46
C ILE A 397 -9.68 25.45 -40.01
N GLU A 398 -9.37 26.48 -40.81
CA GLU A 398 -9.80 27.86 -40.55
C GLU A 398 -11.12 28.13 -41.24
N CYS A 399 -12.04 28.80 -40.57
CA CYS A 399 -13.40 28.90 -41.09
C CYS A 399 -13.90 30.30 -41.40
N ASP A 400 -14.91 30.33 -42.28
CA ASP A 400 -15.70 31.52 -42.59
C ASP A 400 -16.29 32.21 -41.36
N ARG A 401 -17.08 31.46 -40.61
CA ARG A 401 -17.90 31.98 -39.53
C ARG A 401 -17.37 31.51 -38.17
N PRO A 402 -17.71 32.22 -37.08
CA PRO A 402 -17.52 31.61 -35.78
C PRO A 402 -18.07 30.19 -35.70
N VAL A 403 -17.36 29.30 -35.01
CA VAL A 403 -17.79 27.93 -34.78
C VAL A 403 -18.62 27.82 -33.49
N ASP A 404 -19.91 27.54 -33.63
CA ASP A 404 -20.86 27.51 -32.52
C ASP A 404 -20.69 26.27 -31.65
N LEU A 405 -19.74 26.33 -30.73
CA LEU A 405 -19.22 25.17 -30.01
C LEU A 405 -20.31 24.28 -29.42
N ALA A 406 -21.46 24.87 -29.14
CA ALA A 406 -22.62 24.13 -28.64
C ALA A 406 -23.13 23.14 -29.68
N VAL A 407 -22.79 23.37 -30.95
CA VAL A 407 -23.06 22.41 -32.00
C VAL A 407 -21.86 21.47 -32.12
N ALA A 408 -20.68 22.06 -31.99
CA ALA A 408 -19.42 21.41 -32.33
C ALA A 408 -18.97 20.42 -31.27
N THR A 409 -18.89 20.89 -30.03
CA THR A 409 -18.40 20.05 -28.94
C THR A 409 -19.23 18.78 -28.79
N PRO A 410 -20.58 18.89 -28.72
CA PRO A 410 -21.32 17.64 -28.72
C PRO A 410 -21.15 16.79 -29.98
N ALA A 411 -20.85 17.42 -31.11
CA ALA A 411 -20.72 16.71 -32.38
C ALA A 411 -19.43 15.87 -32.44
N ALA A 412 -18.30 16.46 -32.06
CA ALA A 412 -17.03 15.72 -32.14
C ALA A 412 -17.01 14.62 -31.09
N LEU A 413 -17.65 14.89 -29.96
CA LEU A 413 -17.79 13.91 -28.89
C LEU A 413 -18.55 12.67 -29.33
N ASP A 414 -19.42 12.86 -30.31
CA ASP A 414 -20.19 11.76 -30.88
C ASP A 414 -19.33 10.94 -31.83
N ARG A 415 -18.19 11.51 -32.23
CA ARG A 415 -17.24 10.80 -33.09
C ARG A 415 -16.06 10.30 -32.26
N GLY A 416 -16.23 10.34 -30.94
CA GLY A 416 -15.19 9.85 -30.04
C GLY A 416 -13.94 10.71 -30.03
N VAL A 417 -14.12 12.02 -30.13
CA VAL A 417 -13.01 12.98 -30.00
C VAL A 417 -13.39 14.15 -29.07
N TRP A 418 -12.47 14.53 -28.18
CA TRP A 418 -12.58 15.82 -27.48
C TRP A 418 -12.03 16.92 -28.40
N LEU A 419 -12.87 17.89 -28.74
CA LEU A 419 -12.45 18.90 -29.70
C LEU A 419 -12.94 20.26 -29.24
N ARG A 420 -12.03 21.20 -29.08
CA ARG A 420 -12.42 22.51 -28.61
C ARG A 420 -11.92 23.56 -29.57
N PRO A 421 -12.77 23.92 -30.55
CA PRO A 421 -12.53 25.08 -31.41
C PRO A 421 -12.50 26.42 -30.67
N PHE A 422 -12.02 27.42 -31.40
CA PHE A 422 -11.88 28.76 -30.88
C PHE A 422 -12.16 29.72 -32.03
N ARG A 423 -13.10 30.62 -31.77
CA ARG A 423 -13.60 31.56 -32.77
C ARG A 423 -13.92 30.90 -34.11
N ASN A 424 -13.08 31.12 -35.12
CA ASN A 424 -13.33 30.54 -36.43
C ASN A 424 -12.29 29.47 -36.80
N LEU A 425 -11.79 28.76 -35.78
CA LEU A 425 -10.74 27.77 -36.00
C LEU A 425 -11.14 26.38 -35.50
N VAL A 426 -10.87 25.37 -36.32
CA VAL A 426 -11.09 23.99 -35.90
C VAL A 426 -9.77 23.26 -35.98
N TYR A 427 -9.08 23.16 -34.86
CA TYR A 427 -7.69 22.76 -34.87
C TYR A 427 -7.39 21.66 -33.86
N ALA A 428 -6.20 21.06 -33.96
CA ALA A 428 -5.79 20.07 -32.97
C ALA A 428 -4.27 19.97 -32.83
N MET A 429 -3.82 19.32 -31.77
CA MET A 429 -2.41 19.13 -31.46
C MET A 429 -2.24 17.79 -30.72
N PRO A 430 -2.39 16.68 -31.46
CA PRO A 430 -2.44 15.37 -30.82
C PRO A 430 -1.17 14.96 -30.14
N PRO A 431 -1.31 14.07 -29.15
CA PRO A 431 -0.19 13.37 -28.50
C PRO A 431 0.67 12.72 -29.56
N TYR A 432 1.97 12.67 -29.34
CA TYR A 432 2.86 12.02 -30.30
C TYR A 432 2.58 10.51 -30.36
N ILE A 433 1.96 9.97 -29.31
CA ILE A 433 1.66 8.53 -29.24
C ILE A 433 0.42 8.15 -30.04
N CYS A 434 -0.30 9.12 -30.57
CA CYS A 434 -1.44 8.80 -31.40
C CYS A 434 -1.00 7.92 -32.59
N THR A 435 -1.94 7.16 -33.12
CA THR A 435 -1.66 6.20 -34.18
C THR A 435 -2.38 6.66 -35.44
N PRO A 436 -1.96 6.17 -36.63
CA PRO A 436 -2.60 6.59 -37.88
C PRO A 436 -4.11 6.44 -37.87
N ALA A 437 -4.60 5.45 -37.11
CA ALA A 437 -6.02 5.21 -36.93
C ALA A 437 -6.68 6.30 -36.06
N GLU A 438 -6.03 6.62 -34.94
CA GLU A 438 -6.57 7.63 -34.03
C GLU A 438 -6.54 8.97 -34.73
N ILE A 439 -5.46 9.23 -35.48
CA ILE A 439 -5.26 10.47 -36.24
C ILE A 439 -6.38 10.69 -37.27
N THR A 440 -6.76 9.62 -37.96
CA THR A 440 -7.86 9.71 -38.91
C THR A 440 -9.16 9.95 -38.17
N GLN A 441 -9.24 9.45 -36.95
CA GLN A 441 -10.48 9.58 -36.19
C GLN A 441 -10.66 11.02 -35.72
N ILE A 442 -9.55 11.65 -35.32
CA ILE A 442 -9.62 13.05 -34.93
C ILE A 442 -9.85 13.95 -36.14
N THR A 443 -9.15 13.69 -37.25
CA THR A 443 -9.23 14.57 -38.42
C THR A 443 -10.58 14.47 -39.11
N SER A 444 -11.14 13.28 -39.08
CA SER A 444 -12.49 13.10 -39.54
C SER A 444 -13.40 14.06 -38.78
N ALA A 445 -13.48 13.87 -37.46
CA ALA A 445 -14.37 14.64 -36.58
C ALA A 445 -14.26 16.15 -36.83
N MET A 446 -13.03 16.60 -37.01
CA MET A 446 -12.73 17.99 -37.33
C MET A 446 -13.43 18.45 -38.59
N VAL A 447 -13.11 17.80 -39.72
CA VAL A 447 -13.74 18.08 -41.01
C VAL A 447 -15.25 18.15 -40.91
N GLU A 448 -15.82 17.24 -40.14
CA GLU A 448 -17.26 17.20 -40.01
C GLU A 448 -17.82 18.39 -39.23
N VAL A 449 -17.15 18.78 -38.14
CA VAL A 449 -17.55 19.98 -37.43
C VAL A 449 -17.51 21.18 -38.37
N ALA A 450 -16.55 21.16 -39.29
CA ALA A 450 -16.39 22.23 -40.28
C ALA A 450 -17.44 22.19 -41.38
N ARG A 451 -17.94 20.98 -41.68
CA ARG A 451 -19.02 20.83 -42.64
C ARG A 451 -20.30 21.30 -41.97
N LEU A 452 -20.34 21.16 -40.65
CA LEU A 452 -21.50 21.51 -39.84
C LEU A 452 -21.68 23.03 -39.70
N VAL A 453 -21.91 23.71 -40.81
CA VAL A 453 -22.37 25.10 -40.77
C VAL A 453 -23.41 25.32 -41.87
N GLY B 27 22.81 10.40 -14.51
CA GLY B 27 22.98 10.25 -13.08
C GLY B 27 24.08 11.16 -12.55
N LEU B 28 23.83 11.82 -11.42
CA LEU B 28 24.75 12.86 -10.93
C LEU B 28 25.14 12.73 -9.44
N THR B 29 26.43 12.84 -9.15
CA THR B 29 26.91 12.79 -7.78
C THR B 29 26.69 14.18 -7.17
N PRO B 30 26.88 14.34 -5.84
CA PRO B 30 26.79 15.71 -5.31
C PRO B 30 27.82 16.65 -5.93
N GLU B 31 29.00 16.09 -6.21
N GLU B 31 29.00 16.13 -6.24
CA GLU B 31 30.08 16.79 -6.89
CA GLU B 31 30.01 16.98 -6.84
C GLU B 31 29.58 17.32 -8.23
C GLU B 31 29.66 17.29 -8.30
N GLN B 32 28.73 16.53 -8.86
CA GLN B 32 28.25 16.80 -10.21
C GLN B 32 27.08 17.78 -10.20
N ILE B 33 26.14 17.59 -9.28
CA ILE B 33 25.06 18.56 -9.07
C ILE B 33 25.67 19.95 -8.89
N ILE B 34 26.65 20.05 -7.99
CA ILE B 34 27.33 21.30 -7.64
C ILE B 34 27.96 22.00 -8.85
N ALA B 35 28.66 21.24 -9.69
CA ALA B 35 29.22 21.75 -10.95
C ALA B 35 28.14 22.12 -11.98
N VAL B 36 27.14 21.26 -12.14
CA VAL B 36 26.03 21.55 -13.05
C VAL B 36 25.23 22.76 -12.54
N ASP B 37 25.08 22.86 -11.22
CA ASP B 37 24.33 23.96 -10.61
C ASP B 37 24.96 25.34 -10.83
N GLY B 38 26.22 25.49 -10.44
CA GLY B 38 26.90 26.77 -10.53
C GLY B 38 26.86 27.27 -11.94
N ALA B 39 27.23 26.37 -12.86
CA ALA B 39 27.28 26.64 -14.28
C ALA B 39 25.92 27.07 -14.87
N HIS B 40 24.89 26.27 -14.68
CA HIS B 40 23.66 26.48 -15.47
C HIS B 40 22.38 26.92 -14.74
N LEU B 41 22.38 27.02 -13.42
CA LEU B 41 21.13 27.33 -12.72
C LEU B 41 21.11 28.68 -12.03
N TRP B 42 20.06 29.48 -12.30
CA TRP B 42 19.72 30.59 -11.42
C TRP B 42 19.02 30.05 -10.16
N HIS B 43 19.00 30.90 -9.12
CA HIS B 43 18.38 30.63 -7.84
C HIS B 43 17.63 31.90 -7.44
N PRO B 44 16.98 31.94 -6.26
CA PRO B 44 16.27 33.21 -6.01
C PRO B 44 17.22 34.33 -5.61
N TYR B 45 17.01 35.51 -6.20
CA TYR B 45 17.85 36.69 -5.97
C TYR B 45 19.31 36.30 -6.01
N SER B 46 19.66 35.82 -7.20
CA SER B 46 20.84 35.05 -7.54
C SER B 46 21.61 35.74 -8.62
N SER B 47 22.90 35.44 -8.69
CA SER B 47 23.75 36.00 -9.71
C SER B 47 24.78 34.98 -10.09
N ILE B 48 24.53 34.29 -11.21
CA ILE B 48 25.43 33.29 -11.78
C ILE B 48 26.85 33.77 -11.67
N GLY B 49 27.63 33.09 -10.83
CA GLY B 49 29.01 33.43 -10.56
C GLY B 49 29.36 34.13 -9.25
N ARG B 50 28.45 34.17 -8.25
CA ARG B 50 28.71 34.85 -6.98
C ARG B 50 28.05 34.21 -5.71
N GLU B 51 28.25 34.90 -4.58
CA GLU B 51 28.01 34.41 -3.21
C GLU B 51 29.06 33.37 -2.80
N SER B 54 25.94 30.47 -2.11
CA SER B 54 26.58 29.19 -2.39
C SER B 54 25.72 28.01 -1.93
N PRO B 55 24.86 27.50 -2.83
CA PRO B 55 23.84 26.51 -2.44
C PRO B 55 24.44 25.22 -1.88
N VAL B 56 23.62 24.42 -1.21
CA VAL B 56 24.06 23.13 -0.69
C VAL B 56 23.10 22.05 -1.16
N VAL B 57 23.66 20.91 -1.56
CA VAL B 57 22.88 19.82 -2.17
C VAL B 57 21.94 19.12 -1.19
N ALA B 58 20.66 19.00 -1.57
CA ALA B 58 19.66 18.20 -0.84
C ALA B 58 19.38 16.88 -1.56
N VAL B 59 19.30 15.79 -0.81
CA VAL B 59 19.17 14.48 -1.46
C VAL B 59 17.99 13.67 -0.94
N ALA B 60 17.33 14.20 0.10
CA ALA B 60 16.14 13.57 0.67
C ALA B 60 15.39 14.53 1.59
N ALA B 61 14.07 14.38 1.64
CA ALA B 61 13.28 15.10 2.64
C ALA B 61 12.23 14.14 3.18
N HIS B 62 12.12 14.05 4.50
CA HIS B 62 11.18 13.11 5.13
C HIS B 62 10.68 13.63 6.48
N GLY B 63 9.36 13.79 6.60
CA GLY B 63 8.80 14.41 7.78
C GLY B 63 9.32 15.82 7.94
N ALA B 64 10.05 16.08 9.02
CA ALA B 64 10.54 17.42 9.28
C ALA B 64 12.04 17.53 8.97
N TRP B 65 12.57 16.53 8.27
CA TRP B 65 14.01 16.42 8.11
C TRP B 65 14.48 16.41 6.65
N LEU B 66 15.60 17.09 6.42
CA LEU B 66 16.30 17.08 5.14
C LEU B 66 17.60 16.33 5.27
N THR B 67 18.12 15.90 4.14
CA THR B 67 19.43 15.29 4.09
C THR B 67 20.31 16.16 3.20
N LEU B 68 21.17 16.95 3.83
CA LEU B 68 22.03 17.82 3.07
C LEU B 68 23.42 17.24 3.06
N ILE B 69 24.03 17.21 1.89
CA ILE B 69 25.40 16.75 1.78
C ILE B 69 26.35 17.88 2.18
N ARG B 70 27.00 17.70 3.32
CA ARG B 70 28.01 18.65 3.79
C ARG B 70 29.33 17.95 4.00
N ASP B 71 30.33 18.37 3.25
CA ASP B 71 31.66 17.79 3.30
C ASP B 71 31.61 16.30 2.95
N GLY B 72 31.01 16.01 1.79
CA GLY B 72 30.95 14.67 1.25
C GLY B 72 30.00 13.73 1.98
N GLN B 73 29.43 14.22 3.07
CA GLN B 73 28.63 13.37 3.92
C GLN B 73 27.22 13.91 4.04
N PRO B 74 26.24 13.00 4.04
CA PRO B 74 24.84 13.33 4.29
C PRO B 74 24.59 13.64 5.77
N ILE B 75 23.82 14.68 6.06
CA ILE B 75 23.58 15.08 7.45
C ILE B 75 22.11 15.45 7.68
N GLU B 76 21.64 15.27 8.91
CA GLU B 76 20.24 15.48 9.26
C GLU B 76 20.03 16.85 9.86
N VAL B 77 19.00 17.54 9.37
CA VAL B 77 18.69 18.88 9.82
C VAL B 77 17.18 19.10 9.73
N LEU B 78 16.64 19.91 10.64
CA LEU B 78 15.22 20.26 10.57
C LEU B 78 14.96 21.36 9.51
N ASP B 79 13.98 21.10 8.66
CA ASP B 79 13.46 22.08 7.72
C ASP B 79 12.80 23.22 8.48
N ALA B 80 13.59 24.06 9.13
CA ALA B 80 13.02 25.08 10.02
C ALA B 80 12.16 26.12 9.32
N MET B 81 12.30 26.24 8.00
CA MET B 81 11.52 27.20 7.22
C MET B 81 10.33 26.57 6.49
N SER B 82 10.15 25.26 6.66
CA SER B 82 9.13 24.48 5.93
C SER B 82 9.27 24.74 4.43
N SER B 83 10.51 24.64 3.95
CA SER B 83 10.86 24.92 2.56
C SER B 83 10.16 26.20 2.09
N TRP B 84 10.39 27.28 2.82
CA TRP B 84 9.79 28.58 2.57
C TRP B 84 8.25 28.47 2.55
N TRP B 85 7.71 28.09 3.72
CA TRP B 85 6.29 28.18 4.08
C TRP B 85 5.39 27.03 3.62
N THR B 86 5.94 26.02 2.97
CA THR B 86 5.05 25.17 2.19
C THR B 86 4.80 23.81 2.84
N ALA B 87 5.84 23.20 3.36
CA ALA B 87 5.68 21.90 4.03
C ALA B 87 5.00 22.02 5.41
N ILE B 88 3.70 22.30 5.47
CA ILE B 88 3.02 22.43 6.76
C ILE B 88 2.90 21.08 7.45
N HIS B 89 2.94 20.01 6.66
CA HIS B 89 2.76 18.68 7.24
C HIS B 89 4.07 17.93 7.09
N GLY B 90 5.10 18.69 6.73
CA GLY B 90 6.41 18.12 6.50
C GLY B 90 6.47 17.30 5.22
N HIS B 91 7.65 16.77 4.93
CA HIS B 91 7.89 16.12 3.65
C HIS B 91 7.57 14.64 3.71
N GLY B 92 7.11 14.11 2.58
CA GLY B 92 6.86 12.69 2.43
C GLY B 92 5.76 12.16 3.34
N HIS B 93 4.73 12.97 3.54
CA HIS B 93 3.66 12.55 4.44
C HIS B 93 2.74 11.52 3.77
N PRO B 94 2.59 10.35 4.40
CA PRO B 94 1.74 9.24 3.94
C PRO B 94 0.40 9.67 3.29
N ALA B 95 -0.40 10.48 3.97
CA ALA B 95 -1.67 10.89 3.40
C ALA B 95 -1.45 11.71 2.12
N LEU B 96 -0.54 12.67 2.17
CA LEU B 96 -0.30 13.51 1.00
C LEU B 96 0.34 12.72 -0.13
N ASP B 97 1.26 11.82 0.18
CA ASP B 97 1.93 11.02 -0.87
C ASP B 97 0.92 10.18 -1.70
N GLN B 98 0.26 9.20 -1.05
CA GLN B 98 -1.02 8.61 -1.50
C GLN B 98 -2.13 9.45 -2.17
N ALA B 99 -2.28 10.71 -1.80
CA ALA B 99 -3.32 11.46 -2.51
C ALA B 99 -2.82 11.60 -3.92
N LEU B 100 -1.49 11.67 -4.03
CA LEU B 100 -0.84 11.91 -5.29
C LEU B 100 -0.92 10.69 -6.19
N THR B 101 -0.30 9.60 -5.72
CA THR B 101 -0.12 8.40 -6.53
C THR B 101 -1.45 7.86 -7.00
N THR B 102 -2.44 7.90 -6.13
CA THR B 102 -3.75 7.40 -6.46
C THR B 102 -4.39 8.30 -7.49
N GLN B 103 -4.19 9.61 -7.37
CA GLN B 103 -4.66 10.52 -8.42
C GLN B 103 -3.94 10.22 -9.73
N LEU B 104 -2.64 10.03 -9.63
CA LEU B 104 -1.79 9.68 -10.76
C LEU B 104 -2.25 8.40 -11.48
N ARG B 105 -2.94 7.51 -10.77
CA ARG B 105 -3.41 6.25 -11.35
C ARG B 105 -4.70 6.45 -12.16
N VAL B 106 -5.45 7.49 -11.82
CA VAL B 106 -6.71 7.78 -12.48
C VAL B 106 -6.54 8.79 -13.63
N MET B 107 -6.09 9.98 -13.28
CA MET B 107 -5.95 11.07 -14.25
C MET B 107 -4.91 12.10 -13.80
N ASN B 108 -3.88 12.31 -14.62
CA ASN B 108 -2.81 13.25 -14.30
C ASN B 108 -3.18 14.71 -14.51
N HIS B 109 -3.90 14.99 -15.60
CA HIS B 109 -4.30 16.35 -15.97
C HIS B 109 -5.19 16.37 -17.22
N VAL B 110 -6.12 17.32 -17.25
CA VAL B 110 -6.85 17.68 -18.46
C VAL B 110 -6.93 19.21 -18.47
N MET B 111 -6.98 19.78 -19.66
CA MET B 111 -7.24 21.20 -19.81
C MET B 111 -8.52 21.56 -19.05
N PHE B 112 -8.53 22.65 -18.30
CA PHE B 112 -9.76 23.04 -17.60
C PHE B 112 -10.70 23.81 -18.51
N GLY B 113 -10.42 23.82 -19.81
CA GLY B 113 -11.26 24.49 -20.78
C GLY B 113 -12.37 23.60 -21.29
N GLY B 114 -13.59 23.82 -20.81
CA GLY B 114 -14.72 23.01 -21.23
C GLY B 114 -14.74 21.68 -20.49
N LEU B 115 -13.74 21.48 -19.64
CA LEU B 115 -13.67 20.27 -18.83
C LEU B 115 -13.65 20.62 -17.36
N THR B 116 -14.20 19.73 -16.53
CA THR B 116 -14.14 19.87 -15.09
C THR B 116 -13.87 18.52 -14.49
N HIS B 117 -13.52 18.48 -13.21
CA HIS B 117 -13.13 17.21 -12.59
C HIS B 117 -13.25 17.23 -11.06
N GLU B 118 -13.17 16.04 -10.48
CA GLU B 118 -13.41 15.84 -9.06
C GLU B 118 -12.46 16.66 -8.15
N PRO B 119 -11.14 16.59 -8.40
CA PRO B 119 -10.32 17.35 -7.46
C PRO B 119 -10.58 18.86 -7.51
N ALA B 120 -10.91 19.40 -8.69
CA ALA B 120 -11.17 20.83 -8.77
C ALA B 120 -12.39 21.22 -7.97
N ALA B 121 -13.41 20.35 -7.98
CA ALA B 121 -14.70 20.61 -7.32
C ALA B 121 -14.64 20.41 -5.81
N ARG B 122 -13.97 19.35 -5.37
CA ARG B 122 -13.73 19.13 -3.95
C ARG B 122 -12.86 20.21 -3.32
N LEU B 123 -11.77 20.57 -3.97
CA LEU B 123 -10.90 21.60 -3.42
C LEU B 123 -11.71 22.89 -3.32
N ALA B 124 -12.54 23.13 -4.33
CA ALA B 124 -13.25 24.40 -4.40
C ALA B 124 -14.22 24.53 -3.23
N LYS B 125 -15.14 23.58 -3.10
CA LYS B 125 -16.04 23.44 -1.93
C LYS B 125 -15.31 23.61 -0.60
N LEU B 126 -14.32 22.73 -0.38
CA LEU B 126 -13.37 22.87 0.73
C LEU B 126 -12.84 24.30 0.89
N LEU B 127 -12.40 24.91 -0.21
CA LEU B 127 -11.87 26.27 -0.13
C LEU B 127 -12.98 27.25 0.19
N VAL B 128 -14.14 27.07 -0.43
CA VAL B 128 -15.22 28.03 -0.33
C VAL B 128 -15.72 28.11 1.10
N ASP B 129 -15.77 26.95 1.74
CA ASP B 129 -16.38 26.86 3.06
C ASP B 129 -15.43 27.28 4.21
N ILE B 130 -14.16 26.85 4.14
CA ILE B 130 -13.18 27.16 5.20
C ILE B 130 -12.62 28.58 5.17
N THR B 131 -13.08 29.37 4.21
CA THR B 131 -12.53 30.70 4.00
C THR B 131 -13.40 31.75 4.67
N PRO B 132 -12.86 32.98 4.84
CA PRO B 132 -13.68 34.12 5.25
C PRO B 132 -14.98 34.10 4.48
N ALA B 133 -16.08 34.06 5.20
CA ALA B 133 -17.41 33.96 4.60
C ALA B 133 -17.61 34.92 3.44
N GLY B 134 -18.46 34.53 2.49
CA GLY B 134 -18.74 35.39 1.34
C GLY B 134 -17.82 35.09 0.16
N LEU B 135 -16.69 34.46 0.45
CA LEU B 135 -15.77 34.03 -0.61
C LEU B 135 -16.22 32.68 -1.15
N ASP B 136 -17.10 32.66 -2.14
CA ASP B 136 -17.53 31.35 -2.61
C ASP B 136 -17.31 31.04 -4.11
N THR B 137 -16.55 31.87 -4.82
CA THR B 137 -16.06 31.46 -6.14
C THR B 137 -14.56 31.15 -6.05
N VAL B 138 -14.02 30.40 -7.01
CA VAL B 138 -12.62 29.98 -6.95
C VAL B 138 -11.89 29.93 -8.31
N PHE B 139 -10.90 30.79 -8.47
CA PHE B 139 -10.02 30.82 -9.64
C PHE B 139 -8.67 30.14 -9.32
N PHE B 140 -8.43 28.97 -9.91
CA PHE B 140 -7.18 28.28 -9.68
C PHE B 140 -6.11 28.69 -10.61
N SER B 141 -4.88 28.66 -10.09
CA SER B 141 -3.69 29.01 -10.85
C SER B 141 -2.46 28.36 -10.20
N ASP B 142 -1.27 28.73 -10.64
CA ASP B 142 -0.07 27.95 -10.39
C ASP B 142 0.95 28.53 -9.42
N SER B 143 0.97 29.86 -9.28
CA SER B 143 1.91 30.47 -8.33
C SER B 143 1.24 31.61 -7.54
N GLY B 144 1.86 32.04 -6.46
CA GLY B 144 1.29 33.12 -5.67
C GLY B 144 1.21 34.39 -6.48
N SER B 145 2.33 34.69 -7.13
CA SER B 145 2.45 35.80 -8.05
C SER B 145 1.25 35.94 -9.00
N VAL B 146 0.93 34.86 -9.72
CA VAL B 146 -0.17 34.92 -10.68
C VAL B 146 -1.50 35.08 -9.94
N SER B 147 -1.67 34.28 -8.89
CA SER B 147 -2.79 34.42 -7.96
C SER B 147 -3.07 35.89 -7.57
N VAL B 148 -2.02 36.69 -7.39
CA VAL B 148 -2.15 38.12 -7.19
C VAL B 148 -2.64 38.93 -8.40
N GLU B 149 -2.09 38.67 -9.58
CA GLU B 149 -2.48 39.42 -10.77
C GLU B 149 -3.97 39.18 -11.05
N VAL B 150 -4.39 37.93 -10.87
CA VAL B 150 -5.77 37.56 -11.10
C VAL B 150 -6.70 38.39 -10.22
N ALA B 151 -6.29 38.60 -8.97
CA ALA B 151 -7.05 39.39 -8.00
C ALA B 151 -7.19 40.83 -8.51
N ALA B 152 -6.09 41.38 -8.99
CA ALA B 152 -6.04 42.70 -9.60
C ALA B 152 -7.00 42.75 -10.74
N LYS B 153 -6.92 41.73 -11.57
CA LYS B 153 -7.77 41.59 -12.74
C LYS B 153 -9.25 41.66 -12.36
N MET B 154 -9.66 40.82 -11.39
CA MET B 154 -11.02 40.87 -10.85
C MET B 154 -11.37 42.29 -10.40
N ALA B 155 -10.49 42.90 -9.60
CA ALA B 155 -10.74 44.23 -9.08
C ALA B 155 -10.99 45.20 -10.23
N LEU B 156 -10.06 45.24 -11.18
CA LEU B 156 -10.14 46.18 -12.28
C LEU B 156 -11.39 45.99 -13.12
N GLN B 157 -11.59 44.75 -13.55
CA GLN B 157 -12.76 44.39 -14.34
C GLN B 157 -14.04 44.63 -13.58
N TYR B 158 -13.99 44.44 -12.26
CA TYR B 158 -15.17 44.60 -11.42
C TYR B 158 -15.76 45.98 -11.60
N TRP B 159 -14.93 47.00 -11.45
CA TRP B 159 -15.43 48.37 -11.49
C TRP B 159 -15.70 48.80 -12.92
N ARG B 160 -15.06 48.11 -13.86
CA ARG B 160 -15.29 48.41 -15.26
C ARG B 160 -16.67 47.91 -15.61
N GLY B 161 -17.04 46.77 -15.03
CA GLY B 161 -18.41 46.34 -15.06
C GLY B 161 -19.34 47.35 -14.39
N ARG B 162 -18.84 48.09 -13.42
CA ARG B 162 -19.71 49.01 -12.70
C ARG B 162 -19.62 50.42 -13.23
N GLY B 163 -19.18 50.54 -14.48
CA GLY B 163 -19.07 51.82 -15.14
C GLY B 163 -18.15 52.81 -14.45
N LEU B 164 -17.10 52.30 -13.83
CA LEU B 164 -16.08 53.15 -13.22
C LEU B 164 -14.65 52.77 -13.69
N PRO B 165 -14.35 53.00 -14.99
CA PRO B 165 -12.99 52.82 -15.50
C PRO B 165 -11.97 53.63 -14.70
N GLY B 166 -12.48 54.62 -13.96
CA GLY B 166 -11.67 55.43 -13.09
C GLY B 166 -10.94 54.64 -12.02
N LYS B 167 -11.50 53.52 -11.61
CA LYS B 167 -10.91 52.78 -10.51
C LYS B 167 -9.96 51.74 -11.04
N ARG B 168 -8.66 52.02 -10.92
CA ARG B 168 -7.69 51.06 -11.40
C ARG B 168 -6.36 51.05 -10.61
N ARG B 169 -6.25 51.89 -9.58
CA ARG B 169 -5.02 51.91 -8.79
C ARG B 169 -5.13 51.05 -7.53
N LEU B 170 -3.98 50.78 -6.93
CA LEU B 170 -3.91 49.88 -5.79
C LEU B 170 -3.22 50.48 -4.59
N MET B 171 -4.01 50.76 -3.55
CA MET B 171 -3.46 51.26 -2.29
C MET B 171 -3.03 50.12 -1.38
N THR B 172 -1.86 50.26 -0.77
CA THR B 172 -1.41 49.33 0.26
C THR B 172 -0.65 50.17 1.26
N TRP B 173 -0.01 49.51 2.23
CA TRP B 173 0.91 50.17 3.14
C TRP B 173 2.33 49.69 2.88
N ARG B 174 3.29 50.20 3.64
CA ARG B 174 4.68 49.83 3.36
C ARG B 174 5.04 48.49 3.98
N GLY B 175 6.16 47.89 3.57
CA GLY B 175 6.57 46.61 4.12
C GLY B 175 5.87 45.38 3.59
N GLY B 176 5.02 45.55 2.58
CA GLY B 176 4.30 44.43 2.00
C GLY B 176 5.06 43.72 0.90
N TYR B 177 4.72 42.45 0.67
CA TYR B 177 5.27 41.66 -0.43
C TYR B 177 4.12 40.87 -1.08
N HIS B 178 4.09 40.83 -2.42
CA HIS B 178 2.99 40.16 -3.16
C HIS B 178 3.43 39.40 -4.41
N GLY B 179 4.71 39.02 -4.48
CA GLY B 179 5.22 38.27 -5.62
C GLY B 179 6.10 39.07 -6.56
N ASP B 180 6.78 38.37 -7.49
CA ASP B 180 7.77 38.99 -8.36
C ASP B 180 7.32 39.28 -9.81
N THR B 181 6.01 39.26 -10.06
CA THR B 181 5.49 39.70 -11.35
C THR B 181 5.28 41.21 -11.32
N PHE B 182 5.37 41.86 -12.49
CA PHE B 182 5.41 43.34 -12.58
C PHE B 182 4.20 44.11 -12.00
N LEU B 183 3.08 43.43 -11.81
CA LEU B 183 1.97 44.11 -11.14
C LEU B 183 2.07 43.85 -9.66
N ALA B 184 2.44 42.63 -9.28
CA ALA B 184 2.58 42.31 -7.87
C ALA B 184 3.71 43.08 -7.20
N MET B 185 4.83 43.23 -7.92
CA MET B 185 5.96 44.06 -7.50
C MET B 185 5.54 45.49 -7.25
N SER B 186 4.48 45.88 -7.95
CA SER B 186 3.92 47.23 -7.92
C SER B 186 3.33 47.58 -6.58
N ILE B 187 2.79 46.60 -5.88
CA ILE B 187 2.29 46.81 -4.53
C ILE B 187 3.22 46.19 -3.50
N CYS B 188 4.42 45.84 -3.94
CA CYS B 188 5.49 45.46 -3.00
C CYS B 188 6.17 46.71 -2.48
N ASP B 189 6.89 46.58 -1.38
CA ASP B 189 7.48 47.74 -0.71
C ASP B 189 8.42 48.51 -1.63
N PRO B 190 8.14 49.81 -1.83
CA PRO B 190 8.89 50.71 -2.71
C PRO B 190 10.26 51.13 -2.17
N HIS B 191 10.34 51.59 -0.93
CA HIS B 191 11.61 52.08 -0.35
C HIS B 191 12.38 51.01 0.42
N GLY B 192 12.34 49.78 -0.06
CA GLY B 192 12.98 48.67 0.61
C GLY B 192 12.70 47.37 -0.13
N HIS B 195 10.16 41.68 -5.06
CA HIS B 195 10.60 42.85 -5.81
C HIS B 195 11.69 43.67 -5.10
N SER B 196 11.64 44.98 -5.37
CA SER B 196 12.65 45.98 -4.98
C SER B 196 12.33 47.27 -5.74
N LEU B 197 12.84 48.41 -5.25
CA LEU B 197 12.62 49.68 -5.95
C LEU B 197 13.05 49.61 -7.41
N TRP B 198 12.12 49.89 -8.32
CA TRP B 198 12.39 49.81 -9.77
C TRP B 198 13.26 50.97 -10.24
N ASP B 200 10.90 53.72 -13.04
CA ASP B 200 9.68 54.19 -13.69
C ASP B 200 9.18 53.14 -14.67
N VAL B 201 8.84 51.97 -14.15
CA VAL B 201 8.43 50.84 -14.98
C VAL B 201 7.21 50.12 -14.39
N LEU B 202 7.17 50.07 -13.06
CA LEU B 202 6.00 49.52 -12.38
C LEU B 202 4.90 50.57 -12.42
N ALA B 203 3.67 50.15 -12.21
CA ALA B 203 2.58 51.10 -12.04
C ALA B 203 2.87 51.95 -10.80
N ALA B 204 2.30 53.15 -10.76
CA ALA B 204 2.40 53.99 -9.57
C ALA B 204 1.19 53.74 -8.68
N GLN B 205 1.44 53.27 -7.46
CA GLN B 205 0.35 52.94 -6.56
C GLN B 205 0.38 53.75 -5.27
N VAL B 206 -0.78 53.87 -4.63
CA VAL B 206 -0.90 54.58 -3.38
C VAL B 206 -0.34 53.80 -2.20
N PHE B 207 0.81 54.23 -1.68
CA PHE B 207 1.35 53.59 -0.48
C PHE B 207 1.04 54.40 0.78
N ALA B 208 0.61 53.69 1.82
CA ALA B 208 0.40 54.26 3.12
C ALA B 208 1.64 53.98 3.94
N PRO B 209 1.92 54.81 4.95
CA PRO B 209 3.14 54.53 5.71
C PRO B 209 3.04 53.25 6.49
N GLN B 210 4.14 52.89 7.17
CA GLN B 210 4.25 51.53 7.66
C GLN B 210 3.43 51.21 8.92
N VAL B 211 2.50 50.26 8.76
CA VAL B 211 1.49 49.90 9.80
C VAL B 211 2.11 49.32 11.08
N PRO B 212 1.93 50.07 12.18
CA PRO B 212 2.40 49.78 13.53
C PRO B 212 2.13 48.35 14.02
N ARG B 213 2.93 47.87 14.97
CA ARG B 213 2.63 46.58 15.57
C ARG B 213 1.43 46.66 16.49
N ASP B 214 1.33 47.74 17.27
CA ASP B 214 0.26 47.96 18.24
C ASP B 214 -0.80 48.90 17.69
N TYR B 215 -2.01 48.80 18.23
CA TYR B 215 -3.16 49.47 17.62
C TYR B 215 -3.24 50.94 18.02
N ASP B 216 -2.73 51.80 17.17
CA ASP B 216 -2.93 53.23 17.30
C ASP B 216 -4.11 53.62 16.40
N PRO B 217 -5.16 54.21 17.00
CA PRO B 217 -6.34 54.56 16.18
C PRO B 217 -6.06 55.69 15.18
N ALA B 218 -4.90 56.33 15.27
CA ALA B 218 -4.60 57.50 14.44
C ALA B 218 -4.02 57.09 13.09
N TYR B 219 -3.40 55.92 13.06
CA TYR B 219 -2.87 55.35 11.83
C TYR B 219 -4.01 55.01 10.87
N SER B 220 -5.08 54.43 11.41
CA SER B 220 -6.23 54.14 10.60
C SER B 220 -6.77 55.47 10.07
N ALA B 221 -6.77 56.48 10.93
CA ALA B 221 -7.27 57.79 10.56
C ALA B 221 -6.51 58.32 9.35
N ALA B 222 -5.20 58.32 9.45
CA ALA B 222 -4.31 58.77 8.37
C ALA B 222 -4.54 57.97 7.09
N PHE B 223 -4.68 56.66 7.27
CA PHE B 223 -4.90 55.72 6.17
C PHE B 223 -6.17 56.07 5.43
N GLU B 224 -7.24 56.26 6.17
CA GLU B 224 -8.51 56.63 5.59
C GLU B 224 -8.38 57.94 4.84
N ALA B 225 -7.68 58.90 5.43
CA ALA B 225 -7.57 60.23 4.84
C ALA B 225 -6.80 60.16 3.52
N GLN B 226 -5.82 59.27 3.46
CA GLN B 226 -5.04 59.06 2.24
C GLN B 226 -5.92 58.40 1.18
N LEU B 227 -6.53 57.28 1.53
CA LEU B 227 -7.49 56.62 0.65
C LEU B 227 -8.55 57.61 0.14
N ALA B 228 -8.96 58.53 1.01
CA ALA B 228 -9.98 59.53 0.71
C ALA B 228 -9.61 60.42 -0.49
N GLN B 229 -8.39 60.93 -0.51
CA GLN B 229 -7.96 61.73 -1.66
C GLN B 229 -7.87 60.87 -2.93
N HIS B 230 -7.88 59.55 -2.75
CA HIS B 230 -7.63 58.63 -3.86
C HIS B 230 -8.79 57.70 -4.22
N ALA B 231 -9.87 57.80 -3.44
CA ALA B 231 -10.99 56.88 -3.52
C ALA B 231 -11.44 56.58 -4.94
N GLY B 232 -11.77 57.62 -5.71
CA GLY B 232 -12.36 57.43 -7.02
C GLY B 232 -11.48 56.69 -8.01
N GLU B 233 -10.18 56.64 -7.74
CA GLU B 233 -9.25 56.00 -8.66
C GLU B 233 -8.63 54.74 -8.06
N LEU B 234 -9.17 54.31 -6.92
CA LEU B 234 -8.67 53.11 -6.26
C LEU B 234 -9.60 51.94 -6.43
N ALA B 235 -9.23 51.02 -7.32
CA ALA B 235 -10.04 49.82 -7.54
C ALA B 235 -9.98 48.92 -6.32
N ALA B 236 -8.84 48.96 -5.63
CA ALA B 236 -8.64 48.08 -4.50
C ALA B 236 -7.55 48.51 -3.54
N VAL B 237 -7.55 47.84 -2.40
CA VAL B 237 -6.53 47.93 -1.40
C VAL B 237 -6.04 46.52 -1.16
N VAL B 238 -4.76 46.26 -1.39
CA VAL B 238 -4.24 44.91 -1.16
C VAL B 238 -3.39 44.82 0.09
N VAL B 239 -3.62 43.80 0.91
CA VAL B 239 -2.89 43.67 2.15
C VAL B 239 -2.60 42.22 2.55
N GLU B 240 -1.43 42.01 3.13
CA GLU B 240 -1.17 40.80 3.89
C GLU B 240 -1.79 40.93 5.31
N PRO B 241 -2.75 40.04 5.65
CA PRO B 241 -3.45 40.04 6.94
C PRO B 241 -2.57 39.68 8.11
N VAL B 242 -2.49 40.59 9.08
CA VAL B 242 -1.83 40.36 10.37
C VAL B 242 -0.31 40.15 10.32
N VAL B 243 0.19 39.38 9.36
CA VAL B 243 1.63 39.15 9.25
C VAL B 243 2.16 39.44 7.83
N GLN B 244 3.20 40.27 7.78
CA GLN B 244 3.90 40.59 6.54
C GLN B 244 5.13 39.71 6.48
N GLY B 245 5.18 38.87 5.46
CA GLY B 245 6.16 37.80 5.40
C GLY B 245 7.49 38.26 4.86
N ALA B 246 7.66 38.21 3.54
CA ALA B 246 8.96 38.48 2.93
C ALA B 246 9.31 39.95 2.99
N GLY B 247 8.33 40.76 3.37
CA GLY B 247 8.54 42.18 3.54
C GLY B 247 9.42 42.45 4.74
N GLY B 248 9.42 41.51 5.69
CA GLY B 248 10.26 41.61 6.86
C GLY B 248 9.64 41.00 8.11
N MET B 249 8.97 39.85 7.95
CA MET B 249 8.40 39.07 9.05
C MET B 249 7.77 39.95 10.13
N ARG B 250 6.93 40.90 9.70
CA ARG B 250 6.35 41.86 10.65
C ARG B 250 4.89 41.59 10.93
N PHE B 251 4.53 41.79 12.19
CA PHE B 251 3.17 41.56 12.63
C PHE B 251 2.52 42.92 12.89
N HIS B 252 1.19 42.93 12.93
CA HIS B 252 0.46 44.10 13.39
C HIS B 252 -0.83 43.65 14.06
N ASP B 253 -1.44 44.56 14.82
CA ASP B 253 -2.64 44.24 15.60
C ASP B 253 -3.83 43.84 14.73
N PRO B 254 -4.42 42.66 15.00
CA PRO B 254 -5.58 42.19 14.24
C PRO B 254 -6.74 43.21 14.15
N ARG B 255 -6.80 44.20 15.03
CA ARG B 255 -7.86 45.19 14.92
C ARG B 255 -7.71 46.13 13.70
N TYR B 256 -6.51 46.25 13.15
CA TYR B 256 -6.33 47.06 11.94
C TYR B 256 -7.14 46.58 10.73
N LEU B 257 -7.18 45.27 10.53
CA LEU B 257 -7.92 44.69 9.41
C LEU B 257 -9.40 45.05 9.52
N HIS B 258 -9.86 45.22 10.75
CA HIS B 258 -11.25 45.61 10.99
C HIS B 258 -11.42 47.02 10.43
N ASP B 259 -10.45 47.89 10.71
CA ASP B 259 -10.52 49.27 10.25
C ASP B 259 -10.50 49.35 8.72
N LEU B 260 -9.64 48.54 8.09
CA LEU B 260 -9.57 48.52 6.63
C LEU B 260 -10.89 48.05 6.01
N ARG B 261 -11.47 47.00 6.60
CA ARG B 261 -12.77 46.50 6.14
C ARG B 261 -13.80 47.62 6.04
N ASP B 262 -13.93 48.37 7.13
CA ASP B 262 -14.90 49.47 7.20
C ASP B 262 -14.56 50.57 6.22
N ILE B 263 -13.32 51.07 6.29
CA ILE B 263 -12.81 52.09 5.36
C ILE B 263 -13.14 51.72 3.93
N CYS B 264 -12.80 50.50 3.55
CA CYS B 264 -13.10 50.04 2.20
C CYS B 264 -14.62 50.04 1.99
N ARG B 265 -15.35 49.59 3.00
CA ARG B 265 -16.80 49.46 2.90
C ARG B 265 -17.46 50.83 2.72
N ARG B 266 -16.95 51.85 3.40
CA ARG B 266 -17.59 53.16 3.33
C ARG B 266 -17.15 53.95 2.11
N TYR B 267 -16.13 53.46 1.43
CA TYR B 267 -15.59 54.19 0.29
C TYR B 267 -15.72 53.41 -1.00
N GLU B 268 -16.36 52.25 -0.91
CA GLU B 268 -16.51 51.37 -2.07
C GLU B 268 -15.16 51.18 -2.72
N VAL B 269 -14.25 50.63 -1.94
CA VAL B 269 -12.97 50.21 -2.45
C VAL B 269 -12.90 48.75 -2.11
N LEU B 270 -12.56 47.90 -3.08
CA LEU B 270 -12.50 46.48 -2.79
C LEU B 270 -11.38 46.30 -1.77
N LEU B 271 -11.53 45.32 -0.90
CA LEU B 271 -10.45 44.96 -0.01
C LEU B 271 -10.01 43.57 -0.39
N ILE B 272 -8.70 43.37 -0.49
CA ILE B 272 -8.15 42.11 -0.95
C ILE B 272 -7.11 41.64 0.02
N PHE B 273 -7.24 40.41 0.50
CA PHE B 273 -6.21 39.86 1.37
C PHE B 273 -5.28 38.96 0.57
N ASP B 274 -3.99 39.20 0.75
CA ASP B 274 -3.00 38.27 0.27
C ASP B 274 -2.64 37.34 1.43
N GLU B 275 -3.19 36.13 1.39
CA GLU B 275 -2.97 35.14 2.44
C GLU B 275 -2.05 34.02 1.93
N ILE B 276 -1.28 34.35 0.91
CA ILE B 276 -0.37 33.41 0.26
C ILE B 276 0.72 32.91 1.21
N ALA B 277 1.09 33.72 2.20
CA ALA B 277 1.95 33.27 3.30
C ALA B 277 1.20 32.93 4.59
N THR B 278 0.22 33.77 4.94
CA THR B 278 -0.51 33.61 6.21
C THR B 278 -1.41 32.36 6.26
N GLY B 279 -1.89 31.91 5.11
CA GLY B 279 -2.99 30.95 5.08
C GLY B 279 -2.78 29.62 5.77
N PHE B 280 -3.88 28.89 5.97
CA PHE B 280 -3.85 27.51 6.46
C PHE B 280 -3.10 27.37 7.77
N GLY B 281 -3.60 28.03 8.81
CA GLY B 281 -3.15 27.77 10.16
C GLY B 281 -1.84 28.39 10.60
N ARG B 282 -1.12 29.02 9.68
CA ARG B 282 0.27 29.44 9.94
C ARG B 282 0.42 30.46 11.07
N THR B 283 -0.44 31.48 11.09
CA THR B 283 -0.39 32.51 12.15
C THR B 283 -1.01 32.06 13.47
N GLY B 284 -1.92 31.09 13.45
CA GLY B 284 -2.49 30.59 14.69
C GLY B 284 -3.97 30.33 14.60
N ALA B 285 -4.63 31.10 13.73
CA ALA B 285 -5.98 30.80 13.30
C ALA B 285 -5.89 30.22 11.88
N LEU B 286 -7.04 29.87 11.30
CA LEU B 286 -7.06 29.15 10.02
C LEU B 286 -6.54 30.03 8.89
N PHE B 287 -6.97 31.29 8.91
CA PHE B 287 -6.41 32.37 8.09
C PHE B 287 -6.31 33.61 8.97
N ALA B 288 -5.22 34.35 8.84
CA ALA B 288 -5.01 35.56 9.66
C ALA B 288 -6.21 36.50 9.63
N ALA B 289 -6.91 36.53 8.50
CA ALA B 289 -8.17 37.26 8.38
C ALA B 289 -9.09 37.01 9.58
N ASP B 290 -9.12 35.79 10.06
CA ASP B 290 -10.03 35.41 11.14
C ASP B 290 -9.63 35.94 12.52
N HIS B 291 -8.44 36.52 12.63
CA HIS B 291 -8.03 37.15 13.88
C HIS B 291 -8.84 38.41 14.15
N ALA B 292 -9.46 38.97 13.10
CA ALA B 292 -10.34 40.11 13.27
C ALA B 292 -11.75 39.80 12.78
N GLY B 293 -11.98 38.54 12.43
CA GLY B 293 -13.26 38.10 11.90
C GLY B 293 -13.73 38.89 10.69
N VAL B 294 -12.78 39.32 9.86
CA VAL B 294 -13.09 40.13 8.69
C VAL B 294 -13.11 39.24 7.45
N SER B 295 -13.97 39.60 6.49
CA SER B 295 -13.99 38.98 5.17
C SER B 295 -13.71 40.02 4.06
N PRO B 296 -12.67 39.77 3.25
CA PRO B 296 -12.32 40.60 2.07
C PRO B 296 -13.17 40.31 0.85
N ASP B 297 -13.13 41.19 -0.13
CA ASP B 297 -13.90 40.94 -1.36
C ASP B 297 -13.20 39.84 -2.14
N ILE B 298 -11.87 39.87 -2.09
CA ILE B 298 -11.00 38.99 -2.87
C ILE B 298 -9.90 38.45 -1.98
N MET B 299 -9.55 37.18 -2.15
CA MET B 299 -8.55 36.55 -1.31
C MET B 299 -7.57 35.74 -2.17
N CYS B 300 -6.29 35.84 -1.84
CA CYS B 300 -5.24 35.08 -2.51
C CYS B 300 -4.62 34.06 -1.56
N VAL B 301 -4.47 32.81 -1.99
CA VAL B 301 -3.76 31.81 -1.18
C VAL B 301 -2.78 30.99 -2.07
N GLY B 302 -1.64 30.63 -1.51
CA GLY B 302 -0.70 29.74 -2.18
C GLY B 302 0.15 28.94 -1.23
N LYS B 303 1.45 28.89 -1.53
CA LYS B 303 2.50 28.29 -0.69
C LYS B 303 2.17 26.96 -0.01
N ALA B 304 1.41 27.01 1.06
CA ALA B 304 1.19 25.79 1.82
C ALA B 304 -0.08 25.05 1.35
N LEU B 305 -0.72 25.58 0.31
CA LEU B 305 -1.99 25.03 -0.17
C LEU B 305 -1.91 23.57 -0.56
N THR B 306 -0.75 23.15 -1.06
CA THR B 306 -0.57 21.77 -1.45
C THR B 306 0.33 21.02 -0.48
N GLY B 307 0.59 21.63 0.66
CA GLY B 307 1.42 20.98 1.66
C GLY B 307 2.86 20.86 1.19
N GLY B 308 3.25 21.76 0.30
CA GLY B 308 4.64 21.84 -0.13
C GLY B 308 5.07 20.83 -1.17
N TYR B 309 4.10 20.12 -1.75
CA TYR B 309 4.38 19.12 -2.78
C TYR B 309 4.54 19.73 -4.18
N LEU B 310 3.59 20.57 -4.58
CA LEU B 310 3.54 21.14 -5.94
C LEU B 310 3.18 22.62 -5.95
N SER B 311 3.53 23.28 -7.03
CA SER B 311 3.05 24.63 -7.26
C SER B 311 1.53 24.62 -7.49
N LEU B 312 0.82 25.46 -6.73
CA LEU B 312 -0.62 25.69 -6.92
C LEU B 312 -1.02 26.96 -6.21
N ALA B 313 -1.97 27.68 -6.78
CA ALA B 313 -2.51 28.86 -6.13
C ALA B 313 -4.01 28.91 -6.34
N ALA B 314 -4.70 29.77 -5.58
CA ALA B 314 -6.11 30.04 -5.81
C ALA B 314 -6.44 31.50 -5.50
N THR B 315 -7.39 32.06 -6.21
CA THR B 315 -7.86 33.42 -5.98
C THR B 315 -9.37 33.33 -5.81
N LEU B 316 -9.88 33.83 -4.68
CA LEU B 316 -11.31 33.72 -4.38
C LEU B 316 -11.97 35.09 -4.34
N CYS B 317 -13.20 35.20 -4.86
CA CYS B 317 -13.94 36.44 -4.77
C CYS B 317 -15.41 36.23 -4.42
N THR B 318 -16.04 37.23 -3.83
CA THR B 318 -17.46 37.11 -3.46
C THR B 318 -18.34 37.09 -4.71
N ALA B 319 -19.46 36.38 -4.59
CA ALA B 319 -20.43 36.22 -5.66
C ALA B 319 -20.72 37.53 -6.39
N ASP B 320 -20.88 38.60 -5.61
CA ASP B 320 -21.11 39.94 -6.15
C ASP B 320 -20.03 40.33 -7.17
N VAL B 321 -18.77 40.15 -6.79
CA VAL B 321 -17.66 40.51 -7.66
C VAL B 321 -17.72 39.71 -8.95
N ALA B 322 -18.00 38.43 -8.82
CA ALA B 322 -18.10 37.54 -9.98
C ALA B 322 -19.29 37.85 -10.88
N HIS B 323 -20.46 38.14 -10.30
CA HIS B 323 -21.62 38.51 -11.11
C HIS B 323 -21.45 39.85 -11.76
N THR B 324 -20.46 40.61 -11.36
CA THR B 324 -20.30 41.92 -11.95
C THR B 324 -19.32 41.82 -13.12
N ILE B 325 -18.33 40.93 -12.98
CA ILE B 325 -17.44 40.64 -14.09
C ILE B 325 -18.31 40.10 -15.23
N SER B 326 -18.73 38.84 -15.10
CA SER B 326 -19.72 38.26 -16.01
C SER B 326 -20.93 39.15 -15.90
N ALA B 327 -21.36 39.76 -17.01
CA ALA B 327 -22.48 40.75 -17.13
C ALA B 327 -21.96 42.11 -17.54
N GLY B 328 -20.76 42.45 -17.09
CA GLY B 328 -20.07 43.60 -17.63
C GLY B 328 -19.52 43.21 -19.00
N ALA B 329 -19.09 44.20 -19.77
CA ALA B 329 -18.46 43.97 -21.06
C ALA B 329 -17.41 42.86 -20.97
N ALA B 330 -17.07 42.27 -22.11
CA ALA B 330 -16.21 41.08 -22.18
C ALA B 330 -16.83 39.87 -21.45
N GLY B 331 -17.70 40.12 -20.47
CA GLY B 331 -18.53 39.08 -19.89
C GLY B 331 -17.80 37.88 -19.32
N ALA B 332 -16.56 38.09 -18.90
CA ALA B 332 -15.74 37.02 -18.36
C ALA B 332 -14.48 37.61 -17.77
N LEU B 333 -13.81 36.83 -16.93
CA LEU B 333 -12.53 37.21 -16.39
C LEU B 333 -11.49 36.68 -17.37
N MET B 334 -10.84 37.59 -18.12
CA MET B 334 -9.90 37.18 -19.16
C MET B 334 -8.60 36.67 -18.57
N HIS B 335 -8.58 35.40 -18.18
CA HIS B 335 -7.40 34.76 -17.60
C HIS B 335 -7.58 33.22 -17.66
N GLY B 336 -6.61 32.51 -18.23
CA GLY B 336 -6.68 31.05 -18.34
C GLY B 336 -5.36 30.30 -18.39
N PRO B 337 -4.78 29.99 -17.21
CA PRO B 337 -3.48 29.31 -17.21
C PRO B 337 -3.60 27.92 -17.78
N THR B 338 -2.56 27.47 -18.48
CA THR B 338 -2.53 26.15 -19.10
C THR B 338 -2.81 25.05 -18.09
N PHE B 339 -2.26 25.20 -16.91
CA PHE B 339 -2.43 24.17 -15.92
C PHE B 339 -3.45 24.56 -14.87
N MET B 340 -4.41 25.40 -15.25
CA MET B 340 -5.53 25.70 -14.36
C MET B 340 -6.27 24.46 -13.83
N ALA B 341 -6.36 24.38 -12.51
CA ALA B 341 -7.10 23.34 -11.78
C ALA B 341 -6.50 21.96 -11.93
N ASN B 342 -5.20 21.94 -12.23
CA ASN B 342 -4.46 20.69 -12.38
C ASN B 342 -4.77 19.64 -11.32
N PRO B 343 -5.40 18.53 -11.74
CA PRO B 343 -5.81 17.41 -10.87
C PRO B 343 -4.75 16.93 -9.86
N LEU B 344 -3.50 16.75 -10.28
CA LEU B 344 -2.48 16.37 -9.29
C LEU B 344 -2.38 17.37 -8.16
N ALA B 345 -2.19 18.64 -8.52
CA ALA B 345 -2.11 19.74 -7.55
C ALA B 345 -3.31 19.84 -6.64
N CYS B 346 -4.49 19.69 -7.21
CA CYS B 346 -5.71 19.80 -6.42
C CYS B 346 -5.82 18.62 -5.50
N ALA B 347 -5.70 17.42 -6.09
CA ALA B 347 -5.83 16.18 -5.34
C ALA B 347 -4.99 16.22 -4.08
N VAL B 348 -3.70 16.50 -4.24
CA VAL B 348 -2.83 16.47 -3.08
C VAL B 348 -3.27 17.57 -2.12
N SER B 349 -3.66 18.72 -2.66
CA SER B 349 -4.13 19.81 -1.82
C SER B 349 -5.39 19.44 -1.02
N VAL B 350 -6.25 18.59 -1.59
CA VAL B 350 -7.44 18.12 -0.87
C VAL B 350 -6.99 17.37 0.39
N ALA B 351 -6.12 16.39 0.23
CA ALA B 351 -5.48 15.73 1.36
C ALA B 351 -5.03 16.76 2.39
N SER B 352 -4.13 17.64 1.98
CA SER B 352 -3.50 18.60 2.88
C SER B 352 -4.54 19.37 3.69
N VAL B 353 -5.47 20.01 3.00
CA VAL B 353 -6.50 20.81 3.63
C VAL B 353 -7.28 19.91 4.56
N GLU B 354 -7.72 18.76 4.04
CA GLU B 354 -8.42 17.82 4.90
C GLU B 354 -7.56 17.46 6.11
N LEU B 355 -6.27 17.22 5.88
CA LEU B 355 -5.40 16.80 6.98
C LEU B 355 -5.36 17.85 8.10
N LEU B 356 -5.33 19.12 7.70
CA LEU B 356 -5.28 20.21 8.64
C LEU B 356 -6.56 20.19 9.47
N LEU B 357 -7.69 20.15 8.76
CA LEU B 357 -9.00 20.23 9.37
C LEU B 357 -9.37 19.03 10.24
N GLY B 358 -8.87 17.85 9.89
CA GLY B 358 -9.20 16.62 10.57
C GLY B 358 -8.42 16.31 11.82
N GLN B 359 -7.44 17.14 12.14
CA GLN B 359 -6.77 17.09 13.42
C GLN B 359 -7.16 18.37 14.14
N ASP B 360 -6.82 18.51 15.41
CA ASP B 360 -7.14 19.75 16.08
C ASP B 360 -5.95 20.69 15.96
N TRP B 361 -5.87 21.34 14.79
CA TRP B 361 -4.74 22.16 14.39
C TRP B 361 -4.47 23.34 15.33
N ARG B 362 -5.53 23.89 15.89
CA ARG B 362 -5.46 25.03 16.79
C ARG B 362 -4.63 24.76 18.04
N THR B 363 -4.91 23.67 18.74
CA THR B 363 -4.14 23.29 19.93
C THR B 363 -2.65 23.21 19.62
N ARG B 364 -2.31 22.70 18.45
CA ARG B 364 -0.89 22.45 18.17
C ARG B 364 -0.16 23.70 17.74
N ILE B 365 -0.75 24.50 16.85
CA ILE B 365 -0.10 25.74 16.44
C ILE B 365 0.21 26.54 17.71
N THR B 366 -0.80 26.67 18.58
CA THR B 366 -0.63 27.23 19.93
C THR B 366 0.62 26.68 20.63
N GLU B 367 0.77 25.36 20.63
CA GLU B 367 1.91 24.70 21.27
C GLU B 367 3.24 24.99 20.56
N LEU B 368 3.24 25.12 19.24
CA LEU B 368 4.42 25.59 18.55
C LEU B 368 4.70 27.03 19.01
N ALA B 369 3.68 27.88 18.99
CA ALA B 369 3.81 29.22 19.55
C ALA B 369 4.40 29.21 20.98
N ALA B 370 3.90 28.29 21.81
CA ALA B 370 4.40 28.16 23.17
C ALA B 370 5.87 27.80 23.12
N GLY B 371 6.19 26.82 22.27
CA GLY B 371 7.53 26.29 22.18
C GLY B 371 8.54 27.30 21.68
N LEU B 372 8.15 28.11 20.69
CA LEU B 372 9.05 29.10 20.14
C LEU B 372 9.24 30.19 21.16
N THR B 373 8.14 30.60 21.79
CA THR B 373 8.19 31.68 22.77
C THR B 373 9.14 31.35 23.92
N ALA B 374 9.05 30.13 24.44
CA ALA B 374 9.94 29.75 25.53
C ALA B 374 11.37 29.63 25.02
N GLY B 375 11.54 29.00 23.87
CA GLY B 375 12.86 28.72 23.33
C GLY B 375 13.57 29.96 22.82
N LEU B 376 12.82 31.00 22.49
CA LEU B 376 13.45 32.18 21.92
C LEU B 376 13.63 33.30 22.95
N ASP B 377 13.00 33.19 24.11
CA ASP B 377 13.07 34.30 25.10
C ASP B 377 14.50 34.66 25.52
N THR B 378 15.41 33.68 25.54
CA THR B 378 16.81 33.95 25.90
C THR B 378 17.48 34.92 24.93
N ALA B 379 17.03 34.91 23.68
CA ALA B 379 17.61 35.77 22.66
C ALA B 379 17.42 37.26 22.96
N ARG B 380 16.42 37.58 23.78
CA ARG B 380 16.12 38.99 24.05
C ARG B 380 17.23 39.69 24.83
N ALA B 381 18.04 38.89 25.52
CA ALA B 381 19.09 39.45 26.36
C ALA B 381 20.41 39.57 25.62
N LEU B 382 20.40 39.20 24.33
CA LEU B 382 21.61 39.29 23.51
C LEU B 382 21.81 40.71 23.00
N PRO B 383 23.08 41.11 22.81
CA PRO B 383 23.38 42.50 22.45
C PRO B 383 22.96 42.85 21.04
N ALA B 384 23.09 41.88 20.13
CA ALA B 384 22.78 42.09 18.73
C ALA B 384 21.29 41.96 18.46
N VAL B 385 20.52 41.54 19.48
CA VAL B 385 19.09 41.27 19.26
C VAL B 385 18.19 42.45 19.65
N THR B 386 17.40 42.90 18.69
CA THR B 386 16.57 44.10 18.81
C THR B 386 15.12 43.76 19.19
N ASP B 387 14.70 42.56 18.87
CA ASP B 387 13.32 42.18 19.14
C ASP B 387 13.09 40.70 18.92
N VAL B 388 12.20 40.15 19.74
CA VAL B 388 11.75 38.78 19.56
C VAL B 388 10.23 38.80 19.47
N ARG B 389 9.69 38.14 18.46
CA ARG B 389 8.24 38.12 18.32
C ARG B 389 7.82 36.77 17.80
N VAL B 390 6.75 36.23 18.36
CA VAL B 390 6.16 34.97 17.89
C VAL B 390 4.68 35.19 17.55
N CYS B 391 4.18 34.50 16.53
CA CYS B 391 2.76 34.56 16.19
C CYS B 391 2.35 33.28 15.46
N GLY B 392 1.68 32.40 16.17
CA GLY B 392 1.50 31.03 15.71
C GLY B 392 2.85 30.36 15.57
N ALA B 393 2.98 29.53 14.53
CA ALA B 393 4.25 28.86 14.25
C ALA B 393 5.15 29.78 13.44
N ILE B 394 5.39 30.96 13.98
CA ILE B 394 6.24 31.96 13.34
C ILE B 394 7.09 32.62 14.41
N GLY B 395 8.39 32.31 14.39
CA GLY B 395 9.30 32.82 15.41
C GLY B 395 10.36 33.73 14.84
N VAL B 396 10.42 34.96 15.34
CA VAL B 396 11.29 35.98 14.76
C VAL B 396 12.30 36.54 15.76
N ILE B 397 13.56 36.68 15.33
CA ILE B 397 14.58 37.40 16.10
C ILE B 397 15.15 38.53 15.22
N GLU B 398 14.67 39.75 15.41
CA GLU B 398 15.18 40.93 14.71
C GLU B 398 16.45 41.46 15.36
N CYS B 399 17.50 41.62 14.55
CA CYS B 399 18.80 42.04 15.03
C CYS B 399 19.04 43.50 14.67
N ASP B 400 20.27 43.97 14.93
CA ASP B 400 20.63 45.37 14.70
C ASP B 400 21.48 45.52 13.45
N ARG B 401 21.98 44.38 12.96
CA ARG B 401 22.84 44.30 11.80
C ARG B 401 22.13 43.40 10.80
N PRO B 402 22.56 43.42 9.52
CA PRO B 402 22.11 42.33 8.64
C PRO B 402 22.84 41.03 8.99
N VAL B 403 22.15 39.89 8.98
CA VAL B 403 22.78 38.62 9.33
C VAL B 403 23.55 38.04 8.18
N ASP B 404 24.79 37.63 8.44
CA ASP B 404 25.68 37.13 7.39
C ASP B 404 25.45 35.65 7.14
N LEU B 405 24.94 35.31 5.96
CA LEU B 405 24.61 33.91 5.68
C LEU B 405 25.87 33.07 5.62
N ALA B 406 27.01 33.72 5.47
CA ALA B 406 28.27 33.01 5.41
C ALA B 406 28.63 32.42 6.77
N VAL B 407 28.17 33.06 7.85
CA VAL B 407 28.38 32.53 9.19
C VAL B 407 27.13 31.80 9.74
N ALA B 408 25.94 32.33 9.46
CA ALA B 408 24.72 31.78 10.04
C ALA B 408 24.38 30.40 9.49
N THR B 409 24.47 30.26 8.17
CA THR B 409 24.10 29.00 7.53
C THR B 409 24.93 27.80 8.02
N PRO B 410 26.29 27.88 7.97
CA PRO B 410 27.05 26.78 8.56
C PRO B 410 26.63 26.51 10.01
N ALA B 411 26.59 27.58 10.81
CA ALA B 411 26.25 27.55 12.25
C ALA B 411 25.06 26.69 12.52
N ALA B 412 23.95 27.06 11.87
CA ALA B 412 22.68 26.35 12.00
C ALA B 412 22.83 24.91 11.58
N LEU B 413 23.62 24.70 10.53
CA LEU B 413 23.84 23.37 9.97
C LEU B 413 24.65 22.54 10.94
N ASP B 414 25.62 23.19 11.57
CA ASP B 414 26.41 22.59 12.65
C ASP B 414 25.52 22.09 13.80
N ARG B 415 24.40 22.80 14.06
CA ARG B 415 23.43 22.37 15.08
C ARG B 415 22.23 21.61 14.49
N GLY B 416 22.41 21.02 13.32
CA GLY B 416 21.41 20.13 12.76
C GLY B 416 20.12 20.83 12.40
N VAL B 417 20.21 22.04 11.88
CA VAL B 417 19.01 22.76 11.49
C VAL B 417 19.28 23.55 10.22
N TRP B 418 18.35 23.44 9.28
CA TRP B 418 18.35 24.30 8.10
C TRP B 418 17.79 25.66 8.47
N LEU B 419 18.67 26.66 8.47
CA LEU B 419 18.24 28.03 8.74
C LEU B 419 18.67 28.98 7.63
N ARG B 420 17.73 29.80 7.14
CA ARG B 420 18.08 30.84 6.20
C ARG B 420 17.66 32.23 6.68
N PRO B 421 18.60 32.94 7.33
CA PRO B 421 18.35 34.34 7.68
C PRO B 421 17.99 35.16 6.44
N PHE B 422 17.40 36.31 6.68
CA PHE B 422 17.16 37.25 5.62
C PHE B 422 17.19 38.65 6.21
N ARG B 423 17.92 39.56 5.56
CA ARG B 423 18.16 40.89 6.11
C ARG B 423 18.68 40.79 7.54
N ASN B 424 18.03 41.49 8.46
CA ASN B 424 18.39 41.44 9.88
C ASN B 424 17.57 40.42 10.67
N LEU B 425 16.87 39.53 9.98
CA LEU B 425 16.01 38.60 10.68
C LEU B 425 16.53 37.16 10.68
N VAL B 426 16.51 36.52 11.83
CA VAL B 426 16.76 35.09 11.94
C VAL B 426 15.45 34.47 12.38
N TYR B 427 14.79 33.74 11.48
CA TYR B 427 13.43 33.30 11.76
C TYR B 427 13.19 31.85 11.39
N ALA B 428 12.17 31.25 12.00
CA ALA B 428 11.76 29.90 11.63
C ALA B 428 10.29 29.92 11.35
N MET B 429 9.83 28.91 10.62
CA MET B 429 8.41 28.75 10.30
C MET B 429 8.20 27.26 10.21
N PRO B 430 8.40 26.56 11.34
CA PRO B 430 8.54 25.10 11.29
C PRO B 430 7.31 24.40 10.72
N PRO B 431 7.50 23.18 10.16
CA PRO B 431 6.43 22.25 9.85
C PRO B 431 5.59 22.01 11.10
N TYR B 432 4.28 21.86 10.94
CA TYR B 432 3.35 21.77 12.06
C TYR B 432 3.54 20.49 12.87
N ILE B 433 4.26 19.52 12.28
CA ILE B 433 4.45 18.25 12.94
C ILE B 433 5.79 18.14 13.66
N CYS B 434 6.46 19.26 13.87
CA CYS B 434 7.67 19.21 14.65
C CYS B 434 7.34 18.83 16.09
N THR B 435 8.06 17.87 16.64
CA THR B 435 7.93 17.52 18.06
C THR B 435 8.42 18.70 18.90
N PRO B 436 7.99 18.76 20.18
CA PRO B 436 8.46 19.77 21.13
C PRO B 436 9.98 19.88 21.24
N ALA B 437 10.66 18.75 21.21
CA ALA B 437 12.12 18.76 21.26
C ALA B 437 12.70 19.25 19.92
N GLU B 438 11.99 18.98 18.83
CA GLU B 438 12.45 19.45 17.53
C GLU B 438 12.36 20.98 17.47
N ILE B 439 11.41 21.56 18.21
CA ILE B 439 11.24 23.01 18.25
C ILE B 439 12.24 23.60 19.24
N THR B 440 12.86 22.74 20.05
CA THR B 440 13.89 23.19 20.96
C THR B 440 15.15 23.42 20.14
N GLN B 441 15.53 22.40 19.36
CA GLN B 441 16.69 22.46 18.46
C GLN B 441 16.65 23.75 17.64
N ILE B 442 15.51 23.97 16.99
CA ILE B 442 15.28 25.14 16.16
C ILE B 442 15.44 26.46 16.91
N THR B 443 14.77 26.64 18.04
CA THR B 443 14.92 27.88 18.80
C THR B 443 16.34 28.02 19.25
N SER B 444 16.93 26.92 19.69
CA SER B 444 18.27 26.95 20.25
C SER B 444 19.34 27.30 19.19
N ALA B 445 19.17 26.72 18.00
CA ALA B 445 20.09 26.98 16.89
C ALA B 445 19.95 28.44 16.46
N MET B 446 18.71 28.93 16.39
CA MET B 446 18.44 30.34 16.11
C MET B 446 19.18 31.24 17.09
N VAL B 447 19.14 30.88 18.38
CA VAL B 447 19.76 31.68 19.43
C VAL B 447 21.28 31.86 19.21
N GLU B 448 21.99 30.77 18.96
CA GLU B 448 23.43 30.83 18.77
C GLU B 448 23.79 31.70 17.58
N VAL B 449 23.03 31.51 16.48
CA VAL B 449 23.19 32.31 15.28
C VAL B 449 23.11 33.79 15.63
N ALA B 450 22.11 34.17 16.42
CA ALA B 450 21.95 35.55 16.86
C ALA B 450 23.16 36.01 17.67
N ARG B 451 23.56 35.19 18.63
CA ARG B 451 24.74 35.41 19.47
C ARG B 451 25.97 35.58 18.59
N LEU B 452 25.98 34.90 17.44
CA LEU B 452 27.11 34.96 16.52
C LEU B 452 27.21 36.31 15.80
N VAL B 453 26.26 37.22 16.05
CA VAL B 453 26.34 38.60 15.58
C VAL B 453 26.11 38.73 14.08
N GLY C 27 -6.31 -36.24 -13.97
CA GLY C 27 -7.57 -36.96 -14.00
C GLY C 27 -7.43 -38.40 -14.44
N LEU C 28 -7.37 -39.31 -13.47
CA LEU C 28 -6.89 -40.68 -13.72
C LEU C 28 -7.93 -41.77 -13.37
N THR C 29 -7.71 -42.95 -13.94
CA THR C 29 -8.57 -44.12 -13.70
C THR C 29 -8.36 -44.62 -12.28
N PRO C 30 -9.32 -45.38 -11.76
CA PRO C 30 -9.07 -45.97 -10.43
C PRO C 30 -7.83 -46.88 -10.40
N GLU C 31 -7.49 -47.50 -11.53
CA GLU C 31 -6.30 -48.35 -11.59
C GLU C 31 -5.03 -47.53 -11.35
N GLN C 32 -4.88 -46.42 -12.06
CA GLN C 32 -3.72 -45.55 -11.87
C GLN C 32 -3.69 -45.05 -10.44
N ILE C 33 -4.85 -44.62 -9.95
CA ILE C 33 -4.99 -44.19 -8.56
C ILE C 33 -4.44 -45.27 -7.64
N ILE C 34 -4.82 -46.52 -7.88
CA ILE C 34 -4.29 -47.63 -7.11
C ILE C 34 -2.80 -47.86 -7.34
N ALA C 35 -2.37 -47.76 -8.60
CA ALA C 35 -0.97 -47.94 -8.96
C ALA C 35 -0.09 -46.91 -8.27
N VAL C 36 -0.47 -45.64 -8.41
CA VAL C 36 0.16 -44.51 -7.72
C VAL C 36 0.18 -44.74 -6.22
N ASP C 37 -0.99 -45.07 -5.68
CA ASP C 37 -1.14 -45.38 -4.26
C ASP C 37 -0.21 -46.46 -3.73
N GLY C 38 -0.23 -47.63 -4.36
CA GLY C 38 0.58 -48.75 -3.89
C GLY C 38 2.06 -48.39 -3.80
N ALA C 39 2.47 -47.45 -4.64
CA ALA C 39 3.87 -47.09 -4.79
C ALA C 39 4.26 -45.80 -4.07
N HIS C 40 3.31 -44.88 -3.88
CA HIS C 40 3.67 -43.57 -3.37
C HIS C 40 2.96 -43.07 -2.09
N LEU C 41 1.77 -43.58 -1.78
CA LEU C 41 1.01 -43.04 -0.63
C LEU C 41 1.14 -43.83 0.66
N TRP C 42 1.42 -43.15 1.77
CA TRP C 42 1.24 -43.75 3.11
C TRP C 42 -0.22 -43.66 3.51
N HIS C 43 -0.66 -44.60 4.32
CA HIS C 43 -2.03 -44.55 4.84
C HIS C 43 -1.94 -44.50 6.36
N PRO C 44 -3.10 -44.47 7.08
CA PRO C 44 -2.91 -44.41 8.54
C PRO C 44 -2.33 -45.72 9.09
N TYR C 45 -1.23 -45.62 9.84
CA TYR C 45 -0.59 -46.77 10.48
C TYR C 45 -0.27 -47.85 9.48
N SER C 46 0.38 -47.43 8.40
CA SER C 46 0.50 -48.22 7.19
C SER C 46 1.91 -48.56 6.78
N SER C 47 2.00 -49.28 5.67
CA SER C 47 3.29 -49.69 5.13
C SER C 47 3.35 -49.28 3.68
N ILE C 48 4.53 -49.40 3.06
CA ILE C 48 4.61 -49.38 1.60
C ILE C 48 5.03 -50.76 1.14
N GLY C 49 4.20 -51.38 0.32
CA GLY C 49 4.24 -52.82 0.13
C GLY C 49 3.38 -53.46 1.21
N ARG C 50 2.07 -53.48 0.96
CA ARG C 50 0.98 -53.84 1.89
C ARG C 50 0.46 -52.65 2.69
N SER C 54 -5.13 -53.80 0.48
CA SER C 54 -5.01 -52.77 -0.56
C SER C 54 -6.25 -51.87 -0.60
N PRO C 55 -6.04 -50.54 -0.59
CA PRO C 55 -7.14 -49.61 -0.33
C PRO C 55 -8.18 -49.72 -1.39
N VAL C 56 -9.38 -49.21 -1.12
CA VAL C 56 -10.42 -49.14 -2.12
C VAL C 56 -10.58 -47.72 -2.64
N VAL C 57 -10.54 -47.55 -3.96
CA VAL C 57 -10.76 -46.24 -4.55
C VAL C 57 -12.16 -45.74 -4.22
N ALA C 58 -12.28 -44.49 -3.82
CA ALA C 58 -13.59 -43.89 -3.60
C ALA C 58 -13.69 -42.71 -4.53
N VAL C 59 -14.80 -42.60 -5.23
CA VAL C 59 -14.90 -41.58 -6.25
C VAL C 59 -15.91 -40.50 -5.89
N ALA C 60 -16.65 -40.68 -4.80
CA ALA C 60 -17.64 -39.68 -4.40
C ALA C 60 -18.22 -39.92 -3.01
N ALA C 61 -18.94 -38.91 -2.50
CA ALA C 61 -19.64 -39.02 -1.23
C ALA C 61 -20.81 -38.05 -1.21
N HIS C 62 -21.97 -38.52 -0.79
CA HIS C 62 -23.18 -37.71 -0.82
C HIS C 62 -24.12 -38.17 0.29
N GLY C 63 -24.67 -37.22 1.03
CA GLY C 63 -25.42 -37.57 2.23
C GLY C 63 -24.55 -38.48 3.07
N ALA C 64 -25.08 -39.63 3.46
CA ALA C 64 -24.34 -40.63 4.20
C ALA C 64 -23.91 -41.81 3.32
N TRP C 65 -23.70 -41.55 2.04
CA TRP C 65 -23.30 -42.61 1.10
C TRP C 65 -21.98 -42.28 0.43
N LEU C 66 -21.06 -43.24 0.43
CA LEU C 66 -19.81 -43.13 -0.33
C LEU C 66 -19.93 -43.96 -1.60
N THR C 67 -19.43 -43.43 -2.71
CA THR C 67 -19.36 -44.27 -3.91
C THR C 67 -17.99 -44.91 -3.97
N LEU C 68 -17.97 -46.22 -3.81
CA LEU C 68 -16.71 -46.94 -3.73
C LEU C 68 -16.52 -47.74 -5.01
N ILE C 69 -15.26 -48.04 -5.33
CA ILE C 69 -14.99 -48.78 -6.55
C ILE C 69 -14.58 -50.20 -6.22
N ARG C 70 -15.46 -51.13 -6.55
CA ARG C 70 -15.21 -52.54 -6.32
C ARG C 70 -15.26 -53.32 -7.64
N ASP C 71 -14.14 -53.95 -7.99
CA ASP C 71 -14.01 -54.74 -9.21
C ASP C 71 -14.15 -53.86 -10.47
N GLY C 72 -13.92 -52.56 -10.33
CA GLY C 72 -14.03 -51.67 -11.46
C GLY C 72 -15.33 -50.91 -11.45
N GLN C 73 -16.41 -51.63 -11.19
CA GLN C 73 -17.75 -51.05 -11.16
C GLN C 73 -18.03 -50.23 -9.90
N PRO C 74 -18.49 -48.98 -10.06
CA PRO C 74 -18.84 -48.11 -8.94
C PRO C 74 -20.06 -48.57 -8.16
N ILE C 75 -19.94 -48.69 -6.84
CA ILE C 75 -21.11 -48.95 -5.99
C ILE C 75 -21.33 -47.87 -4.93
N GLU C 76 -22.55 -47.79 -4.42
CA GLU C 76 -22.86 -46.84 -3.37
C GLU C 76 -23.03 -47.60 -2.06
N VAL C 77 -22.17 -47.31 -1.09
CA VAL C 77 -22.32 -47.96 0.21
C VAL C 77 -22.45 -46.93 1.32
N LEU C 78 -23.20 -47.28 2.35
CA LEU C 78 -23.38 -46.42 3.51
C LEU C 78 -22.07 -46.17 4.26
N ASP C 79 -21.89 -44.93 4.72
CA ASP C 79 -20.70 -44.54 5.47
C ASP C 79 -20.97 -44.74 6.97
N ALA C 80 -20.92 -46.00 7.40
CA ALA C 80 -21.26 -46.37 8.78
C ALA C 80 -20.28 -45.78 9.77
N MET C 81 -19.10 -45.42 9.26
CA MET C 81 -18.04 -44.89 10.10
C MET C 81 -18.03 -43.37 10.17
N SER C 82 -19.06 -42.74 9.59
CA SER C 82 -19.05 -41.28 9.36
C SER C 82 -17.67 -40.77 8.93
N SER C 83 -17.00 -41.55 8.07
CA SER C 83 -15.62 -41.30 7.68
C SER C 83 -14.77 -40.89 8.90
N TRP C 84 -14.91 -41.71 9.94
CA TRP C 84 -14.19 -41.58 11.19
C TRP C 84 -14.66 -40.36 11.98
N TRP C 85 -15.85 -40.49 12.56
CA TRP C 85 -16.46 -39.46 13.42
C TRP C 85 -16.66 -38.11 12.73
N THR C 86 -16.32 -38.01 11.45
CA THR C 86 -16.25 -36.71 10.80
C THR C 86 -17.57 -36.26 10.16
N ALA C 87 -18.22 -37.09 9.37
CA ALA C 87 -19.38 -36.59 8.61
C ALA C 87 -20.71 -36.65 9.38
N ILE C 88 -20.81 -35.95 10.50
CA ILE C 88 -21.99 -36.10 11.35
C ILE C 88 -23.27 -35.59 10.73
N HIS C 89 -23.15 -34.82 9.65
CA HIS C 89 -24.31 -34.35 8.88
C HIS C 89 -24.38 -35.02 7.53
N GLY C 90 -23.50 -35.97 7.29
CA GLY C 90 -23.41 -36.55 5.96
C GLY C 90 -22.62 -35.67 5.01
N HIS C 91 -21.98 -36.30 4.04
CA HIS C 91 -21.14 -35.59 3.08
C HIS C 91 -22.00 -34.74 2.18
N GLY C 92 -21.46 -33.60 1.74
CA GLY C 92 -22.13 -32.70 0.84
C GLY C 92 -23.52 -32.24 1.29
N HIS C 93 -23.67 -31.92 2.57
CA HIS C 93 -24.90 -31.32 3.06
C HIS C 93 -25.04 -29.91 2.51
N PRO C 94 -26.22 -29.57 1.99
CA PRO C 94 -26.36 -28.29 1.27
C PRO C 94 -25.96 -27.05 2.07
N ALA C 95 -26.51 -26.85 3.26
CA ALA C 95 -26.25 -25.62 4.01
C ALA C 95 -24.78 -25.50 4.42
N LEU C 96 -24.08 -26.63 4.46
CA LEU C 96 -22.67 -26.63 4.84
C LEU C 96 -21.82 -26.33 3.62
N ASP C 97 -22.28 -26.77 2.45
CA ASP C 97 -21.61 -26.41 1.20
C ASP C 97 -21.73 -24.91 0.95
N GLN C 98 -22.94 -24.41 1.16
CA GLN C 98 -23.24 -23.01 0.90
C GLN C 98 -22.31 -22.14 1.71
N ALA C 99 -22.21 -22.44 3.01
CA ALA C 99 -21.34 -21.69 3.91
C ALA C 99 -19.86 -21.74 3.50
N LEU C 100 -19.48 -22.82 2.82
CA LEU C 100 -18.11 -22.92 2.31
C LEU C 100 -17.93 -22.08 1.04
N THR C 101 -18.85 -22.22 0.09
CA THR C 101 -18.78 -21.43 -1.13
C THR C 101 -19.00 -19.94 -0.84
N THR C 102 -19.82 -19.65 0.17
CA THR C 102 -20.10 -18.28 0.62
C THR C 102 -18.84 -17.64 1.22
N GLN C 103 -18.15 -18.38 2.06
CA GLN C 103 -16.95 -17.85 2.68
C GLN C 103 -15.84 -17.70 1.62
N LEU C 104 -15.82 -18.62 0.66
CA LEU C 104 -14.78 -18.66 -0.35
C LEU C 104 -14.75 -17.37 -1.18
N ARG C 105 -15.91 -16.79 -1.41
CA ARG C 105 -15.98 -15.64 -2.30
C ARG C 105 -15.66 -14.33 -1.55
N VAL C 106 -15.83 -14.30 -0.24
CA VAL C 106 -15.47 -13.10 0.49
C VAL C 106 -13.99 -13.10 0.92
N MET C 107 -13.52 -14.20 1.51
CA MET C 107 -12.16 -14.23 2.08
C MET C 107 -11.71 -15.63 2.52
N ASN C 108 -10.66 -16.16 1.89
CA ASN C 108 -10.26 -17.55 2.09
C ASN C 108 -9.37 -17.78 3.32
N HIS C 109 -8.46 -16.83 3.58
CA HIS C 109 -7.57 -16.93 4.73
C HIS C 109 -6.73 -15.70 5.01
N VAL C 110 -6.86 -15.13 6.22
CA VAL C 110 -5.88 -14.15 6.70
C VAL C 110 -5.04 -14.80 7.78
N MET C 111 -3.95 -14.13 8.18
CA MET C 111 -3.10 -14.61 9.24
C MET C 111 -3.60 -14.04 10.56
N PHE C 112 -3.76 -14.90 11.57
CA PHE C 112 -4.46 -14.50 12.78
C PHE C 112 -3.48 -13.80 13.71
N GLY C 113 -2.23 -13.69 13.31
CA GLY C 113 -1.29 -12.83 14.00
C GLY C 113 -1.51 -11.37 13.61
N GLY C 114 -2.26 -10.63 14.44
CA GLY C 114 -2.50 -9.21 14.21
C GLY C 114 -3.84 -8.87 13.59
N LEU C 115 -4.52 -9.89 13.07
CA LEU C 115 -5.79 -9.73 12.39
C LEU C 115 -6.83 -10.64 13.02
N THR C 116 -8.09 -10.24 12.98
CA THR C 116 -9.19 -11.04 13.50
C THR C 116 -10.26 -11.03 12.44
N HIS C 117 -11.26 -11.89 12.57
CA HIS C 117 -12.33 -11.91 11.57
C HIS C 117 -13.62 -12.53 12.07
N GLU C 118 -14.64 -12.44 11.22
CA GLU C 118 -15.98 -12.85 11.56
C GLU C 118 -16.15 -14.36 11.74
N PRO C 119 -15.62 -15.17 10.81
CA PRO C 119 -15.73 -16.62 11.07
C PRO C 119 -15.20 -17.02 12.44
N ALA C 120 -13.94 -16.66 12.73
CA ALA C 120 -13.34 -16.96 14.01
C ALA C 120 -14.22 -16.50 15.19
N ALA C 121 -14.64 -15.25 15.17
CA ALA C 121 -15.49 -14.69 16.22
C ALA C 121 -16.78 -15.50 16.38
N ARG C 122 -17.55 -15.59 15.29
CA ARG C 122 -18.81 -16.33 15.30
C ARG C 122 -18.64 -17.72 15.91
N LEU C 123 -17.63 -18.45 15.43
CA LEU C 123 -17.35 -19.79 15.92
C LEU C 123 -16.87 -19.81 17.36
N ALA C 124 -16.10 -18.80 17.76
CA ALA C 124 -15.60 -18.73 19.14
C ALA C 124 -16.75 -18.48 20.10
N LYS C 125 -17.68 -17.63 19.67
CA LYS C 125 -18.89 -17.31 20.44
C LYS C 125 -19.76 -18.56 20.59
N LEU C 126 -19.89 -19.31 19.50
CA LEU C 126 -20.69 -20.53 19.51
C LEU C 126 -20.14 -21.52 20.53
N LEU C 127 -18.86 -21.80 20.43
CA LEU C 127 -18.22 -22.75 21.32
C LEU C 127 -18.18 -22.32 22.80
N VAL C 128 -18.10 -21.04 23.11
CA VAL C 128 -18.08 -20.64 24.53
C VAL C 128 -19.46 -20.88 25.18
N ASP C 129 -20.50 -20.75 24.37
CA ASP C 129 -21.87 -20.91 24.84
C ASP C 129 -22.34 -22.37 24.97
N ILE C 130 -21.97 -23.21 24.01
CA ILE C 130 -22.46 -24.59 24.00
C ILE C 130 -21.58 -25.55 24.77
N THR C 131 -20.37 -25.12 25.13
CA THR C 131 -19.45 -25.95 25.86
C THR C 131 -19.77 -25.90 27.35
N PRO C 132 -19.36 -26.92 28.11
CA PRO C 132 -19.72 -26.94 29.53
C PRO C 132 -19.29 -25.67 30.25
N ALA C 133 -20.23 -25.11 31.02
CA ALA C 133 -20.06 -23.84 31.75
C ALA C 133 -18.69 -23.65 32.36
N GLY C 134 -18.00 -22.60 31.91
CA GLY C 134 -16.67 -22.33 32.41
C GLY C 134 -15.60 -22.16 31.33
N LEU C 135 -15.92 -22.53 30.10
CA LEU C 135 -14.93 -22.42 29.05
C LEU C 135 -15.20 -21.16 28.21
N ASP C 136 -14.40 -20.12 28.47
CA ASP C 136 -14.65 -18.78 27.95
C ASP C 136 -13.68 -18.36 26.85
N THR C 137 -12.62 -19.13 26.64
CA THR C 137 -11.60 -18.77 25.66
C THR C 137 -11.33 -19.94 24.73
N VAL C 138 -11.17 -19.62 23.45
CA VAL C 138 -10.85 -20.62 22.42
C VAL C 138 -9.54 -20.34 21.66
N PHE C 139 -8.73 -21.40 21.56
CA PHE C 139 -7.48 -21.40 20.82
C PHE C 139 -7.65 -22.40 19.71
N PHE C 140 -7.95 -21.90 18.52
CA PHE C 140 -8.07 -22.75 17.36
C PHE C 140 -6.74 -23.37 16.95
N SER C 141 -6.80 -24.65 16.56
CA SER C 141 -5.64 -25.45 16.15
C SER C 141 -5.96 -26.04 14.77
N ASP C 142 -5.19 -27.02 14.33
CA ASP C 142 -5.40 -27.59 13.02
C ASP C 142 -5.78 -29.07 13.02
N SER C 143 -5.79 -29.67 14.20
CA SER C 143 -6.20 -31.07 14.35
C SER C 143 -6.28 -31.48 15.82
N GLY C 144 -6.87 -32.66 16.03
CA GLY C 144 -6.99 -33.19 17.37
C GLY C 144 -5.64 -33.19 18.09
N SER C 145 -4.67 -33.86 17.49
CA SER C 145 -3.37 -34.07 18.13
C SER C 145 -2.73 -32.74 18.59
N VAL C 146 -2.74 -31.73 17.73
CA VAL C 146 -2.15 -30.44 18.02
C VAL C 146 -2.92 -29.72 19.14
N SER C 147 -4.24 -29.79 19.10
CA SER C 147 -5.06 -29.16 20.12
C SER C 147 -4.82 -29.81 21.50
N VAL C 148 -4.48 -31.09 21.47
CA VAL C 148 -4.15 -31.79 22.69
C VAL C 148 -2.88 -31.20 23.25
N GLU C 149 -1.83 -31.24 22.44
CA GLU C 149 -0.57 -30.60 22.71
C GLU C 149 -0.73 -29.17 23.24
N VAL C 150 -1.71 -28.45 22.69
CA VAL C 150 -1.97 -27.07 23.12
C VAL C 150 -2.48 -27.05 24.56
N ALA C 151 -3.39 -27.97 24.86
CA ALA C 151 -3.97 -28.09 26.18
C ALA C 151 -2.91 -28.39 27.23
N ALA C 152 -2.00 -29.30 26.91
CA ALA C 152 -0.96 -29.66 27.85
C ALA C 152 -0.03 -28.48 28.07
N LYS C 153 0.28 -27.78 26.98
CA LYS C 153 1.02 -26.54 27.03
C LYS C 153 0.34 -25.56 28.00
N MET C 154 -0.97 -25.42 27.85
CA MET C 154 -1.80 -24.66 28.77
C MET C 154 -1.71 -25.15 30.22
N ALA C 155 -1.73 -26.47 30.39
CA ALA C 155 -1.58 -27.08 31.71
C ALA C 155 -0.23 -26.65 32.34
N LEU C 156 0.84 -26.90 31.61
CA LEU C 156 2.19 -26.65 32.07
C LEU C 156 2.42 -25.16 32.35
N GLN C 157 1.99 -24.32 31.42
CA GLN C 157 2.21 -22.88 31.55
C GLN C 157 1.40 -22.32 32.67
N TYR C 158 0.25 -22.96 32.94
CA TYR C 158 -0.54 -22.65 34.12
C TYR C 158 0.30 -22.83 35.40
N TRP C 159 0.78 -24.05 35.66
CA TRP C 159 1.44 -24.31 36.95
C TRP C 159 2.77 -23.62 37.13
N ARG C 160 3.35 -23.15 36.04
CA ARG C 160 4.53 -22.34 36.16
C ARG C 160 4.09 -20.93 36.53
N GLY C 161 2.95 -20.49 35.98
CA GLY C 161 2.40 -19.19 36.29
C GLY C 161 2.03 -19.09 37.76
N ARG C 162 1.92 -20.24 38.43
CA ARG C 162 1.59 -20.29 39.85
C ARG C 162 2.88 -20.33 40.67
N GLY C 163 3.99 -20.63 40.02
CA GLY C 163 5.29 -20.74 40.68
C GLY C 163 5.65 -22.18 41.02
N LEU C 164 4.97 -23.12 40.36
CA LEU C 164 5.09 -24.55 40.65
C LEU C 164 5.47 -25.37 39.41
N PRO C 165 6.68 -25.14 38.88
CA PRO C 165 7.04 -25.77 37.61
C PRO C 165 7.36 -27.25 37.81
N GLY C 166 7.21 -27.72 39.03
CA GLY C 166 7.34 -29.13 39.31
C GLY C 166 6.20 -29.92 38.69
N LYS C 167 5.00 -29.36 38.70
CA LYS C 167 3.81 -30.06 38.17
C LYS C 167 3.92 -30.17 36.64
N ARG C 168 4.66 -31.19 36.19
CA ARG C 168 5.07 -31.36 34.80
C ARG C 168 4.26 -32.43 34.09
N ARG C 169 3.94 -33.50 34.83
CA ARG C 169 3.45 -34.72 34.20
C ARG C 169 1.94 -34.72 33.99
N LEU C 170 1.46 -35.73 33.28
CA LEU C 170 0.03 -35.92 33.06
C LEU C 170 -0.36 -37.25 33.67
N MET C 171 -1.63 -37.35 34.08
CA MET C 171 -2.21 -38.63 34.54
C MET C 171 -3.48 -38.95 33.74
N THR C 172 -3.73 -40.24 33.53
CA THR C 172 -4.83 -40.67 32.65
C THR C 172 -5.23 -42.07 33.07
N TRP C 173 -6.33 -42.57 32.52
CA TRP C 173 -6.63 -43.99 32.67
C TRP C 173 -6.30 -44.69 31.37
N ARG C 174 -6.21 -46.02 31.43
CA ARG C 174 -5.82 -46.82 30.28
C ARG C 174 -6.95 -47.08 29.26
N GLY C 175 -6.55 -47.48 28.04
CA GLY C 175 -7.50 -47.66 26.94
C GLY C 175 -7.74 -46.35 26.19
N GLY C 176 -6.93 -45.35 26.49
CA GLY C 176 -7.18 -44.02 26.01
C GLY C 176 -6.47 -43.68 24.72
N TYR C 177 -7.00 -42.72 23.97
CA TYR C 177 -6.32 -42.19 22.78
C TYR C 177 -6.40 -40.65 22.69
N HIS C 178 -5.28 -40.00 22.35
CA HIS C 178 -5.21 -38.54 22.31
C HIS C 178 -4.40 -37.95 21.12
N GLY C 179 -3.99 -38.82 20.19
CA GLY C 179 -3.29 -38.34 19.00
C GLY C 179 -1.95 -39.02 18.75
N ASP C 180 -1.30 -38.65 17.65
CA ASP C 180 -0.09 -39.33 17.18
C ASP C 180 1.17 -38.53 17.38
N THR C 181 1.04 -37.22 17.54
CA THR C 181 2.21 -36.42 17.82
C THR C 181 2.73 -36.86 19.19
N PHE C 182 4.06 -36.79 19.37
CA PHE C 182 4.73 -37.49 20.47
C PHE C 182 4.25 -37.16 21.90
N LEU C 183 3.93 -35.90 22.20
CA LEU C 183 3.45 -35.62 23.55
C LEU C 183 2.05 -36.14 23.74
N ALA C 184 1.25 -36.10 22.68
CA ALA C 184 -0.05 -36.69 22.74
C ALA C 184 0.09 -38.20 22.91
N MET C 185 1.15 -38.77 22.36
CA MET C 185 1.31 -40.22 22.47
C MET C 185 1.54 -40.71 23.90
N SER C 186 2.30 -39.95 24.70
CA SER C 186 2.69 -40.42 26.03
C SER C 186 1.51 -40.62 27.00
N ILE C 187 0.33 -40.12 26.67
CA ILE C 187 -0.86 -40.42 27.46
C ILE C 187 -1.83 -41.32 26.71
N CYS C 188 -1.35 -41.98 25.66
CA CYS C 188 -2.14 -42.99 24.96
C CYS C 188 -1.94 -44.34 25.63
N ASP C 189 -2.95 -45.18 25.56
CA ASP C 189 -2.82 -46.54 26.07
C ASP C 189 -1.58 -47.19 25.49
N PRO C 190 -0.66 -47.63 26.35
CA PRO C 190 0.60 -48.25 25.95
C PRO C 190 0.43 -49.55 25.13
N HIS C 191 -0.80 -49.90 24.74
CA HIS C 191 -1.13 -51.14 24.02
C HIS C 191 -0.97 -52.37 24.92
N GLY C 192 -2.05 -53.12 25.06
CA GLY C 192 -2.08 -54.19 26.03
C GLY C 192 -2.18 -53.63 27.44
N THR C 199 7.38 -48.08 23.76
CA THR C 199 8.80 -48.03 23.42
C THR C 199 9.67 -47.32 24.51
N ASP C 200 10.44 -46.30 24.13
CA ASP C 200 11.49 -45.78 25.02
C ASP C 200 11.51 -44.27 25.20
N VAL C 201 11.50 -43.56 24.07
CA VAL C 201 11.72 -42.11 23.98
C VAL C 201 10.54 -41.28 24.50
N LEU C 202 9.41 -41.93 24.72
CA LEU C 202 8.23 -41.23 25.21
C LEU C 202 8.43 -40.74 26.65
N ALA C 203 7.63 -39.74 27.01
CA ALA C 203 7.58 -39.19 28.36
C ALA C 203 6.77 -40.10 29.28
N ALA C 204 7.36 -40.49 30.40
CA ALA C 204 6.69 -41.34 31.36
C ALA C 204 5.58 -40.56 32.02
N GLN C 205 4.34 -41.01 31.85
CA GLN C 205 3.20 -40.40 32.54
C GLN C 205 2.57 -41.41 33.52
N VAL C 206 1.58 -40.98 34.29
CA VAL C 206 0.91 -41.88 35.24
C VAL C 206 -0.39 -42.50 34.69
N PHE C 207 -0.44 -43.83 34.66
CA PHE C 207 -1.61 -44.56 34.20
C PHE C 207 -2.38 -45.28 35.33
N ALA C 208 -3.65 -44.90 35.50
CA ALA C 208 -4.56 -45.65 36.35
C ALA C 208 -4.96 -46.93 35.63
N PRO C 209 -5.66 -47.85 36.31
CA PRO C 209 -6.10 -48.96 35.48
C PRO C 209 -7.26 -48.60 34.56
N GLN C 210 -7.67 -49.56 33.73
CA GLN C 210 -8.82 -49.38 32.86
C GLN C 210 -10.06 -49.04 33.69
N VAL C 211 -10.68 -47.91 33.40
CA VAL C 211 -11.90 -47.52 34.08
C VAL C 211 -13.01 -48.46 33.61
N PRO C 212 -13.75 -49.06 34.57
CA PRO C 212 -14.68 -50.13 34.21
C PRO C 212 -15.91 -49.58 33.56
N ARG C 213 -16.66 -50.40 32.83
CA ARG C 213 -17.86 -49.94 32.18
C ARG C 213 -18.78 -49.44 33.26
N ASP C 214 -19.16 -50.33 34.17
CA ASP C 214 -20.10 -49.99 35.22
C ASP C 214 -19.43 -49.38 36.45
N TYR C 215 -20.15 -48.47 37.11
CA TYR C 215 -19.58 -47.61 38.14
C TYR C 215 -19.19 -48.36 39.40
N ASP C 216 -17.92 -48.24 39.78
CA ASP C 216 -17.47 -48.73 41.05
C ASP C 216 -16.68 -47.65 41.77
N PRO C 217 -17.24 -47.16 42.89
CA PRO C 217 -16.66 -46.21 43.83
C PRO C 217 -15.21 -46.50 44.20
N ALA C 218 -14.87 -47.78 44.29
CA ALA C 218 -13.52 -48.19 44.63
C ALA C 218 -12.54 -47.89 43.49
N TYR C 219 -13.05 -47.71 42.27
CA TYR C 219 -12.17 -47.26 41.21
C TYR C 219 -11.77 -45.83 41.50
N SER C 220 -12.78 -44.98 41.78
CA SER C 220 -12.54 -43.59 42.14
C SER C 220 -11.59 -43.40 43.33
N ALA C 221 -11.61 -44.32 44.28
CA ALA C 221 -10.72 -44.22 45.43
C ALA C 221 -9.30 -44.64 45.07
N ALA C 222 -9.17 -45.69 44.25
CA ALA C 222 -7.87 -46.20 43.83
C ALA C 222 -7.15 -45.23 42.88
N PHE C 223 -7.91 -44.62 41.98
CA PHE C 223 -7.41 -43.55 41.13
C PHE C 223 -6.86 -42.45 42.02
N GLU C 224 -7.68 -42.07 43.00
CA GLU C 224 -7.39 -40.96 43.88
C GLU C 224 -6.14 -41.17 44.75
N ALA C 225 -5.91 -42.41 45.20
CA ALA C 225 -4.73 -42.72 46.01
C ALA C 225 -3.48 -42.57 45.17
N GLN C 226 -3.56 -42.98 43.91
CA GLN C 226 -2.45 -42.89 42.97
C GLN C 226 -2.15 -41.43 42.69
N LEU C 227 -3.13 -40.74 42.11
CA LEU C 227 -3.04 -39.30 41.81
C LEU C 227 -2.45 -38.52 42.96
N ALA C 228 -2.85 -38.86 44.17
CA ALA C 228 -2.47 -38.13 45.38
C ALA C 228 -0.98 -38.18 45.57
N GLN C 229 -0.41 -39.28 45.11
CA GLN C 229 0.98 -39.64 45.34
C GLN C 229 1.90 -38.93 44.35
N HIS C 230 1.32 -38.47 43.25
CA HIS C 230 2.03 -37.66 42.26
C HIS C 230 1.49 -36.24 42.20
N ALA C 231 0.61 -35.88 43.13
CA ALA C 231 -0.09 -34.60 43.05
C ALA C 231 0.87 -33.42 42.83
N GLY C 232 1.99 -33.40 43.55
CA GLY C 232 2.93 -32.30 43.49
C GLY C 232 3.70 -32.19 42.18
N GLU C 233 3.55 -33.19 41.32
CA GLU C 233 4.25 -33.20 40.06
C GLU C 233 3.29 -33.35 38.88
N LEU C 234 2.00 -33.43 39.17
CA LEU C 234 1.00 -33.62 38.13
C LEU C 234 0.44 -32.29 37.68
N ALA C 235 0.65 -31.98 36.41
CA ALA C 235 0.04 -30.80 35.79
C ALA C 235 -1.43 -31.04 35.53
N ALA C 236 -1.76 -32.22 35.04
CA ALA C 236 -3.12 -32.46 34.57
C ALA C 236 -3.56 -33.93 34.60
N VAL C 237 -4.89 -34.09 34.61
CA VAL C 237 -5.54 -35.34 34.24
C VAL C 237 -6.08 -35.18 32.82
N VAL C 238 -5.78 -36.12 31.93
CA VAL C 238 -6.35 -36.07 30.59
C VAL C 238 -7.12 -37.33 30.27
N VAL C 239 -8.39 -37.18 29.89
CA VAL C 239 -9.27 -38.31 29.64
C VAL C 239 -10.22 -38.02 28.47
N GLU C 240 -10.62 -39.06 27.76
CA GLU C 240 -11.82 -38.96 26.92
C GLU C 240 -13.02 -39.21 27.83
N PRO C 241 -13.92 -38.22 27.94
CA PRO C 241 -15.06 -38.41 28.83
C PRO C 241 -16.13 -39.29 28.17
N VAL C 242 -16.55 -40.30 28.91
CA VAL C 242 -17.62 -41.24 28.53
C VAL C 242 -17.23 -42.23 27.42
N VAL C 243 -16.61 -41.77 26.35
CA VAL C 243 -16.21 -42.74 25.31
C VAL C 243 -14.72 -42.77 24.97
N GLN C 244 -14.16 -43.96 25.15
CA GLN C 244 -12.86 -44.29 24.65
C GLN C 244 -13.14 -44.70 23.23
N GLY C 245 -12.65 -43.94 22.26
CA GLY C 245 -12.95 -44.19 20.86
C GLY C 245 -11.92 -45.09 20.24
N ALA C 246 -10.79 -44.51 19.83
CA ALA C 246 -9.75 -45.23 19.10
C ALA C 246 -9.07 -46.28 19.99
N GLY C 247 -9.16 -46.10 21.30
CA GLY C 247 -8.58 -47.03 22.26
C GLY C 247 -9.33 -48.37 22.35
N GLY C 248 -10.48 -48.45 21.69
CA GLY C 248 -11.22 -49.70 21.62
C GLY C 248 -12.67 -49.58 22.02
N MET C 249 -13.32 -48.50 21.57
CA MET C 249 -14.77 -48.28 21.75
C MET C 249 -15.39 -48.62 23.13
N ARG C 250 -14.63 -48.43 24.22
CA ARG C 250 -15.16 -48.72 25.55
C ARG C 250 -15.93 -47.54 26.14
N PHE C 251 -17.09 -47.85 26.70
CA PHE C 251 -17.89 -46.86 27.39
C PHE C 251 -17.62 -47.04 28.88
N HIS C 252 -18.00 -46.05 29.68
CA HIS C 252 -17.89 -46.13 31.13
C HIS C 252 -18.87 -45.15 31.78
N ASP C 253 -19.28 -45.46 33.00
CA ASP C 253 -20.30 -44.65 33.67
C ASP C 253 -19.80 -43.23 33.92
N PRO C 254 -20.53 -42.24 33.41
CA PRO C 254 -20.18 -40.81 33.51
C PRO C 254 -19.91 -40.32 34.93
N ARG C 255 -20.47 -41.00 35.93
CA ARG C 255 -20.26 -40.71 37.35
C ARG C 255 -18.78 -40.46 37.66
N TYR C 256 -17.93 -41.16 36.91
CA TYR C 256 -16.49 -41.11 37.06
C TYR C 256 -15.95 -39.71 36.76
N LEU C 257 -16.47 -39.06 35.74
CA LEU C 257 -16.10 -37.70 35.42
C LEU C 257 -16.33 -36.79 36.63
N HIS C 258 -17.51 -36.90 37.23
CA HIS C 258 -17.81 -36.16 38.46
C HIS C 258 -16.76 -36.37 39.53
N ASP C 259 -16.34 -37.61 39.71
CA ASP C 259 -15.31 -37.89 40.70
C ASP C 259 -13.97 -37.25 40.32
N LEU C 260 -13.59 -37.33 39.06
CA LEU C 260 -12.33 -36.74 38.62
C LEU C 260 -12.38 -35.24 38.84
N ARG C 261 -13.51 -34.64 38.51
CA ARG C 261 -13.69 -33.20 38.69
C ARG C 261 -13.45 -32.87 40.13
N ASP C 262 -13.95 -33.74 41.01
CA ASP C 262 -13.73 -33.60 42.44
C ASP C 262 -12.27 -33.97 42.78
N ILE C 263 -11.78 -35.11 42.31
CA ILE C 263 -10.40 -35.52 42.62
C ILE C 263 -9.41 -34.41 42.27
N CYS C 264 -9.58 -33.83 41.09
CA CYS C 264 -8.66 -32.82 40.57
C CYS C 264 -8.78 -31.52 41.33
N ARG C 265 -10.01 -31.14 41.65
CA ARG C 265 -10.27 -29.97 42.48
C ARG C 265 -9.61 -30.08 43.87
N ARG C 266 -9.62 -31.28 44.45
CA ARG C 266 -9.16 -31.41 45.83
C ARG C 266 -7.65 -31.39 45.92
N TYR C 267 -6.98 -31.95 44.92
CA TYR C 267 -5.53 -32.03 45.00
C TYR C 267 -4.83 -31.01 44.10
N GLU C 268 -5.58 -29.99 43.66
CA GLU C 268 -5.05 -28.92 42.79
C GLU C 268 -4.30 -29.44 41.57
N VAL C 269 -5.04 -30.02 40.63
CA VAL C 269 -4.51 -30.60 39.41
C VAL C 269 -5.53 -30.33 38.34
N LEU C 270 -5.13 -29.76 37.20
CA LEU C 270 -6.12 -29.43 36.17
C LEU C 270 -6.81 -30.66 35.58
N LEU C 271 -8.11 -30.52 35.30
CA LEU C 271 -8.88 -31.53 34.55
C LEU C 271 -9.01 -31.23 33.03
N ILE C 272 -8.50 -32.12 32.18
CA ILE C 272 -8.65 -31.93 30.73
C ILE C 272 -9.58 -32.99 30.09
N PHE C 273 -10.69 -32.52 29.53
CA PHE C 273 -11.54 -33.42 28.74
C PHE C 273 -11.16 -33.40 27.26
N ASP C 274 -10.90 -34.58 26.72
CA ASP C 274 -10.66 -34.75 25.28
C ASP C 274 -11.94 -35.20 24.59
N GLU C 275 -12.63 -34.25 23.95
CA GLU C 275 -13.90 -34.51 23.27
C GLU C 275 -13.82 -34.31 21.77
N ILE C 276 -12.70 -34.73 21.21
CA ILE C 276 -12.44 -34.59 19.78
C ILE C 276 -13.26 -35.62 19.04
N ALA C 277 -13.48 -36.74 19.71
CA ALA C 277 -14.34 -37.79 19.19
C ALA C 277 -15.76 -37.72 19.79
N THR C 278 -15.89 -37.48 21.09
CA THR C 278 -17.24 -37.44 21.69
C THR C 278 -17.95 -36.11 21.47
N GLY C 279 -17.36 -35.20 20.70
CA GLY C 279 -17.92 -33.87 20.56
C GLY C 279 -19.19 -33.76 19.74
N PHE C 280 -19.97 -32.71 20.03
CA PHE C 280 -21.09 -32.30 19.18
C PHE C 280 -22.15 -33.40 19.01
N GLY C 281 -22.55 -33.99 20.13
CA GLY C 281 -23.72 -34.86 20.21
C GLY C 281 -23.57 -36.35 19.97
N ARG C 282 -22.35 -36.82 19.74
CA ARG C 282 -22.14 -38.21 19.32
C ARG C 282 -22.58 -39.25 20.36
N THR C 283 -22.62 -38.84 21.64
CA THR C 283 -22.89 -39.73 22.77
C THR C 283 -24.29 -39.58 23.38
N GLY C 284 -25.11 -38.73 22.79
CA GLY C 284 -26.43 -38.47 23.36
C GLY C 284 -26.55 -37.15 24.11
N ALA C 285 -25.42 -36.58 24.53
CA ALA C 285 -25.40 -35.22 25.06
C ALA C 285 -24.53 -34.38 24.14
N LEU C 286 -24.77 -33.07 24.09
CA LEU C 286 -24.06 -32.21 23.14
C LEU C 286 -22.55 -32.47 23.21
N PHE C 287 -22.02 -32.47 24.42
CA PHE C 287 -20.69 -33.02 24.64
C PHE C 287 -20.83 -34.01 25.78
N ALA C 288 -19.92 -34.98 25.84
CA ALA C 288 -20.03 -36.09 26.80
C ALA C 288 -19.96 -35.64 28.26
N ALA C 289 -19.23 -34.56 28.53
CA ALA C 289 -19.19 -34.00 29.89
C ALA C 289 -20.60 -33.82 30.43
N ASP C 290 -21.52 -33.45 29.52
CA ASP C 290 -22.87 -33.08 29.87
C ASP C 290 -23.62 -34.22 30.52
N HIS C 291 -23.12 -35.44 30.30
CA HIS C 291 -23.65 -36.62 30.99
C HIS C 291 -23.38 -36.58 32.50
N ALA C 292 -22.31 -35.90 32.89
CA ALA C 292 -21.87 -35.93 34.28
C ALA C 292 -22.10 -34.58 34.96
N GLY C 293 -22.60 -33.61 34.19
CA GLY C 293 -22.83 -32.27 34.67
C GLY C 293 -21.59 -31.47 35.06
N VAL C 294 -20.39 -31.90 34.65
CA VAL C 294 -19.16 -31.19 35.05
C VAL C 294 -18.48 -30.42 33.92
N SER C 295 -17.70 -29.42 34.32
CA SER C 295 -16.88 -28.66 33.40
C SER C 295 -15.40 -29.00 33.54
N PRO C 296 -14.71 -29.19 32.42
CA PRO C 296 -13.29 -29.38 32.66
C PRO C 296 -12.61 -28.04 32.85
N ASP C 297 -11.34 -28.06 33.26
CA ASP C 297 -10.51 -26.86 33.27
C ASP C 297 -10.13 -26.46 31.85
N ILE C 298 -9.75 -27.47 31.05
CA ILE C 298 -9.40 -27.35 29.66
C ILE C 298 -10.18 -28.36 28.78
N MET C 299 -10.56 -27.98 27.56
CA MET C 299 -11.33 -28.89 26.70
C MET C 299 -10.83 -28.97 25.24
N CYS C 300 -10.78 -30.18 24.68
CA CYS C 300 -10.37 -30.36 23.26
C CYS C 300 -11.53 -30.87 22.36
N VAL C 301 -11.67 -30.27 21.18
CA VAL C 301 -12.67 -30.72 20.22
C VAL C 301 -12.09 -30.71 18.81
N GLY C 302 -12.66 -31.50 17.91
CA GLY C 302 -12.09 -31.64 16.57
C GLY C 302 -12.86 -32.40 15.48
N LYS C 303 -12.77 -33.72 15.50
CA LYS C 303 -13.17 -34.58 14.38
C LYS C 303 -14.44 -34.13 13.65
N ALA C 304 -15.52 -33.95 14.39
CA ALA C 304 -16.78 -33.59 13.77
C ALA C 304 -17.01 -32.08 13.77
N LEU C 305 -15.99 -31.31 14.16
CA LEU C 305 -16.14 -29.83 14.26
C LEU C 305 -16.58 -29.18 12.96
N THR C 306 -15.93 -29.48 11.85
CA THR C 306 -16.27 -28.84 10.58
C THR C 306 -17.36 -29.61 9.84
N GLY C 307 -18.04 -30.51 10.55
CA GLY C 307 -18.94 -31.44 9.90
C GLY C 307 -18.22 -32.48 9.05
N GLY C 308 -16.91 -32.65 9.26
CA GLY C 308 -16.16 -33.62 8.49
C GLY C 308 -15.70 -33.12 7.13
N TYR C 309 -15.79 -31.80 6.94
CA TYR C 309 -15.36 -31.18 5.71
C TYR C 309 -13.85 -30.89 5.72
N LEU C 310 -13.39 -30.19 6.75
CA LEU C 310 -12.00 -29.77 6.79
C LEU C 310 -11.38 -29.98 8.16
N SER C 311 -10.05 -30.02 8.19
CA SER C 311 -9.34 -30.18 9.45
C SER C 311 -9.46 -28.93 10.30
N LEU C 312 -9.96 -29.10 11.52
CA LEU C 312 -10.09 -28.00 12.49
C LEU C 312 -10.18 -28.55 13.92
N ALA C 313 -9.36 -27.98 14.82
CA ALA C 313 -9.49 -28.29 16.23
C ALA C 313 -9.64 -27.02 17.02
N ALA C 314 -9.93 -27.20 18.31
CA ALA C 314 -10.03 -26.11 19.26
C ALA C 314 -9.72 -26.59 20.66
N THR C 315 -8.82 -25.89 21.33
CA THR C 315 -8.56 -26.10 22.74
C THR C 315 -9.18 -24.95 23.52
N LEU C 316 -10.04 -25.29 24.47
CA LEU C 316 -10.75 -24.30 25.26
C LEU C 316 -10.27 -24.40 26.71
N CYS C 317 -10.17 -23.27 27.38
CA CYS C 317 -9.82 -23.30 28.80
C CYS C 317 -10.60 -22.22 29.53
N THR C 318 -10.57 -22.27 30.86
CA THR C 318 -11.32 -21.34 31.68
C THR C 318 -10.64 -19.99 31.75
N ALA C 319 -11.34 -18.99 32.30
CA ALA C 319 -10.75 -17.68 32.47
C ALA C 319 -9.55 -17.73 33.45
N ASP C 320 -9.61 -18.63 34.43
CA ASP C 320 -8.54 -18.78 35.41
C ASP C 320 -7.23 -19.23 34.75
N VAL C 321 -7.25 -20.41 34.13
CA VAL C 321 -6.11 -20.87 33.33
C VAL C 321 -5.61 -19.80 32.33
N ALA C 322 -6.52 -19.24 31.56
CA ALA C 322 -6.19 -18.19 30.58
C ALA C 322 -5.53 -16.96 31.22
N HIS C 323 -6.07 -16.44 32.31
CA HIS C 323 -5.48 -15.24 32.90
C HIS C 323 -4.26 -15.57 33.74
N THR C 324 -4.21 -16.79 34.27
CA THR C 324 -3.02 -17.22 34.96
C THR C 324 -1.86 -17.34 33.98
N ILE C 325 -2.13 -17.84 32.77
CA ILE C 325 -1.08 -18.03 31.78
C ILE C 325 -0.55 -16.71 31.25
N SER C 326 -1.45 -15.75 31.03
CA SER C 326 -1.03 -14.43 30.57
C SER C 326 -0.36 -13.64 31.68
N ALA C 327 -0.61 -13.99 32.93
CA ALA C 327 0.02 -13.31 34.07
C ALA C 327 1.35 -13.95 34.37
N GLY C 328 1.47 -15.22 34.00
CA GLY C 328 2.74 -15.92 34.05
C GLY C 328 3.10 -16.31 32.63
N ALA C 329 3.62 -15.40 31.80
CA ALA C 329 4.38 -14.18 32.14
C ALA C 329 5.25 -14.35 33.38
N ALA C 330 6.27 -15.23 33.35
CA ALA C 330 6.75 -16.07 32.22
C ALA C 330 6.64 -15.46 30.82
N GLY C 331 5.75 -16.01 29.99
CA GLY C 331 5.45 -15.37 28.71
C GLY C 331 3.97 -15.13 28.53
N ALA C 332 3.42 -15.83 27.55
CA ALA C 332 1.99 -15.98 27.31
C ALA C 332 1.91 -17.38 26.71
N LEU C 333 0.87 -17.72 25.95
CA LEU C 333 0.79 -19.12 25.48
C LEU C 333 1.53 -19.31 24.16
N MET C 334 2.70 -19.93 24.25
CA MET C 334 3.67 -19.97 23.16
C MET C 334 3.33 -21.05 22.13
N HIS C 335 2.40 -20.70 21.25
CA HIS C 335 1.89 -21.58 20.22
C HIS C 335 1.13 -20.72 19.20
N GLY C 336 0.91 -21.26 18.02
CA GLY C 336 0.31 -20.49 16.94
C GLY C 336 0.47 -21.17 15.60
N PRO C 337 -0.40 -22.15 15.33
CA PRO C 337 -0.40 -22.88 14.07
C PRO C 337 -0.50 -21.91 12.91
N THR C 338 0.15 -22.23 11.80
CA THR C 338 0.14 -21.37 10.63
C THR C 338 -1.26 -21.02 10.16
N PHE C 339 -2.14 -22.02 10.09
CA PHE C 339 -3.49 -21.81 9.58
C PHE C 339 -4.50 -21.62 10.71
N MET C 340 -4.04 -21.02 11.80
CA MET C 340 -4.89 -20.69 12.95
C MET C 340 -6.11 -19.90 12.56
N ALA C 341 -7.26 -20.35 13.04
CA ALA C 341 -8.51 -19.62 12.83
C ALA C 341 -8.79 -19.45 11.35
N ASN C 342 -8.44 -20.47 10.57
CA ASN C 342 -8.66 -20.40 9.15
C ASN C 342 -10.12 -20.08 8.84
N PRO C 343 -10.35 -19.01 8.07
CA PRO C 343 -11.70 -18.55 7.70
C PRO C 343 -12.62 -19.61 7.07
N LEU C 344 -12.11 -20.43 6.14
CA LEU C 344 -12.97 -21.42 5.47
C LEU C 344 -13.35 -22.57 6.41
N ALA C 345 -12.48 -22.91 7.35
CA ALA C 345 -12.77 -24.00 8.27
C ALA C 345 -13.74 -23.51 9.34
N CYS C 346 -13.56 -22.26 9.76
CA CYS C 346 -14.41 -21.70 10.79
C CYS C 346 -15.83 -21.44 10.30
N ALA C 347 -15.97 -20.98 9.05
CA ALA C 347 -17.31 -20.70 8.51
C ALA C 347 -18.12 -21.97 8.31
N VAL C 348 -17.45 -23.08 8.06
CA VAL C 348 -18.18 -24.30 7.80
C VAL C 348 -18.56 -24.95 9.15
N SER C 349 -17.69 -24.81 10.15
CA SER C 349 -18.02 -25.20 11.51
C SER C 349 -19.22 -24.44 12.05
N VAL C 350 -19.21 -23.13 11.84
CA VAL C 350 -20.30 -22.26 12.24
C VAL C 350 -21.59 -22.76 11.61
N ALA C 351 -21.55 -23.04 10.31
CA ALA C 351 -22.71 -23.63 9.65
C ALA C 351 -23.09 -24.94 10.34
N SER C 352 -22.11 -25.81 10.53
CA SER C 352 -22.36 -27.12 11.09
C SER C 352 -22.95 -27.03 12.50
N VAL C 353 -22.28 -26.29 13.37
CA VAL C 353 -22.72 -26.14 14.77
C VAL C 353 -24.18 -25.63 14.83
N GLU C 354 -24.43 -24.45 14.27
CA GLU C 354 -25.77 -23.90 14.12
C GLU C 354 -26.81 -24.89 13.56
N LEU C 355 -26.40 -25.67 12.56
CA LEU C 355 -27.30 -26.64 11.91
C LEU C 355 -27.60 -27.82 12.83
N LEU C 356 -26.56 -28.33 13.47
CA LEU C 356 -26.73 -29.32 14.52
C LEU C 356 -27.75 -28.84 15.51
N LEU C 357 -27.67 -27.55 15.83
CA LEU C 357 -28.50 -26.98 16.88
C LEU C 357 -29.81 -26.43 16.37
N GLY C 358 -29.98 -26.38 15.05
CA GLY C 358 -31.21 -25.87 14.50
C GLY C 358 -32.33 -26.90 14.58
N GLN C 359 -32.03 -28.06 15.16
CA GLN C 359 -32.98 -29.16 15.21
C GLN C 359 -33.03 -29.81 16.57
N ASP C 360 -34.02 -30.67 16.75
CA ASP C 360 -34.12 -31.53 17.91
C ASP C 360 -33.13 -32.69 17.80
N TRP C 361 -31.83 -32.35 17.75
CA TRP C 361 -30.74 -33.32 17.65
C TRP C 361 -30.74 -34.39 18.74
N ARG C 362 -31.24 -34.05 19.92
CA ARG C 362 -31.21 -35.02 21.00
C ARG C 362 -32.24 -36.13 20.74
N THR C 363 -33.38 -35.77 20.17
CA THR C 363 -34.36 -36.73 19.66
C THR C 363 -33.76 -37.56 18.54
N ARG C 364 -33.08 -36.89 17.64
CA ARG C 364 -32.42 -37.53 16.51
C ARG C 364 -31.50 -38.66 16.99
N ILE C 365 -30.53 -38.32 17.84
CA ILE C 365 -29.53 -39.29 18.30
C ILE C 365 -30.20 -40.48 18.98
N THR C 366 -31.24 -40.19 19.77
CA THR C 366 -31.99 -41.19 20.49
C THR C 366 -32.54 -42.28 19.59
N GLU C 367 -33.11 -41.86 18.46
CA GLU C 367 -33.60 -42.83 17.51
C GLU C 367 -32.43 -43.66 16.99
N LEU C 368 -31.30 -43.01 16.70
CA LEU C 368 -30.11 -43.71 16.24
C LEU C 368 -29.68 -44.76 17.27
N ALA C 369 -29.58 -44.32 18.53
CA ALA C 369 -29.26 -45.22 19.64
C ALA C 369 -30.32 -46.33 19.82
N ALA C 370 -31.57 -46.01 19.53
CA ALA C 370 -32.62 -47.02 19.56
C ALA C 370 -32.51 -47.97 18.36
N GLY C 371 -32.40 -47.40 17.16
CA GLY C 371 -32.24 -48.19 15.96
C GLY C 371 -31.00 -49.05 16.01
N LEU C 372 -29.94 -48.54 16.64
CA LEU C 372 -28.69 -49.29 16.79
C LEU C 372 -28.86 -50.45 17.75
N THR C 373 -29.53 -50.20 18.86
CA THR C 373 -29.79 -51.26 19.84
C THR C 373 -30.66 -52.37 19.23
N ALA C 374 -31.60 -51.99 18.37
CA ALA C 374 -32.52 -52.95 17.80
C ALA C 374 -31.80 -53.90 16.85
N GLY C 375 -31.15 -53.32 15.84
CA GLY C 375 -30.43 -54.08 14.82
C GLY C 375 -29.29 -54.96 15.33
N LEU C 376 -28.62 -54.52 16.39
CA LEU C 376 -27.43 -55.21 16.89
C LEU C 376 -27.73 -56.19 18.01
N ASP C 377 -29.02 -56.47 18.22
CA ASP C 377 -29.45 -57.32 19.32
C ASP C 377 -29.24 -58.80 19.03
N THR C 378 -29.48 -59.18 17.79
CA THR C 378 -29.37 -60.57 17.39
C THR C 378 -27.91 -61.02 17.34
N ALA C 379 -27.01 -60.06 17.49
CA ALA C 379 -25.58 -60.35 17.56
C ALA C 379 -25.26 -61.08 18.85
N ARG C 380 -25.94 -60.68 19.92
CA ARG C 380 -25.58 -61.08 21.28
C ARG C 380 -25.40 -62.59 21.53
N ALA C 381 -26.04 -63.44 20.73
CA ALA C 381 -25.96 -64.88 20.95
C ALA C 381 -24.97 -65.57 20.01
N LEU C 382 -24.52 -64.86 18.98
CA LEU C 382 -23.50 -65.39 18.08
C LEU C 382 -22.25 -65.77 18.89
N PRO C 383 -21.77 -67.01 18.70
CA PRO C 383 -20.73 -67.65 19.53
C PRO C 383 -19.40 -66.90 19.61
N ALA C 384 -19.27 -65.82 18.86
CA ALA C 384 -18.02 -65.07 18.84
C ALA C 384 -18.21 -63.75 19.55
N VAL C 385 -19.45 -63.28 19.60
CA VAL C 385 -19.79 -62.03 20.26
C VAL C 385 -19.59 -62.14 21.78
N THR C 386 -18.76 -61.26 22.34
CA THR C 386 -18.55 -61.23 23.80
C THR C 386 -19.36 -60.11 24.46
N ASP C 387 -19.57 -59.02 23.72
CA ASP C 387 -20.43 -57.94 24.19
C ASP C 387 -21.13 -57.20 23.04
N VAL C 388 -22.26 -56.57 23.35
CA VAL C 388 -22.87 -55.61 22.44
C VAL C 388 -23.22 -54.36 23.24
N ARG C 389 -22.76 -53.20 22.78
CA ARG C 389 -23.05 -51.96 23.50
C ARG C 389 -23.34 -50.79 22.55
N VAL C 390 -24.16 -49.86 23.04
CA VAL C 390 -24.62 -48.71 22.29
C VAL C 390 -24.50 -47.45 23.17
N CYS C 391 -23.97 -46.37 22.63
CA CYS C 391 -23.98 -45.10 23.33
C CYS C 391 -24.21 -44.04 22.28
N GLY C 392 -25.27 -43.25 22.41
CA GLY C 392 -25.64 -42.30 21.37
C GLY C 392 -25.59 -42.94 19.98
N ALA C 393 -25.09 -42.20 19.00
CA ALA C 393 -24.88 -42.74 17.65
C ALA C 393 -23.61 -43.61 17.57
N ILE C 394 -23.49 -44.58 18.47
CA ILE C 394 -22.31 -45.45 18.52
C ILE C 394 -22.70 -46.90 18.76
N GLY C 395 -22.35 -47.76 17.81
CA GLY C 395 -22.74 -49.16 17.90
C GLY C 395 -21.53 -50.05 17.89
N VAL C 396 -21.39 -50.87 18.92
CA VAL C 396 -20.22 -51.72 19.03
C VAL C 396 -20.58 -53.20 19.29
N ILE C 397 -20.09 -54.09 18.43
CA ILE C 397 -20.06 -55.52 18.68
C ILE C 397 -18.63 -55.92 19.01
N GLU C 398 -18.43 -56.50 20.20
CA GLU C 398 -17.10 -56.96 20.59
C GLU C 398 -16.99 -58.48 20.53
N CYS C 399 -15.88 -58.97 19.99
CA CYS C 399 -15.70 -60.42 19.77
C CYS C 399 -14.64 -61.03 20.70
N ASP C 400 -14.44 -62.33 20.57
CA ASP C 400 -13.42 -63.06 21.33
C ASP C 400 -12.20 -63.33 20.49
N ARG C 401 -12.13 -62.68 19.34
CA ARG C 401 -11.08 -62.95 18.37
C ARG C 401 -10.94 -61.77 17.40
N PRO C 402 -9.72 -61.55 16.89
CA PRO C 402 -9.45 -60.58 15.83
C PRO C 402 -10.37 -60.74 14.64
N VAL C 403 -11.06 -59.67 14.25
CA VAL C 403 -11.85 -59.66 13.02
C VAL C 403 -10.92 -59.61 11.84
N ASP C 404 -10.78 -60.74 11.13
CA ASP C 404 -10.03 -60.75 9.89
C ASP C 404 -10.62 -59.73 8.93
N LEU C 405 -9.91 -58.61 8.72
CA LEU C 405 -10.46 -57.54 7.90
C LEU C 405 -10.62 -57.96 6.46
N ALA C 406 -9.68 -58.77 5.98
CA ALA C 406 -9.72 -59.29 4.62
C ALA C 406 -10.98 -60.14 4.37
N VAL C 407 -11.65 -60.56 5.44
CA VAL C 407 -12.91 -61.28 5.33
C VAL C 407 -14.07 -60.30 5.46
N ALA C 408 -13.96 -59.41 6.44
CA ALA C 408 -15.06 -58.53 6.82
C ALA C 408 -15.32 -57.43 5.80
N THR C 409 -14.25 -56.77 5.33
CA THR C 409 -14.40 -55.63 4.43
C THR C 409 -15.07 -56.01 3.09
N PRO C 410 -14.60 -57.08 2.41
CA PRO C 410 -15.39 -57.46 1.24
C PRO C 410 -16.83 -57.75 1.57
N ALA C 411 -17.05 -58.59 2.58
CA ALA C 411 -18.39 -59.03 2.97
C ALA C 411 -19.37 -57.88 3.16
N ALA C 412 -19.03 -56.92 4.01
CA ALA C 412 -19.99 -55.86 4.35
C ALA C 412 -20.23 -54.96 3.15
N LEU C 413 -19.32 -55.00 2.17
CA LEU C 413 -19.52 -54.25 0.94
C LEU C 413 -20.63 -54.86 0.09
N ASP C 414 -20.85 -56.17 0.26
CA ASP C 414 -21.97 -56.84 -0.37
C ASP C 414 -23.27 -56.25 0.13
N ARG C 415 -23.29 -55.87 1.40
CA ARG C 415 -24.51 -55.37 2.00
C ARG C 415 -24.60 -53.86 1.80
N GLY C 416 -23.67 -53.31 1.03
CA GLY C 416 -23.65 -51.89 0.78
C GLY C 416 -23.40 -51.05 2.03
N VAL C 417 -22.34 -51.37 2.78
CA VAL C 417 -21.94 -50.59 3.96
C VAL C 417 -20.42 -50.46 4.02
N TRP C 418 -19.92 -49.24 4.21
CA TRP C 418 -18.51 -49.06 4.53
C TRP C 418 -18.36 -49.38 6.01
N LEU C 419 -17.83 -50.57 6.27
CA LEU C 419 -17.62 -51.04 7.62
C LEU C 419 -16.12 -51.19 7.81
N ARG C 420 -15.63 -50.75 8.96
CA ARG C 420 -14.20 -50.67 9.16
C ARG C 420 -13.82 -51.17 10.54
N PRO C 421 -13.80 -52.50 10.70
CA PRO C 421 -13.33 -53.21 11.89
C PRO C 421 -11.97 -52.76 12.40
N PHE C 422 -11.63 -53.27 13.57
CA PHE C 422 -10.49 -52.82 14.33
C PHE C 422 -10.30 -53.73 15.55
N ARG C 423 -9.18 -54.44 15.56
CA ARG C 423 -8.85 -55.41 16.61
C ARG C 423 -9.88 -56.51 16.66
N ASN C 424 -10.73 -56.51 17.67
CA ASN C 424 -11.77 -57.52 17.76
C ASN C 424 -13.14 -56.86 17.76
N LEU C 425 -13.19 -55.66 17.18
CA LEU C 425 -14.37 -54.81 17.24
C LEU C 425 -15.05 -54.61 15.90
N VAL C 426 -16.34 -54.86 15.86
CA VAL C 426 -17.14 -54.52 14.70
C VAL C 426 -18.03 -53.38 15.13
N TYR C 427 -17.91 -52.23 14.47
CA TYR C 427 -18.52 -51.02 15.01
C TYR C 427 -18.80 -49.89 14.03
N ALA C 428 -19.77 -49.06 14.41
CA ALA C 428 -20.34 -48.04 13.55
C ALA C 428 -20.69 -46.76 14.31
N MET C 429 -20.53 -45.62 13.64
CA MET C 429 -20.88 -44.32 14.20
C MET C 429 -21.59 -43.48 13.15
N PRO C 430 -22.76 -43.98 12.68
CA PRO C 430 -23.44 -43.43 11.52
C PRO C 430 -23.70 -41.94 11.65
N PRO C 431 -23.73 -41.24 10.50
CA PRO C 431 -24.11 -39.84 10.36
C PRO C 431 -25.46 -39.58 11.03
N TYR C 432 -25.72 -38.37 11.52
CA TYR C 432 -26.96 -38.13 12.22
C TYR C 432 -28.14 -38.02 11.26
N ILE C 433 -27.87 -38.14 9.96
CA ILE C 433 -28.94 -38.06 8.97
C ILE C 433 -29.48 -39.44 8.63
N CYS C 434 -28.73 -40.49 8.95
CA CYS C 434 -29.12 -41.86 8.61
C CYS C 434 -30.55 -42.21 9.05
N THR C 435 -31.33 -42.73 8.09
CA THR C 435 -32.72 -43.14 8.29
C THR C 435 -32.83 -44.51 8.98
N PRO C 436 -34.04 -44.88 9.47
CA PRO C 436 -34.22 -46.19 10.08
C PRO C 436 -33.77 -47.33 9.15
N ALA C 437 -34.16 -47.23 7.89
CA ALA C 437 -33.73 -48.22 6.88
C ALA C 437 -32.20 -48.33 6.82
N GLU C 438 -31.53 -47.19 6.69
CA GLU C 438 -30.08 -47.19 6.61
C GLU C 438 -29.44 -47.79 7.88
N ILE C 439 -29.96 -47.41 9.05
CA ILE C 439 -29.49 -47.98 10.31
C ILE C 439 -29.78 -49.48 10.42
N THR C 440 -30.94 -49.90 9.93
CA THR C 440 -31.21 -51.33 9.80
C THR C 440 -30.19 -51.96 8.85
N GLN C 441 -29.90 -51.27 7.76
CA GLN C 441 -28.90 -51.75 6.79
C GLN C 441 -27.46 -51.72 7.34
N ILE C 442 -27.14 -50.72 8.15
CA ILE C 442 -25.83 -50.70 8.82
C ILE C 442 -25.68 -51.79 9.89
N THR C 443 -26.60 -51.83 10.86
CA THR C 443 -26.54 -52.81 11.96
C THR C 443 -26.54 -54.27 11.51
N SER C 444 -27.50 -54.61 10.65
CA SER C 444 -27.56 -55.94 10.02
C SER C 444 -26.26 -56.41 9.37
N ALA C 445 -25.60 -55.56 8.59
CA ALA C 445 -24.32 -55.90 7.97
C ALA C 445 -23.24 -56.19 9.03
N MET C 446 -23.37 -55.55 10.19
CA MET C 446 -22.44 -55.76 11.30
C MET C 446 -22.62 -57.11 11.98
N VAL C 447 -23.87 -57.52 12.15
CA VAL C 447 -24.19 -58.80 12.77
C VAL C 447 -23.57 -59.88 11.89
N GLU C 448 -23.61 -59.62 10.59
CA GLU C 448 -23.06 -60.49 9.57
C GLU C 448 -21.56 -60.71 9.69
N VAL C 449 -20.82 -59.62 9.75
CA VAL C 449 -19.38 -59.69 9.89
C VAL C 449 -19.05 -60.50 11.13
N ALA C 450 -19.76 -60.21 12.21
CA ALA C 450 -19.61 -60.94 13.45
C ALA C 450 -19.74 -62.44 13.23
N ARG C 451 -20.79 -62.84 12.54
CA ARG C 451 -21.15 -64.26 12.49
C ARG C 451 -20.09 -65.05 11.78
N LEU C 452 -19.47 -64.45 10.77
CA LEU C 452 -18.52 -65.20 9.94
C LEU C 452 -17.24 -65.47 10.71
N VAL C 453 -16.83 -64.57 11.60
CA VAL C 453 -15.53 -64.73 12.28
C VAL C 453 -15.46 -66.05 13.04
N GLY C 454 -16.62 -66.69 13.21
CA GLY C 454 -16.70 -68.09 13.60
C GLY C 454 -16.42 -69.03 12.44
N GLY D 27 -25.10 -12.44 12.05
CA GLY D 27 -24.10 -11.51 11.53
C GLY D 27 -23.21 -11.03 12.65
N LEU D 28 -22.25 -10.15 12.33
CA LEU D 28 -21.33 -9.56 13.31
C LEU D 28 -20.56 -8.33 12.75
N THR D 29 -20.87 -7.14 13.23
CA THR D 29 -20.15 -5.94 12.81
C THR D 29 -18.70 -6.01 13.30
N PRO D 30 -17.81 -5.14 12.76
CA PRO D 30 -16.44 -5.18 13.29
C PRO D 30 -16.35 -4.80 14.77
N GLU D 31 -17.19 -3.87 15.21
CA GLU D 31 -17.30 -3.57 16.63
C GLU D 31 -17.61 -4.82 17.42
N GLN D 32 -18.49 -5.65 16.89
CA GLN D 32 -18.89 -6.87 17.57
C GLN D 32 -17.81 -7.94 17.51
N ILE D 33 -17.10 -8.02 16.39
CA ILE D 33 -16.03 -8.99 16.21
C ILE D 33 -14.91 -8.77 17.21
N ILE D 34 -14.56 -7.50 17.40
CA ILE D 34 -13.50 -7.13 18.30
C ILE D 34 -13.83 -7.58 19.71
N ALA D 35 -15.07 -7.28 20.11
CA ALA D 35 -15.55 -7.59 21.45
C ALA D 35 -15.52 -9.09 21.66
N VAL D 36 -15.95 -9.84 20.66
CA VAL D 36 -15.96 -11.30 20.75
C VAL D 36 -14.53 -11.77 20.83
N ASP D 37 -13.68 -11.14 20.02
CA ASP D 37 -12.28 -11.52 19.93
C ASP D 37 -11.53 -11.34 21.25
N GLY D 38 -11.37 -10.09 21.66
CA GLY D 38 -10.67 -9.74 22.90
C GLY D 38 -11.10 -10.58 24.09
N ALA D 39 -12.38 -10.97 24.11
CA ALA D 39 -12.92 -11.82 25.17
C ALA D 39 -12.62 -13.31 24.99
N HIS D 40 -12.92 -13.88 23.83
CA HIS D 40 -12.89 -15.35 23.74
C HIS D 40 -11.78 -15.96 22.89
N LEU D 41 -11.03 -15.17 22.12
CA LEU D 41 -10.09 -15.75 21.16
C LEU D 41 -8.64 -15.54 21.56
N TRP D 42 -7.85 -16.62 21.52
CA TRP D 42 -6.39 -16.48 21.54
C TRP D 42 -5.85 -16.16 20.14
N HIS D 43 -4.60 -15.73 20.08
CA HIS D 43 -3.93 -15.49 18.81
C HIS D 43 -2.58 -16.19 18.88
N PRO D 44 -1.77 -16.17 17.80
CA PRO D 44 -0.51 -16.88 18.00
C PRO D 44 0.40 -16.15 19.01
N TYR D 45 1.04 -16.92 19.89
CA TYR D 45 1.88 -16.39 20.97
C TYR D 45 1.23 -15.18 21.59
N SER D 46 0.13 -15.43 22.32
CA SER D 46 -0.88 -14.44 22.72
C SER D 46 -1.23 -14.46 24.20
N SER D 47 -1.60 -13.29 24.73
CA SER D 47 -2.21 -13.22 26.05
C SER D 47 -3.73 -13.20 25.87
N ILE D 48 -4.43 -12.89 26.96
CA ILE D 48 -5.85 -12.59 26.89
C ILE D 48 -6.03 -11.16 27.44
N GLY D 49 -4.95 -10.60 28.00
CA GLY D 49 -4.93 -9.20 28.36
C GLY D 49 -3.50 -8.74 28.61
N SER D 54 -3.61 -5.76 19.99
CA SER D 54 -4.98 -5.52 19.57
C SER D 54 -5.20 -5.78 18.08
N PRO D 55 -5.82 -6.91 17.74
CA PRO D 55 -5.92 -7.34 16.34
C PRO D 55 -6.72 -6.36 15.47
N VAL D 56 -6.45 -6.37 14.17
CA VAL D 56 -7.26 -5.59 13.26
C VAL D 56 -8.18 -6.49 12.42
N VAL D 57 -9.48 -6.17 12.41
CA VAL D 57 -10.49 -6.96 11.67
C VAL D 57 -10.30 -6.96 10.14
N ALA D 58 -10.23 -8.15 9.55
CA ALA D 58 -10.23 -8.28 8.09
C ALA D 58 -11.60 -8.74 7.60
N VAL D 59 -12.12 -8.10 6.55
CA VAL D 59 -13.44 -8.48 6.07
C VAL D 59 -13.41 -9.09 4.67
N ALA D 60 -12.26 -9.03 3.99
CA ALA D 60 -12.12 -9.61 2.66
C ALA D 60 -10.65 -9.72 2.23
N ALA D 61 -10.37 -10.75 1.43
CA ALA D 61 -9.10 -10.84 0.73
C ALA D 61 -9.40 -11.15 -0.73
N HIS D 62 -8.58 -10.59 -1.64
CA HIS D 62 -8.78 -10.76 -3.09
C HIS D 62 -7.46 -10.45 -3.81
N GLY D 63 -6.91 -11.44 -4.52
CA GLY D 63 -5.56 -11.32 -5.04
C GLY D 63 -4.49 -11.07 -3.96
N ALA D 64 -3.73 -10.01 -4.11
CA ALA D 64 -2.67 -9.67 -3.16
C ALA D 64 -3.10 -8.58 -2.20
N TRP D 65 -4.42 -8.35 -2.14
CA TRP D 65 -4.98 -7.31 -1.28
C TRP D 65 -5.93 -7.86 -0.21
N LEU D 66 -5.81 -7.31 0.98
CA LEU D 66 -6.77 -7.54 2.04
C LEU D 66 -7.61 -6.28 2.17
N THR D 67 -8.81 -6.45 2.70
CA THR D 67 -9.62 -5.32 3.11
C THR D 67 -9.56 -5.28 4.59
N LEU D 68 -8.92 -4.27 5.15
CA LEU D 68 -8.85 -4.20 6.59
C LEU D 68 -9.82 -3.11 7.00
N ILE D 69 -10.32 -3.17 8.24
CA ILE D 69 -11.19 -2.11 8.74
C ILE D 69 -10.40 -1.24 9.71
N ARG D 70 -10.13 -0.02 9.28
CA ARG D 70 -9.40 0.93 10.09
C ARG D 70 -10.27 2.10 10.50
N ASP D 71 -10.47 2.23 11.81
CA ASP D 71 -11.32 3.26 12.40
C ASP D 71 -12.63 3.37 11.67
N GLY D 72 -13.36 2.25 11.62
CA GLY D 72 -14.71 2.24 11.11
C GLY D 72 -14.84 2.11 9.60
N GLN D 73 -13.77 2.42 8.89
CA GLN D 73 -13.87 2.34 7.44
C GLN D 73 -13.04 1.18 6.92
N PRO D 74 -13.52 0.53 5.86
CA PRO D 74 -12.76 -0.52 5.18
C PRO D 74 -11.58 0.06 4.45
N ILE D 75 -10.41 -0.55 4.58
CA ILE D 75 -9.29 -0.09 3.78
C ILE D 75 -8.71 -1.26 3.02
N GLU D 76 -8.05 -0.93 1.92
CA GLU D 76 -7.27 -1.85 1.10
C GLU D 76 -5.80 -1.69 1.41
N VAL D 77 -5.10 -2.82 1.58
CA VAL D 77 -3.67 -2.83 1.86
C VAL D 77 -3.08 -4.10 1.26
N LEU D 78 -1.81 -4.07 0.86
CA LEU D 78 -1.23 -5.26 0.26
C LEU D 78 -0.87 -6.30 1.33
N ASP D 79 -1.11 -7.57 1.03
CA ASP D 79 -0.72 -8.65 1.91
C ASP D 79 0.77 -8.99 1.80
N ALA D 80 1.63 -8.10 2.29
CA ALA D 80 3.09 -8.24 2.06
C ALA D 80 3.74 -9.49 2.71
N MET D 81 3.13 -9.96 3.80
CA MET D 81 3.60 -11.18 4.47
C MET D 81 3.01 -12.39 3.77
N SER D 82 2.07 -12.12 2.87
CA SER D 82 1.41 -13.15 2.10
C SER D 82 0.72 -14.11 3.08
N SER D 83 -0.03 -13.49 4.00
CA SER D 83 -0.75 -14.17 5.08
C SER D 83 0.11 -15.24 5.75
N TRP D 84 1.31 -14.82 6.15
CA TRP D 84 2.31 -15.66 6.83
C TRP D 84 2.82 -16.83 5.99
N TRP D 85 3.30 -16.53 4.78
CA TRP D 85 3.90 -17.47 3.82
C TRP D 85 2.93 -18.33 3.02
N THR D 86 1.66 -17.97 2.97
CA THR D 86 0.66 -18.93 2.49
C THR D 86 0.13 -18.56 1.12
N ALA D 87 -0.28 -17.32 0.96
CA ALA D 87 -0.92 -16.89 -0.27
C ALA D 87 0.08 -16.64 -1.42
N ILE D 88 0.81 -17.69 -1.84
CA ILE D 88 1.74 -17.56 -2.97
C ILE D 88 1.07 -17.09 -4.27
N HIS D 89 -0.16 -17.54 -4.53
CA HIS D 89 -0.91 -17.20 -5.74
C HIS D 89 -1.93 -16.09 -5.47
N GLY D 90 -1.71 -15.33 -4.41
CA GLY D 90 -2.71 -14.37 -3.98
C GLY D 90 -3.97 -15.04 -3.43
N HIS D 91 -4.89 -14.24 -2.90
CA HIS D 91 -6.14 -14.75 -2.34
C HIS D 91 -7.26 -14.76 -3.37
N GLY D 92 -8.04 -15.83 -3.39
CA GLY D 92 -9.21 -15.89 -4.24
C GLY D 92 -8.81 -16.06 -5.68
N HIS D 93 -7.77 -16.84 -5.91
CA HIS D 93 -7.35 -17.13 -7.27
C HIS D 93 -8.37 -18.03 -7.99
N PRO D 94 -8.81 -17.62 -9.19
CA PRO D 94 -9.89 -18.32 -9.92
C PRO D 94 -9.69 -19.83 -10.08
N ALA D 95 -8.47 -20.29 -10.34
CA ALA D 95 -8.26 -21.72 -10.53
C ALA D 95 -8.34 -22.46 -9.20
N LEU D 96 -7.65 -21.94 -8.20
CA LEU D 96 -7.69 -22.56 -6.87
C LEU D 96 -9.12 -22.58 -6.34
N ASP D 97 -9.78 -21.43 -6.33
CA ASP D 97 -11.22 -21.35 -5.98
C ASP D 97 -12.06 -22.46 -6.68
N GLN D 98 -11.99 -22.48 -8.01
CA GLN D 98 -12.77 -23.42 -8.81
C GLN D 98 -12.42 -24.86 -8.49
N ALA D 99 -11.14 -25.13 -8.25
CA ALA D 99 -10.73 -26.48 -7.91
C ALA D 99 -11.43 -26.90 -6.62
N LEU D 100 -11.49 -25.98 -5.65
CA LEU D 100 -12.14 -26.29 -4.38
C LEU D 100 -13.61 -26.57 -4.60
N THR D 101 -14.30 -25.63 -5.26
CA THR D 101 -15.74 -25.75 -5.48
C THR D 101 -16.08 -26.98 -6.28
N THR D 102 -15.24 -27.26 -7.27
CA THR D 102 -15.38 -28.47 -8.06
C THR D 102 -15.09 -29.69 -7.24
N GLN D 103 -14.32 -29.55 -6.19
CA GLN D 103 -14.11 -30.78 -5.47
C GLN D 103 -15.12 -31.03 -4.42
N LEU D 104 -15.60 -29.96 -3.81
CA LEU D 104 -16.78 -29.97 -2.96
C LEU D 104 -18.03 -30.60 -3.63
N ARG D 105 -18.17 -30.41 -4.95
CA ARG D 105 -19.35 -30.87 -5.69
C ARG D 105 -19.40 -32.41 -5.84
N VAL D 106 -18.27 -33.09 -5.68
CA VAL D 106 -18.30 -34.55 -5.79
C VAL D 106 -18.02 -35.26 -4.45
N MET D 107 -17.10 -34.73 -3.64
CA MET D 107 -16.71 -35.40 -2.39
C MET D 107 -15.89 -34.58 -1.42
N ASN D 108 -16.54 -33.94 -0.46
CA ASN D 108 -15.83 -33.15 0.54
C ASN D 108 -14.71 -33.90 1.27
N HIS D 109 -14.97 -35.10 1.80
CA HIS D 109 -13.93 -35.86 2.54
C HIS D 109 -14.32 -37.31 2.74
N VAL D 110 -13.31 -38.20 2.79
CA VAL D 110 -13.47 -39.58 3.24
C VAL D 110 -12.27 -39.98 4.11
N MET D 111 -12.48 -40.95 4.98
CA MET D 111 -11.39 -41.46 5.79
C MET D 111 -10.34 -42.11 4.90
N PHE D 112 -9.08 -41.82 5.16
CA PHE D 112 -8.01 -42.39 4.34
C PHE D 112 -7.61 -43.80 4.78
N GLY D 113 -8.29 -44.33 5.79
CA GLY D 113 -8.01 -45.66 6.29
C GLY D 113 -8.75 -46.73 5.53
N GLY D 114 -8.06 -47.40 4.60
CA GLY D 114 -8.68 -48.45 3.81
C GLY D 114 -9.37 -47.89 2.59
N LEU D 115 -9.18 -46.61 2.36
CA LEU D 115 -9.76 -45.97 1.18
C LEU D 115 -8.72 -45.07 0.58
N THR D 116 -8.75 -44.93 -0.74
CA THR D 116 -7.90 -43.96 -1.42
C THR D 116 -8.76 -43.15 -2.36
N HIS D 117 -8.19 -42.08 -2.94
CA HIS D 117 -8.94 -41.26 -3.88
C HIS D 117 -8.04 -40.46 -4.82
N GLU D 118 -8.68 -39.78 -5.77
CA GLU D 118 -7.99 -39.12 -6.87
C GLU D 118 -7.09 -37.98 -6.39
N PRO D 119 -7.62 -37.05 -5.57
CA PRO D 119 -6.73 -35.99 -5.12
C PRO D 119 -5.43 -36.44 -4.45
N ALA D 120 -5.51 -37.41 -3.55
CA ALA D 120 -4.33 -37.85 -2.83
C ALA D 120 -3.38 -38.45 -3.82
N ALA D 121 -3.94 -39.23 -4.75
CA ALA D 121 -3.16 -39.83 -5.82
C ALA D 121 -2.41 -38.79 -6.66
N ARG D 122 -3.12 -37.76 -7.11
CA ARG D 122 -2.53 -36.77 -8.02
C ARG D 122 -1.50 -35.89 -7.34
N LEU D 123 -1.78 -35.47 -6.11
CA LEU D 123 -0.84 -34.63 -5.39
C LEU D 123 0.42 -35.43 -5.06
N ALA D 124 0.23 -36.72 -4.73
CA ALA D 124 1.36 -37.59 -4.44
C ALA D 124 2.35 -37.65 -5.61
N LYS D 125 1.82 -37.83 -6.81
CA LYS D 125 2.63 -37.96 -8.02
C LYS D 125 3.35 -36.64 -8.28
N LEU D 126 2.55 -35.56 -8.31
CA LEU D 126 3.06 -34.19 -8.39
C LEU D 126 4.19 -33.96 -7.40
N LEU D 127 3.95 -34.33 -6.14
CA LEU D 127 4.92 -34.05 -5.09
C LEU D 127 6.11 -34.96 -5.19
N VAL D 128 5.91 -36.16 -5.74
CA VAL D 128 7.00 -37.10 -5.82
C VAL D 128 7.89 -36.69 -6.97
N ASP D 129 7.26 -36.24 -8.04
CA ASP D 129 8.02 -35.77 -9.19
C ASP D 129 8.86 -34.54 -8.91
N ILE D 130 8.20 -33.48 -8.44
CA ILE D 130 8.84 -32.17 -8.39
C ILE D 130 9.79 -32.01 -7.22
N THR D 131 9.67 -32.88 -6.22
CA THR D 131 10.58 -32.84 -5.07
C THR D 131 11.96 -33.33 -5.50
N PRO D 132 12.99 -33.00 -4.71
CA PRO D 132 14.32 -33.60 -4.92
C PRO D 132 14.20 -35.10 -5.05
N ALA D 133 14.81 -35.67 -6.08
CA ALA D 133 14.67 -37.10 -6.38
C ALA D 133 14.98 -37.98 -5.18
N GLY D 134 14.37 -39.17 -5.13
CA GLY D 134 14.54 -40.08 -4.02
C GLY D 134 13.36 -40.08 -3.06
N LEU D 135 12.79 -38.91 -2.85
CA LEU D 135 11.53 -38.77 -2.16
C LEU D 135 10.49 -39.50 -2.98
N ASP D 136 10.37 -40.79 -2.68
CA ASP D 136 9.52 -41.71 -3.42
C ASP D 136 8.12 -41.85 -2.79
N THR D 137 8.01 -41.53 -1.50
CA THR D 137 6.76 -41.74 -0.75
C THR D 137 6.17 -40.42 -0.20
N VAL D 138 4.86 -40.39 0.02
CA VAL D 138 4.20 -39.18 0.53
C VAL D 138 3.16 -39.43 1.66
N PHE D 139 3.54 -39.12 2.91
CA PHE D 139 2.63 -39.17 4.07
C PHE D 139 1.95 -37.82 4.32
N PHE D 140 0.62 -37.81 4.23
CA PHE D 140 -0.11 -36.54 4.39
C PHE D 140 -0.58 -36.31 5.82
N SER D 141 -0.63 -35.03 6.19
CA SER D 141 -1.08 -34.67 7.51
C SER D 141 -1.68 -33.27 7.45
N ASP D 142 -2.00 -32.72 8.62
CA ASP D 142 -2.80 -31.52 8.72
C ASP D 142 -2.05 -30.20 9.03
N SER D 143 -0.74 -30.23 9.21
CA SER D 143 -0.05 -29.00 9.61
C SER D 143 1.47 -29.14 9.61
N GLY D 144 2.16 -28.03 9.40
CA GLY D 144 3.62 -28.04 9.46
C GLY D 144 4.22 -28.78 10.66
N SER D 145 3.69 -28.53 11.84
CA SER D 145 4.22 -29.11 13.08
C SER D 145 4.03 -30.65 13.10
N VAL D 146 2.81 -31.12 12.84
CA VAL D 146 2.52 -32.55 12.81
C VAL D 146 3.46 -33.30 11.86
N SER D 147 3.63 -32.80 10.63
CA SER D 147 4.50 -33.48 9.68
C SER D 147 5.98 -33.50 10.13
N VAL D 148 6.37 -32.59 11.01
CA VAL D 148 7.73 -32.68 11.58
C VAL D 148 7.84 -33.82 12.59
N GLU D 149 6.80 -34.02 13.39
CA GLU D 149 6.75 -35.19 14.27
C GLU D 149 6.74 -36.44 13.40
N VAL D 150 5.99 -36.38 12.29
CA VAL D 150 5.92 -37.49 11.37
C VAL D 150 7.32 -37.81 10.88
N ALA D 151 8.04 -36.78 10.43
CA ALA D 151 9.40 -36.93 9.87
C ALA D 151 10.40 -37.35 10.96
N ALA D 152 10.01 -37.21 12.21
CA ALA D 152 10.85 -37.69 13.29
C ALA D 152 10.48 -39.13 13.62
N LYS D 153 9.21 -39.48 13.40
CA LYS D 153 8.75 -40.83 13.64
C LYS D 153 9.39 -41.77 12.62
N MET D 154 9.46 -41.30 11.38
CA MET D 154 10.13 -42.03 10.30
C MET D 154 11.56 -42.37 10.65
N ALA D 155 12.36 -41.34 11.00
CA ALA D 155 13.79 -41.55 11.28
C ALA D 155 13.98 -42.47 12.47
N LEU D 156 13.17 -42.26 13.51
CA LEU D 156 13.27 -43.10 14.71
C LEU D 156 12.90 -44.56 14.44
N GLN D 157 11.73 -44.80 13.84
CA GLN D 157 11.30 -46.14 13.45
C GLN D 157 12.20 -46.80 12.44
N TYR D 158 12.69 -46.00 11.49
CA TYR D 158 13.67 -46.46 10.51
C TYR D 158 14.76 -47.21 11.24
N TRP D 159 15.42 -46.51 12.16
CA TRP D 159 16.63 -47.04 12.79
C TRP D 159 16.30 -48.21 13.69
N ARG D 160 15.07 -48.23 14.18
CA ARG D 160 14.58 -49.38 14.96
C ARG D 160 14.31 -50.56 14.06
N GLY D 161 14.10 -50.29 12.78
CA GLY D 161 14.09 -51.34 11.79
C GLY D 161 15.47 -51.90 11.62
N ARG D 162 16.49 -51.05 11.60
CA ARG D 162 17.84 -51.51 11.34
C ARG D 162 18.57 -51.89 12.62
N GLY D 163 17.79 -52.06 13.68
CA GLY D 163 18.30 -52.60 14.93
C GLY D 163 19.21 -51.64 15.67
N LEU D 164 19.07 -50.37 15.34
CA LEU D 164 19.86 -49.33 15.99
C LEU D 164 18.93 -48.35 16.71
N PRO D 165 18.40 -48.75 17.88
CA PRO D 165 17.43 -47.90 18.57
C PRO D 165 18.07 -46.80 19.43
N GLY D 166 19.36 -46.90 19.70
CA GLY D 166 20.07 -45.77 20.27
C GLY D 166 20.01 -44.51 19.41
N LYS D 167 19.83 -44.68 18.10
CA LYS D 167 19.71 -43.54 17.19
C LYS D 167 18.32 -42.90 17.26
N ARG D 168 18.15 -42.08 18.29
CA ARG D 168 16.86 -41.51 18.62
C ARG D 168 16.96 -40.00 18.81
N ARG D 169 18.17 -39.49 18.97
CA ARG D 169 18.37 -38.04 19.13
C ARG D 169 18.37 -37.35 17.79
N LEU D 170 18.15 -36.05 17.84
CA LEU D 170 18.23 -35.19 16.68
C LEU D 170 19.35 -34.18 16.87
N MET D 171 19.92 -33.76 15.75
CA MET D 171 20.93 -32.72 15.73
C MET D 171 20.55 -31.66 14.72
N THR D 172 20.41 -30.42 15.17
CA THR D 172 20.17 -29.32 14.24
C THR D 172 21.28 -28.28 14.41
N TRP D 173 21.11 -27.11 13.81
CA TRP D 173 21.91 -25.94 14.15
C TRP D 173 21.00 -24.88 14.73
N ARG D 174 21.54 -23.99 15.54
CA ARG D 174 20.72 -22.95 16.17
C ARG D 174 20.13 -21.99 15.14
N GLY D 175 19.26 -21.10 15.60
CA GLY D 175 18.62 -20.13 14.74
C GLY D 175 17.47 -20.76 13.97
N GLY D 176 17.21 -22.04 14.25
CA GLY D 176 16.21 -22.79 13.52
C GLY D 176 14.79 -22.68 14.04
N TYR D 177 13.83 -23.04 13.21
CA TYR D 177 12.43 -23.20 13.62
C TYR D 177 11.76 -24.38 12.93
N HIS D 178 11.09 -25.22 13.72
CA HIS D 178 10.38 -26.39 13.20
C HIS D 178 8.98 -26.57 13.75
N GLY D 179 8.46 -25.57 14.44
CA GLY D 179 7.06 -25.62 14.85
C GLY D 179 6.79 -25.62 16.34
N ASP D 180 5.58 -26.01 16.71
CA ASP D 180 5.07 -25.70 18.02
C ASP D 180 4.72 -26.91 18.86
N THR D 181 4.85 -28.10 18.28
CA THR D 181 4.63 -29.33 19.06
C THR D 181 5.92 -29.75 19.76
N PHE D 182 5.78 -30.40 20.92
CA PHE D 182 6.88 -30.62 21.88
C PHE D 182 8.15 -31.29 21.34
N LEU D 183 8.00 -32.11 20.31
CA LEU D 183 9.19 -32.69 19.69
C LEU D 183 9.81 -31.65 18.75
N ALA D 184 8.95 -30.87 18.12
CA ALA D 184 9.38 -29.90 17.13
C ALA D 184 10.02 -28.70 17.82
N MET D 185 9.43 -28.27 18.94
CA MET D 185 10.03 -27.24 19.79
C MET D 185 11.47 -27.63 20.12
N SER D 186 11.59 -28.86 20.61
CA SER D 186 12.87 -29.53 20.84
C SER D 186 14.00 -29.28 19.84
N ILE D 187 13.70 -28.87 18.61
CA ILE D 187 14.80 -28.55 17.69
C ILE D 187 14.72 -27.12 17.18
N CYS D 188 13.93 -26.31 17.85
CA CYS D 188 13.94 -24.88 17.64
C CYS D 188 15.05 -24.25 18.51
N ASP D 189 15.40 -23.01 18.21
CA ASP D 189 16.46 -22.32 18.93
C ASP D 189 16.12 -22.04 20.41
N PRO D 190 16.95 -22.53 21.35
CA PRO D 190 16.77 -22.48 22.82
C PRO D 190 16.12 -21.24 23.41
N HIS D 191 14.80 -21.36 23.56
CA HIS D 191 13.93 -20.49 24.35
C HIS D 191 13.08 -21.41 25.24
N GLY D 192 13.63 -21.79 26.39
CA GLY D 192 13.05 -22.80 27.26
C GLY D 192 11.67 -22.45 27.76
N LEU D 202 11.00 -30.86 25.00
CA LEU D 202 11.92 -30.78 26.14
C LEU D 202 12.94 -31.91 26.06
N ALA D 203 12.86 -32.73 25.02
CA ALA D 203 13.87 -33.73 24.72
C ALA D 203 15.21 -33.04 24.46
N ALA D 204 16.27 -33.56 25.06
CA ALA D 204 17.55 -32.88 25.02
C ALA D 204 18.29 -33.21 23.72
N GLN D 205 18.46 -32.21 22.87
CA GLN D 205 18.99 -32.44 21.54
C GLN D 205 20.42 -31.92 21.32
N VAL D 206 20.97 -32.29 20.19
CA VAL D 206 22.33 -31.88 19.81
C VAL D 206 22.29 -30.61 18.96
N PHE D 207 22.78 -29.51 19.51
CA PHE D 207 22.78 -28.24 18.76
C PHE D 207 24.16 -27.78 18.28
N ALA D 208 24.30 -27.65 16.96
CA ALA D 208 25.45 -26.98 16.37
C ALA D 208 25.21 -25.46 16.41
N PRO D 209 26.29 -24.67 16.53
CA PRO D 209 26.20 -23.20 16.55
C PRO D 209 25.46 -22.63 15.32
N GLN D 210 25.13 -21.34 15.37
CA GLN D 210 24.51 -20.65 14.26
C GLN D 210 25.37 -20.77 12.98
N VAL D 211 24.72 -21.02 11.85
CA VAL D 211 25.40 -21.19 10.58
C VAL D 211 25.55 -19.82 9.93
N PRO D 212 26.76 -19.49 9.46
CA PRO D 212 26.94 -18.14 8.95
C PRO D 212 26.35 -18.01 7.55
N ARG D 213 26.11 -16.78 7.11
CA ARG D 213 25.64 -16.55 5.76
C ARG D 213 26.69 -17.03 4.76
N ASP D 214 27.88 -16.42 4.81
CA ASP D 214 28.94 -16.75 3.85
C ASP D 214 29.47 -18.13 4.18
N TYR D 215 29.94 -18.83 3.15
CA TYR D 215 30.49 -20.14 3.34
C TYR D 215 31.83 -20.06 4.07
N ASP D 216 32.12 -21.11 4.83
CA ASP D 216 33.37 -21.23 5.57
C ASP D 216 33.59 -22.71 5.92
N PRO D 217 34.62 -23.33 5.30
CA PRO D 217 34.89 -24.77 5.43
C PRO D 217 34.98 -25.18 6.88
N ALA D 218 35.40 -24.22 7.70
CA ALA D 218 35.60 -24.40 9.13
C ALA D 218 34.33 -24.79 9.88
N TYR D 219 33.20 -24.18 9.52
CA TYR D 219 31.96 -24.48 10.21
C TYR D 219 31.50 -25.91 9.88
N SER D 220 31.58 -26.25 8.59
CA SER D 220 31.37 -27.63 8.16
C SER D 220 32.26 -28.55 8.98
N ALA D 221 33.52 -28.13 9.15
CA ALA D 221 34.50 -28.92 9.90
C ALA D 221 34.04 -29.19 11.33
N ALA D 222 33.57 -28.15 12.00
CA ALA D 222 33.19 -28.27 13.40
C ALA D 222 31.88 -29.03 13.55
N PHE D 223 30.94 -28.77 12.64
CA PHE D 223 29.66 -29.49 12.65
C PHE D 223 29.95 -30.97 12.61
N GLU D 224 30.82 -31.35 11.68
CA GLU D 224 31.20 -32.74 11.50
C GLU D 224 31.85 -33.31 12.74
N ALA D 225 32.73 -32.52 13.37
CA ALA D 225 33.40 -32.93 14.61
C ALA D 225 32.38 -33.26 15.72
N GLN D 226 31.40 -32.38 15.86
CA GLN D 226 30.33 -32.53 16.84
C GLN D 226 29.51 -33.80 16.59
N LEU D 227 28.93 -33.90 15.39
CA LEU D 227 28.09 -35.03 14.97
C LEU D 227 28.79 -36.35 15.19
N ALA D 228 30.10 -36.32 14.97
CA ALA D 228 30.89 -37.53 15.09
C ALA D 228 30.91 -38.06 16.53
N GLN D 229 30.72 -37.20 17.52
CA GLN D 229 30.74 -37.71 18.90
C GLN D 229 29.34 -38.24 19.28
N HIS D 230 28.39 -38.08 18.36
CA HIS D 230 27.02 -38.47 18.62
C HIS D 230 26.40 -39.44 17.61
N ALA D 231 27.18 -39.79 16.58
CA ALA D 231 26.70 -40.56 15.44
C ALA D 231 25.74 -41.70 15.84
N GLY D 232 26.17 -42.53 16.78
CA GLY D 232 25.36 -43.65 17.22
C GLY D 232 24.14 -43.27 18.06
N GLU D 233 24.13 -42.03 18.56
CA GLU D 233 22.99 -41.55 19.34
C GLU D 233 22.09 -40.68 18.48
N LEU D 234 22.53 -40.37 17.26
CA LEU D 234 21.73 -39.52 16.38
C LEU D 234 20.95 -40.33 15.39
N ALA D 235 19.65 -40.08 15.33
CA ALA D 235 18.80 -40.65 14.28
C ALA D 235 19.04 -39.84 13.03
N ALA D 236 19.17 -38.54 13.25
CA ALA D 236 19.02 -37.62 12.16
C ALA D 236 19.45 -36.22 12.50
N VAL D 237 19.98 -35.54 11.49
CA VAL D 237 20.13 -34.10 11.47
C VAL D 237 18.88 -33.53 10.85
N VAL D 238 18.29 -32.52 11.49
CA VAL D 238 17.13 -31.86 10.92
C VAL D 238 17.48 -30.39 10.72
N VAL D 239 17.20 -29.84 9.55
CA VAL D 239 17.57 -28.45 9.24
C VAL D 239 16.60 -27.83 8.22
N GLU D 240 16.37 -26.52 8.35
CA GLU D 240 15.76 -25.74 7.29
C GLU D 240 16.86 -25.48 6.24
N PRO D 241 16.58 -25.72 4.95
CA PRO D 241 17.67 -25.51 3.99
C PRO D 241 17.70 -24.09 3.44
N VAL D 242 18.90 -23.49 3.43
CA VAL D 242 19.13 -22.18 2.82
C VAL D 242 18.42 -21.03 3.52
N VAL D 243 17.22 -21.27 4.05
CA VAL D 243 16.50 -20.22 4.78
C VAL D 243 15.84 -20.66 6.10
N GLN D 244 16.30 -20.04 7.18
CA GLN D 244 15.66 -20.11 8.48
C GLN D 244 14.66 -18.98 8.66
N GLY D 245 13.37 -19.28 8.53
CA GLY D 245 12.37 -18.24 8.62
C GLY D 245 12.14 -17.65 10.00
N ALA D 246 11.26 -18.29 10.77
CA ALA D 246 10.71 -17.74 12.01
C ALA D 246 11.77 -17.46 13.06
N GLY D 247 12.84 -18.24 13.02
CA GLY D 247 13.94 -18.07 13.94
C GLY D 247 14.81 -16.85 13.72
N GLY D 248 14.49 -16.03 12.70
CA GLY D 248 15.24 -14.80 12.44
C GLY D 248 15.60 -14.51 10.99
N MET D 249 14.74 -14.96 10.07
CA MET D 249 14.89 -14.78 8.62
C MET D 249 16.33 -14.83 8.14
N ARG D 250 17.05 -15.91 8.48
CA ARG D 250 18.46 -15.99 8.14
C ARG D 250 18.75 -16.83 6.90
N PHE D 251 19.54 -16.27 6.00
CA PHE D 251 20.01 -16.99 4.84
C PHE D 251 21.39 -17.56 5.15
N HIS D 252 21.78 -18.61 4.45
CA HIS D 252 23.13 -19.13 4.54
C HIS D 252 23.49 -19.87 3.25
N ASP D 253 24.78 -19.94 2.95
CA ASP D 253 25.26 -20.37 1.63
C ASP D 253 24.90 -21.83 1.36
N PRO D 254 24.13 -22.08 0.30
CA PRO D 254 23.59 -23.42 -0.03
C PRO D 254 24.69 -24.48 -0.08
N ARG D 255 25.94 -24.06 -0.25
CA ARG D 255 27.06 -24.98 -0.25
C ARG D 255 27.12 -25.81 1.02
N TYR D 256 26.64 -25.25 2.13
CA TYR D 256 26.60 -25.97 3.39
C TYR D 256 25.81 -27.27 3.28
N LEU D 257 24.66 -27.23 2.59
CA LEU D 257 23.82 -28.41 2.43
C LEU D 257 24.50 -29.54 1.66
N HIS D 258 25.51 -29.23 0.86
CA HIS D 258 26.29 -30.29 0.22
C HIS D 258 27.11 -31.01 1.27
N ASP D 259 27.57 -30.27 2.29
CA ASP D 259 28.39 -30.83 3.34
C ASP D 259 27.58 -31.61 4.37
N LEU D 260 26.41 -31.07 4.68
CA LEU D 260 25.49 -31.76 5.57
C LEU D 260 25.09 -33.11 4.97
N ARG D 261 24.84 -33.12 3.66
N ARG D 261 24.86 -33.17 3.66
CA ARG D 261 24.57 -34.33 2.87
CA ARG D 261 24.53 -34.43 3.00
C ARG D 261 25.69 -35.35 3.00
C ARG D 261 25.71 -35.40 3.02
N ASP D 262 26.90 -34.91 2.68
CA ASP D 262 28.10 -35.73 2.72
C ASP D 262 28.32 -36.29 4.12
N ILE D 263 28.43 -35.38 5.10
CA ILE D 263 28.62 -35.75 6.50
C ILE D 263 27.65 -36.86 6.89
N CYS D 264 26.38 -36.65 6.56
CA CYS D 264 25.30 -37.52 7.01
C CYS D 264 25.42 -38.91 6.39
N ARG D 265 25.91 -38.97 5.17
CA ARG D 265 26.12 -40.26 4.52
C ARG D 265 27.21 -41.07 5.18
N ARG D 266 28.32 -40.42 5.53
CA ARG D 266 29.51 -41.12 5.98
C ARG D 266 29.40 -41.59 7.42
N TYR D 267 28.52 -40.96 8.18
CA TYR D 267 28.32 -41.34 9.59
C TYR D 267 26.99 -42.07 9.79
N GLU D 268 26.33 -42.35 8.67
CA GLU D 268 25.06 -43.07 8.66
C GLU D 268 24.10 -42.42 9.61
N VAL D 269 23.78 -41.17 9.26
CA VAL D 269 22.83 -40.36 9.98
C VAL D 269 21.86 -39.81 8.96
N LEU D 270 20.56 -39.93 9.21
CA LEU D 270 19.54 -39.42 8.30
C LEU D 270 19.55 -37.91 8.22
N LEU D 271 19.32 -37.37 7.01
CA LEU D 271 19.28 -35.91 6.82
C LEU D 271 17.88 -35.44 6.49
N ILE D 272 17.37 -34.48 7.27
CA ILE D 272 15.99 -34.08 7.09
C ILE D 272 15.83 -32.59 6.83
N PHE D 273 15.02 -32.26 5.84
CA PHE D 273 14.76 -30.87 5.51
C PHE D 273 13.36 -30.44 5.91
N ASP D 274 13.31 -29.35 6.68
CA ASP D 274 12.08 -28.64 6.97
C ASP D 274 11.87 -27.60 5.89
N GLU D 275 11.12 -27.97 4.87
CA GLU D 275 10.88 -27.13 3.71
C GLU D 275 9.43 -26.65 3.72
N ILE D 276 8.92 -26.40 4.92
CA ILE D 276 7.56 -25.95 5.15
C ILE D 276 7.41 -24.46 4.86
N ALA D 277 8.52 -23.73 4.94
CA ALA D 277 8.54 -22.32 4.59
C ALA D 277 9.21 -22.12 3.24
N THR D 278 10.38 -22.75 3.06
CA THR D 278 11.14 -22.62 1.80
C THR D 278 10.40 -23.17 0.57
N GLY D 279 9.39 -24.00 0.78
CA GLY D 279 8.82 -24.78 -0.31
C GLY D 279 8.20 -24.02 -1.46
N PHE D 280 8.21 -24.63 -2.64
CA PHE D 280 7.44 -24.14 -3.78
C PHE D 280 7.86 -22.76 -4.32
N GLY D 281 9.14 -22.58 -4.62
CA GLY D 281 9.58 -21.41 -5.38
C GLY D 281 9.97 -20.16 -4.61
N ARG D 282 9.77 -20.20 -3.29
CA ARG D 282 9.84 -19.03 -2.40
C ARG D 282 11.26 -18.47 -2.23
N THR D 283 12.27 -19.36 -2.21
CA THR D 283 13.66 -18.92 -2.06
C THR D 283 14.35 -18.73 -3.41
N GLY D 284 13.55 -18.64 -4.47
CA GLY D 284 14.09 -18.51 -5.80
C GLY D 284 14.11 -19.86 -6.50
N ALA D 285 14.26 -20.92 -5.72
CA ALA D 285 14.21 -22.27 -6.28
C ALA D 285 12.87 -22.93 -5.94
N LEU D 286 12.47 -23.95 -6.69
CA LEU D 286 11.22 -24.66 -6.42
C LEU D 286 11.29 -25.24 -5.01
N PHE D 287 12.39 -25.92 -4.72
CA PHE D 287 12.68 -26.33 -3.34
C PHE D 287 14.13 -26.00 -2.97
N ALA D 288 14.31 -25.11 -2.01
CA ALA D 288 15.64 -24.65 -1.58
C ALA D 288 16.76 -25.69 -1.61
N ALA D 289 16.43 -26.98 -1.46
CA ALA D 289 17.45 -28.03 -1.60
C ALA D 289 18.06 -27.95 -3.00
N ASP D 290 17.21 -27.67 -3.98
CA ASP D 290 17.64 -27.54 -5.38
C ASP D 290 18.82 -26.57 -5.56
N HIS D 291 18.82 -25.47 -4.81
CA HIS D 291 19.95 -24.55 -4.76
C HIS D 291 21.26 -25.30 -4.56
N ALA D 292 21.22 -26.32 -3.73
CA ALA D 292 22.41 -27.10 -3.43
C ALA D 292 22.38 -28.40 -4.20
N GLY D 293 21.27 -28.64 -4.89
CA GLY D 293 21.05 -29.87 -5.62
C GLY D 293 21.12 -31.10 -4.73
N VAL D 294 20.76 -30.92 -3.45
CA VAL D 294 20.87 -31.99 -2.47
C VAL D 294 19.54 -32.69 -2.26
N SER D 295 19.57 -34.02 -2.16
CA SER D 295 18.38 -34.77 -1.75
C SER D 295 18.57 -35.29 -0.34
N PRO D 296 17.69 -34.86 0.57
CA PRO D 296 17.63 -35.37 1.95
C PRO D 296 16.91 -36.72 1.97
N ASP D 297 17.02 -37.47 3.05
CA ASP D 297 16.35 -38.76 3.11
C ASP D 297 14.84 -38.63 3.40
N ILE D 298 14.47 -37.48 3.97
CA ILE D 298 13.13 -37.13 4.43
C ILE D 298 12.89 -35.62 4.24
N MET D 299 11.76 -35.26 3.65
CA MET D 299 11.40 -33.86 3.47
C MET D 299 10.08 -33.51 4.19
N CYS D 300 9.91 -32.26 4.61
CA CYS D 300 8.64 -31.78 5.18
C CYS D 300 8.09 -30.55 4.44
N VAL D 301 6.86 -30.60 3.93
CA VAL D 301 6.32 -29.42 3.24
C VAL D 301 5.00 -28.94 3.85
N GLY D 302 4.67 -27.68 3.58
CA GLY D 302 3.45 -27.07 4.07
C GLY D 302 3.35 -25.61 3.69
N LYS D 303 2.65 -24.84 4.51
CA LYS D 303 2.40 -23.41 4.30
C LYS D 303 1.94 -23.02 2.91
N ALA D 304 2.84 -23.02 1.95
CA ALA D 304 2.45 -22.60 0.60
C ALA D 304 1.69 -23.72 -0.14
N LEU D 305 1.53 -24.86 0.53
CA LEU D 305 1.16 -26.09 -0.16
C LEU D 305 -0.17 -26.00 -0.89
N THR D 306 -1.19 -25.52 -0.20
CA THR D 306 -2.49 -25.35 -0.83
C THR D 306 -2.68 -23.91 -1.29
N GLY D 307 -1.59 -23.17 -1.44
CA GLY D 307 -1.71 -21.75 -1.76
C GLY D 307 -2.46 -20.97 -0.68
N GLY D 308 -2.28 -21.42 0.55
CA GLY D 308 -2.92 -20.77 1.68
C GLY D 308 -4.44 -20.67 1.64
N TYR D 309 -5.10 -21.75 1.23
CA TYR D 309 -6.56 -21.84 1.34
C TYR D 309 -6.92 -22.61 2.61
N LEU D 310 -6.33 -23.80 2.72
CA LEU D 310 -6.60 -24.75 3.79
C LEU D 310 -5.32 -25.31 4.40
N SER D 311 -5.32 -25.54 5.71
CA SER D 311 -4.19 -26.19 6.34
C SER D 311 -3.94 -27.55 5.73
N LEU D 312 -2.72 -27.76 5.26
CA LEU D 312 -2.27 -29.07 4.82
C LEU D 312 -0.75 -29.16 4.93
N ALA D 313 -0.23 -30.37 4.98
CA ALA D 313 1.20 -30.58 5.07
C ALA D 313 1.54 -31.88 4.34
N ALA D 314 2.81 -32.28 4.35
CA ALA D 314 3.19 -33.60 3.85
C ALA D 314 4.55 -33.99 4.38
N THR D 315 4.77 -35.28 4.57
CA THR D 315 6.10 -35.75 4.86
C THR D 315 6.54 -36.80 3.84
N LEU D 316 7.59 -36.48 3.10
CA LEU D 316 8.12 -37.37 2.08
C LEU D 316 9.38 -38.11 2.56
N CYS D 317 9.46 -39.42 2.29
CA CYS D 317 10.65 -40.18 2.67
C CYS D 317 11.09 -41.14 1.56
N THR D 318 12.36 -41.50 1.54
CA THR D 318 12.87 -42.39 0.50
C THR D 318 12.27 -43.79 0.55
N ALA D 319 12.41 -44.51 -0.57
CA ALA D 319 11.91 -45.86 -0.67
C ALA D 319 12.61 -46.72 0.34
N ASP D 320 13.90 -46.49 0.53
CA ASP D 320 14.66 -47.23 1.53
C ASP D 320 14.15 -47.03 2.97
N VAL D 321 13.90 -45.79 3.38
CA VAL D 321 13.42 -45.54 4.74
C VAL D 321 12.05 -46.18 4.96
N ALA D 322 11.18 -46.07 3.96
CA ALA D 322 9.82 -46.61 4.03
C ALA D 322 9.77 -48.13 3.97
N HIS D 323 10.67 -48.74 3.20
CA HIS D 323 10.76 -50.19 3.11
C HIS D 323 11.24 -50.77 4.43
N THR D 324 12.32 -50.18 4.96
CA THR D 324 12.89 -50.54 6.27
C THR D 324 11.89 -50.47 7.40
N ILE D 325 11.17 -49.36 7.48
CA ILE D 325 10.11 -49.19 8.45
C ILE D 325 9.11 -50.35 8.32
N SER D 326 8.61 -50.56 7.11
CA SER D 326 7.54 -51.53 6.89
C SER D 326 8.04 -52.97 6.85
N ALA D 327 9.24 -53.18 7.36
CA ALA D 327 9.85 -54.50 7.38
C ALA D 327 10.43 -54.76 8.75
N GLY D 328 10.89 -53.69 9.40
CA GLY D 328 11.24 -53.76 10.81
C GLY D 328 9.95 -53.96 11.56
N ALA D 329 10.03 -54.33 12.85
CA ALA D 329 8.85 -54.62 13.64
C ALA D 329 7.78 -53.54 13.51
N ALA D 330 6.55 -53.90 13.89
CA ALA D 330 5.33 -53.13 13.58
C ALA D 330 4.97 -53.25 12.10
N GLY D 331 5.94 -53.03 11.23
CA GLY D 331 5.67 -53.11 9.81
C GLY D 331 4.77 -51.98 9.36
N ALA D 332 4.73 -50.93 10.16
CA ALA D 332 3.96 -49.77 9.79
C ALA D 332 4.57 -48.55 10.45
N LEU D 333 4.33 -47.39 9.85
CA LEU D 333 4.62 -46.11 10.48
C LEU D 333 3.42 -45.76 11.30
N MET D 334 3.54 -45.80 12.62
CA MET D 334 2.37 -45.70 13.52
C MET D 334 1.90 -44.26 13.66
N HIS D 335 1.33 -43.75 12.58
CA HIS D 335 0.83 -42.38 12.55
C HIS D 335 -0.37 -42.33 11.59
N GLY D 336 -1.53 -41.94 12.11
CA GLY D 336 -2.76 -41.90 11.32
C GLY D 336 -3.73 -40.81 11.71
N PRO D 337 -3.56 -39.59 11.13
CA PRO D 337 -4.41 -38.40 11.34
C PRO D 337 -5.81 -38.44 10.68
N THR D 338 -6.81 -38.15 11.51
CA THR D 338 -8.21 -38.06 11.10
C THR D 338 -8.47 -37.57 9.71
N PHE D 339 -7.89 -36.42 9.40
CA PHE D 339 -8.13 -35.80 8.13
C PHE D 339 -6.97 -36.05 7.14
N MET D 340 -6.27 -37.16 7.31
CA MET D 340 -5.24 -37.56 6.39
C MET D 340 -5.66 -37.57 4.93
N ALA D 341 -4.96 -36.77 4.14
CA ALA D 341 -5.20 -36.66 2.71
C ALA D 341 -6.60 -36.17 2.41
N ASN D 342 -7.07 -35.21 3.19
CA ASN D 342 -8.37 -34.56 2.96
C ASN D 342 -8.56 -34.13 1.50
N PRO D 343 -9.56 -34.74 0.83
CA PRO D 343 -9.92 -34.47 -0.56
C PRO D 343 -10.02 -32.99 -0.95
N LEU D 344 -10.52 -32.13 -0.07
CA LEU D 344 -10.75 -30.73 -0.43
C LEU D 344 -9.46 -29.94 -0.50
N ALA D 345 -8.56 -30.24 0.45
CA ALA D 345 -7.29 -29.55 0.57
C ALA D 345 -6.24 -30.11 -0.40
N CYS D 346 -6.35 -31.41 -0.69
CA CYS D 346 -5.50 -32.07 -1.65
C CYS D 346 -5.72 -31.46 -3.04
N ALA D 347 -6.97 -31.52 -3.51
CA ALA D 347 -7.38 -30.92 -4.79
C ALA D 347 -6.87 -29.48 -5.03
N VAL D 348 -7.30 -28.57 -4.18
CA VAL D 348 -6.78 -27.18 -4.15
C VAL D 348 -5.25 -27.10 -4.26
N SER D 349 -4.56 -27.99 -3.55
CA SER D 349 -3.10 -28.02 -3.59
C SER D 349 -2.61 -28.59 -4.92
N VAL D 350 -3.42 -29.47 -5.51
CA VAL D 350 -3.11 -29.99 -6.84
C VAL D 350 -3.20 -28.82 -7.83
N ALA D 351 -4.22 -27.99 -7.67
CA ALA D 351 -4.34 -26.80 -8.48
C ALA D 351 -3.17 -25.86 -8.23
N SER D 352 -2.87 -25.63 -6.95
CA SER D 352 -1.82 -24.71 -6.56
C SER D 352 -0.50 -25.07 -7.23
N VAL D 353 -0.09 -26.34 -7.13
CA VAL D 353 1.21 -26.79 -7.67
C VAL D 353 1.20 -26.73 -9.18
N GLU D 354 0.12 -27.24 -9.76
CA GLU D 354 -0.02 -27.21 -11.21
C GLU D 354 0.05 -25.76 -11.70
N LEU D 355 -0.79 -24.90 -11.12
CA LEU D 355 -0.76 -23.47 -11.46
C LEU D 355 0.66 -22.91 -11.37
N LEU D 356 1.40 -23.33 -10.35
CA LEU D 356 2.78 -22.89 -10.18
C LEU D 356 3.67 -23.44 -11.32
N LEU D 357 3.62 -24.75 -11.56
CA LEU D 357 4.47 -25.36 -12.57
C LEU D 357 4.20 -24.86 -14.00
N GLY D 358 2.92 -24.66 -14.33
CA GLY D 358 2.52 -24.25 -15.67
C GLY D 358 2.67 -22.77 -15.95
N GLN D 359 3.65 -22.16 -15.28
CA GLN D 359 4.00 -20.78 -15.54
C GLN D 359 5.50 -20.65 -15.30
N ASP D 360 6.13 -19.69 -15.93
CA ASP D 360 7.58 -19.54 -15.77
C ASP D 360 7.92 -19.00 -14.38
N TRP D 361 7.72 -19.82 -13.35
CA TRP D 361 7.88 -19.37 -11.97
C TRP D 361 9.30 -18.83 -11.67
N ARG D 362 10.34 -19.47 -12.22
CA ARG D 362 11.73 -19.05 -12.00
C ARG D 362 11.95 -17.57 -12.36
N THR D 363 11.21 -17.07 -13.33
CA THR D 363 11.35 -15.68 -13.77
C THR D 363 10.56 -14.75 -12.87
N ARG D 364 9.38 -15.19 -12.48
CA ARG D 364 8.51 -14.39 -11.63
C ARG D 364 9.17 -14.08 -10.30
N ILE D 365 9.92 -15.04 -9.77
CA ILE D 365 10.59 -14.82 -8.50
C ILE D 365 11.81 -13.94 -8.71
N THR D 366 12.60 -14.27 -9.74
CA THR D 366 13.73 -13.44 -10.19
C THR D 366 13.33 -11.97 -10.32
N GLU D 367 12.24 -11.70 -11.04
CA GLU D 367 11.73 -10.35 -11.14
C GLU D 367 11.54 -9.78 -9.74
N LEU D 368 10.68 -10.45 -8.97
CA LEU D 368 10.43 -10.12 -7.58
C LEU D 368 11.71 -9.84 -6.79
N ALA D 369 12.65 -10.78 -6.77
CA ALA D 369 13.91 -10.59 -6.04
C ALA D 369 14.59 -9.27 -6.43
N ALA D 370 14.65 -9.03 -7.73
CA ALA D 370 15.20 -7.78 -8.24
C ALA D 370 14.40 -6.60 -7.73
N GLY D 371 13.07 -6.74 -7.71
CA GLY D 371 12.19 -5.68 -7.22
C GLY D 371 12.33 -5.39 -5.73
N LEU D 372 12.53 -6.45 -4.95
CA LEU D 372 12.76 -6.33 -3.52
C LEU D 372 14.10 -5.68 -3.28
N THR D 373 15.10 -6.14 -4.02
CA THR D 373 16.48 -5.66 -3.84
C THR D 373 16.58 -4.14 -4.08
N ALA D 374 16.19 -3.69 -5.26
CA ALA D 374 16.25 -2.26 -5.60
C ALA D 374 15.40 -1.41 -4.68
N GLY D 375 14.19 -1.88 -4.37
CA GLY D 375 13.27 -1.11 -3.55
C GLY D 375 13.67 -1.05 -2.09
N LEU D 376 14.62 -1.88 -1.67
CA LEU D 376 15.06 -1.91 -0.28
C LEU D 376 16.48 -1.36 -0.11
N ASP D 377 17.09 -0.99 -1.23
CA ASP D 377 18.47 -0.48 -1.21
C ASP D 377 18.69 0.72 -0.28
N THR D 378 17.83 1.73 -0.35
CA THR D 378 18.01 2.93 0.47
C THR D 378 17.94 2.65 1.96
N ALA D 379 17.42 1.49 2.33
CA ALA D 379 17.32 1.14 3.73
C ALA D 379 18.70 0.87 4.34
N ARG D 380 19.73 0.70 3.51
CA ARG D 380 21.07 0.38 4.02
C ARG D 380 21.72 1.56 4.73
N ALA D 381 21.31 2.77 4.38
CA ALA D 381 21.94 3.97 4.90
C ALA D 381 21.16 4.54 6.09
N LEU D 382 20.08 3.87 6.47
CA LEU D 382 19.32 4.21 7.68
C LEU D 382 20.16 3.91 8.92
N PRO D 383 20.12 4.80 9.91
CA PRO D 383 21.02 4.59 11.05
C PRO D 383 20.54 3.43 11.94
N ALA D 384 19.33 2.95 11.68
CA ALA D 384 18.74 1.88 12.48
C ALA D 384 18.88 0.52 11.82
N VAL D 385 19.48 0.49 10.64
CA VAL D 385 19.48 -0.74 9.84
C VAL D 385 20.81 -1.45 9.85
N THR D 386 20.75 -2.71 10.27
CA THR D 386 21.92 -3.58 10.41
C THR D 386 22.24 -4.40 9.14
N ASP D 387 21.22 -4.66 8.33
CA ASP D 387 21.44 -5.46 7.14
C ASP D 387 20.22 -5.43 6.24
N VAL D 388 20.48 -5.42 4.94
CA VAL D 388 19.42 -5.65 3.96
C VAL D 388 19.82 -6.89 3.16
N ARG D 389 18.85 -7.76 2.92
CA ARG D 389 19.12 -9.03 2.27
C ARG D 389 17.86 -9.53 1.62
N VAL D 390 18.02 -10.30 0.55
CA VAL D 390 16.90 -10.79 -0.24
C VAL D 390 17.26 -12.20 -0.73
N CYS D 391 16.27 -13.02 -1.02
CA CYS D 391 16.51 -14.36 -1.54
C CYS D 391 15.23 -14.89 -2.11
N GLY D 392 15.15 -15.03 -3.43
CA GLY D 392 13.86 -15.21 -4.08
C GLY D 392 12.91 -14.11 -3.61
N ALA D 393 11.62 -14.45 -3.46
CA ALA D 393 10.62 -13.45 -3.09
C ALA D 393 10.58 -13.24 -1.56
N ILE D 394 11.77 -13.07 -0.97
CA ILE D 394 11.91 -12.84 0.47
C ILE D 394 12.73 -11.57 0.71
N GLY D 395 12.14 -10.59 1.39
CA GLY D 395 12.82 -9.34 1.68
C GLY D 395 13.04 -9.15 3.17
N VAL D 396 14.22 -8.70 3.55
CA VAL D 396 14.53 -8.53 4.95
C VAL D 396 15.22 -7.21 5.22
N ILE D 397 14.82 -6.50 6.28
CA ILE D 397 15.60 -5.37 6.77
C ILE D 397 15.92 -5.59 8.24
N GLU D 398 17.13 -6.04 8.56
CA GLU D 398 17.52 -6.22 9.95
C GLU D 398 17.86 -4.90 10.61
N CYS D 399 17.27 -4.63 11.77
CA CYS D 399 17.49 -3.40 12.52
C CYS D 399 18.29 -3.62 13.79
N ASP D 400 18.59 -2.52 14.49
CA ASP D 400 19.49 -2.56 15.65
C ASP D 400 18.73 -2.73 16.97
N ARG D 401 17.41 -2.74 16.89
CA ARG D 401 16.57 -2.84 18.07
C ARG D 401 15.27 -3.57 17.77
N PRO D 402 14.63 -4.15 18.80
CA PRO D 402 13.27 -4.66 18.63
C PRO D 402 12.34 -3.60 18.02
N VAL D 403 11.49 -4.01 17.09
CA VAL D 403 10.63 -3.06 16.37
C VAL D 403 9.25 -2.93 16.98
N ASP D 404 8.91 -1.72 17.40
CA ASP D 404 7.69 -1.44 18.16
C ASP D 404 6.44 -1.63 17.28
N LEU D 405 5.86 -2.82 17.35
CA LEU D 405 4.70 -3.19 16.53
C LEU D 405 3.63 -2.12 16.62
N ALA D 406 3.53 -1.48 17.79
CA ALA D 406 2.63 -0.37 18.00
C ALA D 406 2.89 0.77 17.01
N VAL D 407 4.16 1.00 16.68
CA VAL D 407 4.51 2.04 15.72
C VAL D 407 4.48 1.53 14.27
N ALA D 408 4.92 0.29 14.06
CA ALA D 408 5.12 -0.24 12.71
C ALA D 408 3.83 -0.59 11.98
N THR D 409 2.90 -1.21 12.68
CA THR D 409 1.69 -1.67 12.03
C THR D 409 0.88 -0.50 11.43
N PRO D 410 0.56 0.55 12.22
CA PRO D 410 -0.11 1.71 11.63
C PRO D 410 0.67 2.34 10.47
N ALA D 411 1.99 2.47 10.64
CA ALA D 411 2.87 3.09 9.64
C ALA D 411 2.64 2.45 8.30
N ALA D 412 2.75 1.12 8.28
CA ALA D 412 2.52 0.34 7.07
C ALA D 412 1.11 0.58 6.53
N LEU D 413 0.13 0.59 7.43
CA LEU D 413 -1.27 0.79 7.06
C LEU D 413 -1.46 2.16 6.44
N ASP D 414 -0.78 3.14 7.02
CA ASP D 414 -0.73 4.50 6.47
C ASP D 414 -0.22 4.50 5.03
N ARG D 415 0.63 3.53 4.69
CA ARG D 415 1.15 3.39 3.34
C ARG D 415 0.48 2.21 2.57
N GLY D 416 -0.69 1.80 3.04
CA GLY D 416 -1.50 0.81 2.37
C GLY D 416 -0.81 -0.53 2.21
N VAL D 417 0.01 -0.91 3.20
CA VAL D 417 0.66 -2.21 3.16
C VAL D 417 0.44 -2.97 4.48
N TRP D 418 -0.03 -4.21 4.37
CA TRP D 418 -0.06 -5.08 5.54
C TRP D 418 1.35 -5.59 5.73
N LEU D 419 1.94 -5.19 6.85
CA LEU D 419 3.31 -5.53 7.15
C LEU D 419 3.36 -5.88 8.62
N ARG D 420 3.91 -7.04 8.97
CA ARG D 420 4.01 -7.41 10.39
C ARG D 420 5.42 -7.79 10.83
N PRO D 421 6.20 -6.79 11.28
CA PRO D 421 7.55 -7.04 11.78
C PRO D 421 7.56 -8.05 12.92
N PHE D 422 8.72 -8.62 13.18
CA PHE D 422 8.91 -9.55 14.27
C PHE D 422 10.28 -9.27 14.87
N ARG D 423 10.36 -9.17 16.19
CA ARG D 423 11.61 -8.84 16.84
C ARG D 423 12.21 -7.56 16.26
N ASN D 424 13.36 -7.70 15.62
CA ASN D 424 14.04 -6.58 15.03
C ASN D 424 14.11 -6.70 13.49
N LEU D 425 13.09 -7.30 12.91
CA LEU D 425 13.00 -7.45 11.46
C LEU D 425 11.72 -6.82 10.93
N VAL D 426 11.86 -5.91 9.97
CA VAL D 426 10.76 -5.59 9.09
C VAL D 426 11.16 -6.19 7.77
N TYR D 427 10.23 -6.92 7.18
CA TYR D 427 10.54 -7.83 6.11
C TYR D 427 9.25 -8.18 5.43
N ALA D 428 9.31 -8.60 4.17
CA ALA D 428 8.08 -9.01 3.48
C ALA D 428 8.32 -10.33 2.78
N MET D 429 7.24 -10.90 2.24
CA MET D 429 7.27 -12.20 1.56
C MET D 429 6.14 -12.25 0.57
N PRO D 430 6.08 -11.27 -0.34
CA PRO D 430 4.84 -10.97 -1.04
C PRO D 430 4.36 -12.16 -1.81
N PRO D 431 3.07 -12.21 -2.16
CA PRO D 431 2.51 -13.15 -3.13
C PRO D 431 3.18 -13.00 -4.49
N TYR D 432 3.33 -14.11 -5.20
CA TYR D 432 4.03 -14.14 -6.46
C TYR D 432 3.30 -13.32 -7.54
N ILE D 433 1.99 -13.15 -7.37
CA ILE D 433 1.18 -12.41 -8.33
C ILE D 433 1.23 -10.89 -8.08
N CYS D 434 2.18 -10.44 -7.26
CA CYS D 434 2.36 -9.00 -7.02
C CYS D 434 2.96 -8.31 -8.25
N THR D 435 2.37 -7.17 -8.64
CA THR D 435 2.92 -6.35 -9.71
C THR D 435 4.12 -5.57 -9.19
N PRO D 436 5.08 -5.25 -10.09
CA PRO D 436 6.24 -4.39 -9.81
C PRO D 436 5.91 -3.16 -8.96
N ALA D 437 4.81 -2.48 -9.31
CA ALA D 437 4.38 -1.30 -8.57
C ALA D 437 3.83 -1.69 -7.19
N GLU D 438 3.34 -2.91 -7.06
CA GLU D 438 2.84 -3.37 -5.76
C GLU D 438 4.06 -3.65 -4.90
N ILE D 439 5.06 -4.30 -5.48
CA ILE D 439 6.31 -4.52 -4.76
C ILE D 439 7.04 -3.24 -4.37
N THR D 440 7.01 -2.23 -5.24
CA THR D 440 7.71 -0.99 -4.92
C THR D 440 7.01 -0.34 -3.76
N GLN D 441 5.68 -0.34 -3.73
CA GLN D 441 4.98 0.22 -2.56
C GLN D 441 5.18 -0.60 -1.28
N ILE D 442 5.19 -1.92 -1.38
CA ILE D 442 5.57 -2.74 -0.22
C ILE D 442 6.96 -2.34 0.29
N THR D 443 7.94 -2.33 -0.59
CA THR D 443 9.32 -2.05 -0.19
C THR D 443 9.47 -0.59 0.25
N SER D 444 8.52 0.26 -0.11
CA SER D 444 8.51 1.63 0.40
C SER D 444 7.95 1.77 1.82
N ALA D 445 6.90 1.02 2.15
CA ALA D 445 6.44 1.00 3.53
C ALA D 445 7.49 0.36 4.45
N MET D 446 8.10 -0.73 3.99
CA MET D 446 9.18 -1.37 4.75
C MET D 446 10.24 -0.34 5.10
N VAL D 447 10.70 0.38 4.08
CA VAL D 447 11.71 1.41 4.23
C VAL D 447 11.24 2.47 5.24
N GLU D 448 10.00 2.93 5.13
CA GLU D 448 9.58 4.01 6.01
C GLU D 448 9.50 3.58 7.46
N VAL D 449 9.12 2.33 7.67
CA VAL D 449 8.96 1.78 9.00
C VAL D 449 10.28 1.80 9.73
N ALA D 450 11.31 1.27 9.07
CA ALA D 450 12.62 1.17 9.66
C ALA D 450 13.19 2.55 9.92
N ARG D 451 12.75 3.50 9.10
CA ARG D 451 13.12 4.90 9.29
C ARG D 451 12.51 5.49 10.58
N LEU D 452 11.33 5.00 10.96
CA LEU D 452 10.69 5.39 12.22
C LEU D 452 11.38 4.73 13.40
N VAL D 453 12.31 3.83 13.09
CA VAL D 453 13.19 3.14 14.05
C VAL D 453 12.45 2.55 15.23
#